data_1S7A
#
_entry.id   1S7A
#
_entity_poly.entity_id   1
_entity_poly.type   'polypeptide(L)'
_entity_poly.pdbx_seq_one_letter_code
;MAENGDNEKMAALEAKICHQIEYYFGDFNLPRDKFLKEQIKLDEGWVPLEIMIKFNRLNRLTTDFNVIVEALSKSKAELM
EISEDKTKIRRSPSKPLPEVTDE
;
_entity_poly.pdbx_strand_id   A
#
# COMPACT_ATOMS: atom_id res chain seq x y z
N MET A 1 25.14 -22.86 12.51
CA MET A 1 24.64 -22.64 13.90
C MET A 1 23.83 -21.34 13.96
N ALA A 2 22.59 -21.42 14.38
CA ALA A 2 21.74 -20.20 14.46
C ALA A 2 20.42 -20.51 15.15
N GLU A 3 19.49 -21.12 14.46
CA GLU A 3 18.19 -21.46 15.08
C GLU A 3 17.57 -20.21 15.72
N ASN A 4 17.39 -19.16 14.96
CA ASN A 4 16.81 -17.92 15.52
C ASN A 4 15.33 -18.13 15.85
N GLY A 5 14.47 -18.04 14.88
CA GLY A 5 13.01 -18.23 15.14
C GLY A 5 12.39 -19.01 13.98
N ASP A 6 11.12 -18.81 13.74
CA ASP A 6 10.44 -19.52 12.62
C ASP A 6 10.00 -18.53 11.54
N ASN A 7 10.45 -17.31 11.63
CA ASN A 7 10.05 -16.29 10.61
C ASN A 7 8.54 -16.12 10.59
N GLU A 8 7.86 -16.61 11.60
CA GLU A 8 6.37 -16.47 11.64
C GLU A 8 5.98 -15.01 11.74
N LYS A 9 6.76 -14.22 12.42
CA LYS A 9 6.43 -12.77 12.56
C LYS A 9 6.22 -12.14 11.18
N MET A 10 7.01 -12.53 10.21
CA MET A 10 6.85 -11.96 8.84
C MET A 10 5.45 -12.25 8.30
N ALA A 11 4.92 -13.39 8.62
CA ALA A 11 3.55 -13.72 8.13
C ALA A 11 2.55 -12.66 8.61
N ALA A 12 2.57 -12.35 9.89
CA ALA A 12 1.64 -11.33 10.42
C ALA A 12 2.06 -9.94 9.92
N LEU A 13 3.32 -9.73 9.74
CA LEU A 13 3.80 -8.39 9.26
C LEU A 13 3.38 -8.19 7.80
N GLU A 14 3.32 -9.24 7.03
CA GLU A 14 2.92 -9.11 5.60
C GLU A 14 1.51 -8.52 5.50
N ALA A 15 0.60 -9.01 6.29
CA ALA A 15 -0.79 -8.46 6.23
C ALA A 15 -0.83 -7.03 6.75
N LYS A 16 -0.08 -6.73 7.79
CA LYS A 16 -0.08 -5.35 8.33
C LYS A 16 0.32 -4.35 7.25
N ILE A 17 1.32 -4.70 6.47
CA ILE A 17 1.77 -3.77 5.39
C ILE A 17 0.64 -3.53 4.38
N CYS A 18 -0.03 -4.57 3.99
CA CYS A 18 -1.15 -4.41 3.01
C CYS A 18 -2.27 -3.59 3.63
N HIS A 19 -2.55 -3.81 4.88
CA HIS A 19 -3.65 -3.04 5.56
C HIS A 19 -3.31 -1.56 5.57
N GLN A 20 -2.06 -1.21 5.78
CA GLN A 20 -1.70 0.23 5.80
C GLN A 20 -1.96 0.83 4.41
N ILE A 21 -1.49 0.19 3.38
CA ILE A 21 -1.75 0.72 2.01
C ILE A 21 -3.25 0.82 1.82
N GLU A 22 -3.97 -0.12 2.37
CA GLU A 22 -5.45 -0.10 2.25
C GLU A 22 -6.00 1.18 2.89
N TYR A 23 -5.39 1.65 3.94
CA TYR A 23 -5.88 2.88 4.60
C TYR A 23 -5.86 4.07 3.62
N TYR A 24 -4.80 4.24 2.87
CA TYR A 24 -4.77 5.40 1.91
C TYR A 24 -5.62 5.09 0.67
N PHE A 25 -5.55 3.87 0.19
CA PHE A 25 -6.32 3.52 -1.04
C PHE A 25 -7.65 2.83 -0.70
N GLY A 26 -7.76 2.27 0.47
CA GLY A 26 -9.01 1.56 0.87
C GLY A 26 -10.26 2.43 0.68
N ASP A 27 -10.34 3.15 -0.40
CA ASP A 27 -11.55 3.99 -0.67
C ASP A 27 -11.75 5.08 0.40
N PHE A 28 -11.14 4.95 1.55
CA PHE A 28 -11.33 6.00 2.60
C PHE A 28 -10.47 7.23 2.32
N ASN A 29 -9.22 7.02 2.06
CA ASN A 29 -8.29 8.17 1.80
C ASN A 29 -8.47 8.75 0.41
N LEU A 30 -8.82 7.95 -0.56
CA LEU A 30 -8.96 8.49 -1.95
C LEU A 30 -9.97 9.64 -1.99
N PRO A 31 -11.10 9.43 -1.38
CA PRO A 31 -12.15 10.48 -1.35
C PRO A 31 -11.59 11.75 -0.69
N ARG A 32 -10.57 11.61 0.11
CA ARG A 32 -9.97 12.80 0.77
C ARG A 32 -8.46 12.61 0.90
N ASP A 33 -7.82 12.24 -0.18
CA ASP A 33 -6.34 12.05 -0.14
C ASP A 33 -5.63 13.25 -0.78
N LYS A 34 -5.16 14.20 0.00
CA LYS A 34 -4.45 15.36 -0.61
C LYS A 34 -3.07 14.94 -1.07
N PHE A 35 -2.36 14.24 -0.23
CA PHE A 35 -0.98 13.78 -0.57
C PHE A 35 -1.05 12.72 -1.67
N LEU A 36 -1.97 11.80 -1.58
CA LEU A 36 -2.08 10.75 -2.62
C LEU A 36 -2.34 11.40 -3.98
N LYS A 37 -3.16 12.42 -4.00
CA LYS A 37 -3.44 13.12 -5.28
C LYS A 37 -2.15 13.66 -5.88
N GLU A 38 -1.23 14.03 -5.04
CA GLU A 38 0.07 14.56 -5.54
C GLU A 38 0.86 13.43 -6.20
N GLN A 39 0.89 12.28 -5.59
CA GLN A 39 1.64 11.14 -6.18
C GLN A 39 0.93 10.61 -7.43
N ILE A 40 -0.38 10.53 -7.38
CA ILE A 40 -1.12 10.02 -8.56
C ILE A 40 -1.05 11.03 -9.70
N LYS A 41 -1.05 12.30 -9.39
CA LYS A 41 -0.97 13.34 -10.44
C LYS A 41 0.46 13.45 -10.96
N LEU A 42 1.43 13.20 -10.10
CA LEU A 42 2.86 13.30 -10.52
C LEU A 42 3.02 12.87 -11.99
N ASP A 43 2.96 11.60 -12.26
CA ASP A 43 3.12 11.14 -13.67
C ASP A 43 2.70 9.67 -13.81
N GLU A 44 1.64 9.43 -14.55
CA GLU A 44 1.14 8.03 -14.73
C GLU A 44 0.29 7.59 -13.54
N GLY A 45 0.50 8.17 -12.40
CA GLY A 45 -0.30 7.76 -11.21
C GLY A 45 0.53 6.80 -10.35
N TRP A 46 1.63 6.33 -10.87
CA TRP A 46 2.47 5.39 -10.09
C TRP A 46 3.10 6.09 -8.88
N VAL A 47 2.82 5.60 -7.71
CA VAL A 47 3.39 6.22 -6.48
C VAL A 47 4.56 5.36 -5.99
N PRO A 48 5.51 6.01 -5.39
CA PRO A 48 6.69 5.31 -4.87
C PRO A 48 6.48 4.92 -3.41
N LEU A 49 6.91 3.75 -3.04
CA LEU A 49 6.73 3.32 -1.63
C LEU A 49 7.49 4.26 -0.68
N GLU A 50 8.17 5.23 -1.22
CA GLU A 50 8.90 6.19 -0.36
C GLU A 50 7.85 6.99 0.42
N ILE A 51 6.81 7.39 -0.26
CA ILE A 51 5.71 8.13 0.41
C ILE A 51 5.08 7.22 1.47
N MET A 52 4.97 5.96 1.17
CA MET A 52 4.37 5.00 2.14
C MET A 52 5.40 4.61 3.21
N ILE A 53 6.61 4.35 2.82
CA ILE A 53 7.65 3.94 3.80
C ILE A 53 8.24 5.15 4.52
N LYS A 54 7.76 6.33 4.25
CA LYS A 54 8.31 7.53 4.94
C LYS A 54 7.22 8.13 5.84
N PHE A 55 5.99 7.83 5.54
CA PHE A 55 4.87 8.37 6.38
C PHE A 55 4.80 7.59 7.70
N ASN A 56 4.64 8.28 8.79
CA ASN A 56 4.55 7.58 10.10
C ASN A 56 3.44 6.54 10.08
N ARG A 57 2.48 6.69 9.21
CA ARG A 57 1.36 5.71 9.14
C ARG A 57 1.90 4.30 8.85
N LEU A 58 2.79 4.17 7.92
CA LEU A 58 3.33 2.81 7.60
C LEU A 58 4.79 2.69 8.05
N ASN A 59 5.52 3.77 8.04
CA ASN A 59 6.95 3.72 8.48
C ASN A 59 7.05 3.12 9.89
N ARG A 60 6.00 3.19 10.65
CA ARG A 60 6.04 2.63 12.03
C ARG A 60 5.79 1.13 12.01
N LEU A 61 5.76 0.53 10.85
CA LEU A 61 5.51 -0.93 10.76
C LEU A 61 6.65 -1.62 9.99
N THR A 62 6.51 -1.72 8.69
CA THR A 62 7.58 -2.38 7.89
C THR A 62 8.53 -1.34 7.31
N THR A 63 8.09 -0.60 6.33
CA THR A 63 8.97 0.45 5.72
C THR A 63 10.06 -0.20 4.86
N ASP A 64 10.11 -1.51 4.82
CA ASP A 64 11.14 -2.20 4.00
C ASP A 64 10.65 -2.33 2.56
N PHE A 65 11.21 -1.57 1.65
CA PHE A 65 10.77 -1.65 0.23
C PHE A 65 10.63 -3.12 -0.20
N ASN A 66 11.58 -3.96 0.15
CA ASN A 66 11.48 -5.38 -0.25
C ASN A 66 10.39 -6.10 0.55
N VAL A 67 10.30 -5.84 1.83
CA VAL A 67 9.25 -6.49 2.66
C VAL A 67 7.88 -5.90 2.35
N ILE A 68 7.80 -4.61 2.22
CA ILE A 68 6.48 -3.96 1.93
C ILE A 68 5.97 -4.41 0.55
N VAL A 69 6.81 -4.41 -0.44
CA VAL A 69 6.36 -4.82 -1.80
C VAL A 69 6.02 -6.32 -1.80
N GLU A 70 6.83 -7.13 -1.19
CA GLU A 70 6.57 -8.60 -1.18
C GLU A 70 5.21 -8.89 -0.54
N ALA A 71 4.90 -8.26 0.56
CA ALA A 71 3.58 -8.51 1.23
C ALA A 71 2.45 -8.03 0.33
N LEU A 72 2.51 -6.81 -0.13
CA LEU A 72 1.42 -6.29 -1.01
C LEU A 72 1.51 -6.90 -2.42
N SER A 73 2.69 -7.27 -2.85
CA SER A 73 2.84 -7.86 -4.20
C SER A 73 2.06 -9.17 -4.32
N LYS A 74 1.98 -9.93 -3.26
CA LYS A 74 1.23 -11.22 -3.34
C LYS A 74 -0.01 -11.18 -2.44
N SER A 75 -0.03 -10.33 -1.46
CA SER A 75 -1.22 -10.27 -0.57
C SER A 75 -2.01 -8.99 -0.83
N LYS A 76 -3.25 -9.11 -1.23
CA LYS A 76 -4.07 -7.90 -1.50
C LYS A 76 -3.48 -7.12 -2.68
N ALA A 77 -2.73 -7.78 -3.52
CA ALA A 77 -2.12 -7.08 -4.69
C ALA A 77 -3.11 -7.03 -5.85
N GLU A 78 -4.34 -7.28 -5.55
CA GLU A 78 -5.38 -7.25 -6.61
C GLU A 78 -6.16 -5.95 -6.55
N LEU A 79 -6.34 -5.42 -5.37
CA LEU A 79 -7.09 -4.13 -5.25
C LEU A 79 -6.56 -3.12 -6.25
N MET A 80 -5.36 -2.64 -6.04
CA MET A 80 -4.77 -1.64 -6.98
C MET A 80 -3.85 -2.34 -7.98
N GLU A 81 -2.97 -1.60 -8.60
CA GLU A 81 -2.05 -2.21 -9.59
C GLU A 81 -0.59 -1.91 -9.22
N ILE A 82 0.30 -2.81 -9.52
CA ILE A 82 1.74 -2.58 -9.18
C ILE A 82 2.59 -2.67 -10.46
N SER A 83 3.61 -1.86 -10.56
CA SER A 83 4.47 -1.90 -11.78
C SER A 83 5.26 -3.20 -11.84
N GLU A 84 6.24 -3.28 -12.70
CA GLU A 84 7.04 -4.52 -12.82
C GLU A 84 8.17 -4.55 -11.78
N ASP A 85 8.73 -3.42 -11.46
CA ASP A 85 9.83 -3.40 -10.45
C ASP A 85 9.28 -3.67 -9.04
N LYS A 86 7.98 -3.59 -8.87
CA LYS A 86 7.40 -3.85 -7.52
C LYS A 86 7.90 -2.79 -6.52
N THR A 87 8.28 -1.63 -7.01
CA THR A 87 8.76 -0.56 -6.08
C THR A 87 7.86 0.67 -6.20
N LYS A 88 6.61 0.48 -6.52
CA LYS A 88 5.68 1.63 -6.65
C LYS A 88 4.23 1.14 -6.57
N ILE A 89 3.32 2.02 -6.21
CA ILE A 89 1.90 1.60 -6.10
C ILE A 89 1.00 2.67 -6.75
N ARG A 90 -0.13 2.27 -7.28
CA ARG A 90 -1.03 3.26 -7.93
C ARG A 90 -2.49 2.82 -7.79
N ARG A 91 -3.41 3.75 -7.92
CA ARG A 91 -4.85 3.39 -7.81
C ARG A 91 -5.39 3.04 -9.20
N SER A 92 -6.15 1.99 -9.32
CA SER A 92 -6.67 1.61 -10.67
C SER A 92 -7.63 2.69 -11.18
N PRO A 93 -7.18 3.41 -12.17
CA PRO A 93 -8.01 4.47 -12.77
C PRO A 93 -9.22 3.84 -13.44
N SER A 94 -9.11 2.60 -13.80
CA SER A 94 -10.24 1.89 -14.46
C SER A 94 -11.17 1.29 -13.42
N LYS A 95 -10.88 1.50 -12.15
CA LYS A 95 -11.76 0.94 -11.08
C LYS A 95 -12.34 2.09 -10.26
N PRO A 96 -13.63 2.06 -10.07
CA PRO A 96 -14.31 3.11 -9.29
C PRO A 96 -13.94 3.02 -7.81
N LEU A 97 -13.91 4.14 -7.15
CA LEU A 97 -13.60 4.15 -5.70
C LEU A 97 -14.75 4.82 -4.97
N PRO A 98 -15.35 4.07 -4.12
CA PRO A 98 -16.51 4.55 -3.36
C PRO A 98 -16.09 5.16 -2.01
N GLU A 99 -16.90 6.01 -1.48
CA GLU A 99 -16.58 6.65 -0.17
C GLU A 99 -17.16 5.83 0.98
N VAL A 100 -16.49 5.79 2.10
CA VAL A 100 -17.00 5.01 3.25
C VAL A 100 -18.09 5.80 3.98
N THR A 101 -19.03 5.12 4.59
CA THR A 101 -20.12 5.82 5.31
C THR A 101 -19.69 6.15 6.74
N ASP A 102 -20.15 7.26 7.25
CA ASP A 102 -19.76 7.62 8.66
C ASP A 102 -20.76 7.03 9.65
N GLU A 103 -20.30 6.66 10.81
CA GLU A 103 -21.22 6.07 11.82
C GLU A 103 -21.88 4.80 11.28
N MET A 1 17.76 -13.33 17.68
CA MET A 1 18.60 -12.09 17.69
C MET A 1 19.19 -11.85 16.30
N ALA A 2 19.76 -10.69 16.09
CA ALA A 2 20.36 -10.38 14.76
C ALA A 2 19.40 -10.81 13.65
N GLU A 3 19.89 -10.89 12.44
CA GLU A 3 19.00 -11.31 11.31
C GLU A 3 17.85 -10.31 11.14
N ASN A 4 17.16 -10.36 10.04
CA ASN A 4 16.03 -9.41 9.83
C ASN A 4 15.00 -9.56 10.95
N GLY A 5 14.84 -10.74 11.47
CA GLY A 5 13.85 -10.95 12.56
C GLY A 5 13.39 -12.41 12.58
N ASP A 6 12.22 -12.68 13.07
CA ASP A 6 11.74 -14.08 13.11
C ASP A 6 11.20 -14.51 11.74
N ASN A 7 10.64 -15.67 11.64
CA ASN A 7 10.11 -16.14 10.33
C ASN A 7 8.57 -16.11 10.32
N GLU A 8 7.97 -16.65 11.35
CA GLU A 8 6.48 -16.65 11.41
C GLU A 8 5.94 -15.22 11.51
N LYS A 9 6.48 -14.43 12.39
CA LYS A 9 6.02 -13.03 12.53
C LYS A 9 6.09 -12.30 11.19
N MET A 10 7.02 -12.69 10.34
CA MET A 10 7.14 -12.03 9.02
C MET A 10 5.85 -12.18 8.23
N ALA A 11 5.20 -13.32 8.35
CA ALA A 11 3.93 -13.54 7.61
C ALA A 11 2.91 -12.46 8.00
N ALA A 12 2.73 -12.26 9.28
CA ALA A 12 1.75 -11.23 9.73
C ALA A 12 2.23 -9.85 9.29
N LEU A 13 3.52 -9.64 9.24
CA LEU A 13 4.04 -8.31 8.81
C LEU A 13 3.57 -7.97 7.40
N GLU A 14 3.49 -8.95 6.53
CA GLU A 14 3.03 -8.67 5.14
C GLU A 14 1.55 -8.30 5.17
N ALA A 15 0.77 -9.07 5.88
CA ALA A 15 -0.69 -8.78 5.96
C ALA A 15 -0.93 -7.39 6.55
N LYS A 16 -0.11 -6.99 7.48
CA LYS A 16 -0.28 -5.64 8.09
C LYS A 16 0.07 -4.56 7.08
N ILE A 17 1.11 -4.77 6.31
CA ILE A 17 1.51 -3.75 5.31
C ILE A 17 0.38 -3.53 4.29
N CYS A 18 -0.24 -4.60 3.86
CA CYS A 18 -1.35 -4.45 2.86
C CYS A 18 -2.46 -3.57 3.45
N HIS A 19 -2.77 -3.75 4.71
CA HIS A 19 -3.82 -2.92 5.35
C HIS A 19 -3.44 -1.44 5.30
N GLN A 20 -2.17 -1.13 5.43
CA GLN A 20 -1.76 0.30 5.38
C GLN A 20 -2.06 0.86 4.00
N ILE A 21 -1.69 0.16 2.96
CA ILE A 21 -1.99 0.65 1.59
C ILE A 21 -3.50 0.82 1.48
N GLU A 22 -4.23 -0.05 2.11
CA GLU A 22 -5.71 0.06 2.09
C GLU A 22 -6.15 1.39 2.71
N TYR A 23 -5.44 1.85 3.70
CA TYR A 23 -5.83 3.13 4.35
C TYR A 23 -5.80 4.30 3.34
N TYR A 24 -4.77 4.40 2.54
CA TYR A 24 -4.73 5.53 1.55
C TYR A 24 -5.65 5.26 0.36
N PHE A 25 -5.71 4.03 -0.08
CA PHE A 25 -6.56 3.71 -1.27
C PHE A 25 -7.84 2.98 -0.87
N GLY A 26 -7.90 2.44 0.31
CA GLY A 26 -9.11 1.67 0.75
C GLY A 26 -10.40 2.49 0.57
N ASP A 27 -10.56 3.17 -0.52
CA ASP A 27 -11.81 3.96 -0.76
C ASP A 27 -11.99 5.10 0.25
N PHE A 28 -11.43 5.00 1.43
CA PHE A 28 -11.63 6.09 2.43
C PHE A 28 -10.67 7.26 2.14
N ASN A 29 -9.41 6.97 1.96
CA ASN A 29 -8.42 8.06 1.73
C ASN A 29 -8.55 8.66 0.32
N LEU A 30 -8.91 7.88 -0.65
CA LEU A 30 -9.01 8.42 -2.04
C LEU A 30 -9.98 9.62 -2.09
N PRO A 31 -11.15 9.43 -1.55
CA PRO A 31 -12.16 10.52 -1.55
C PRO A 31 -11.60 11.75 -0.81
N ARG A 32 -10.53 11.57 -0.08
CA ARG A 32 -9.93 12.71 0.65
C ARG A 32 -8.42 12.51 0.80
N ASP A 33 -7.77 12.11 -0.26
CA ASP A 33 -6.30 11.89 -0.20
C ASP A 33 -5.57 13.08 -0.84
N LYS A 34 -5.11 14.03 -0.07
CA LYS A 34 -4.38 15.19 -0.67
C LYS A 34 -2.98 14.77 -1.09
N PHE A 35 -2.31 14.03 -0.25
CA PHE A 35 -0.92 13.59 -0.58
C PHE A 35 -0.94 12.53 -1.69
N LEU A 36 -1.98 11.75 -1.75
CA LEU A 36 -2.04 10.69 -2.81
C LEU A 36 -2.35 11.32 -4.18
N LYS A 37 -3.21 12.31 -4.21
CA LYS A 37 -3.53 12.96 -5.51
C LYS A 37 -2.29 13.66 -6.06
N GLU A 38 -1.52 14.24 -5.19
CA GLU A 38 -0.27 14.93 -5.63
C GLU A 38 0.66 13.91 -6.29
N GLN A 39 0.87 12.79 -5.64
CA GLN A 39 1.75 11.74 -6.22
C GLN A 39 1.07 11.09 -7.42
N ILE A 40 -0.19 10.80 -7.30
CA ILE A 40 -0.93 10.17 -8.44
C ILE A 40 -0.93 11.12 -9.63
N LYS A 41 -1.07 12.39 -9.40
CA LYS A 41 -1.07 13.37 -10.52
C LYS A 41 0.33 13.47 -11.12
N LEU A 42 1.34 13.19 -10.33
CA LEU A 42 2.73 13.27 -10.85
C LEU A 42 2.86 12.44 -12.14
N ASP A 43 2.89 11.14 -12.02
CA ASP A 43 3.00 10.28 -13.24
C ASP A 43 1.61 9.77 -13.63
N GLU A 44 1.41 8.49 -13.64
CA GLU A 44 0.08 7.94 -14.01
C GLU A 44 -0.57 7.27 -12.80
N GLY A 45 -0.24 7.72 -11.62
CA GLY A 45 -0.85 7.12 -10.40
C GLY A 45 0.20 6.24 -9.70
N TRP A 46 1.25 5.90 -10.39
CA TRP A 46 2.29 5.04 -9.78
C TRP A 46 2.97 5.73 -8.60
N VAL A 47 2.87 5.15 -7.44
CA VAL A 47 3.51 5.75 -6.23
C VAL A 47 4.64 4.85 -5.74
N PRO A 48 5.70 5.45 -5.29
CA PRO A 48 6.86 4.68 -4.79
C PRO A 48 6.68 4.42 -3.30
N LEU A 49 7.13 3.29 -2.84
CA LEU A 49 6.98 2.96 -1.39
C LEU A 49 7.71 3.99 -0.52
N GLU A 50 8.33 4.98 -1.11
CA GLU A 50 9.03 6.00 -0.27
C GLU A 50 8.00 6.73 0.57
N ILE A 51 6.93 7.13 -0.03
CA ILE A 51 5.86 7.86 0.71
C ILE A 51 5.19 6.91 1.70
N MET A 52 5.06 5.66 1.34
CA MET A 52 4.43 4.67 2.27
C MET A 52 5.42 4.26 3.35
N ILE A 53 6.64 3.97 2.97
CA ILE A 53 7.66 3.55 3.98
C ILE A 53 8.21 4.74 4.74
N LYS A 54 7.72 5.93 4.47
CA LYS A 54 8.22 7.13 5.20
C LYS A 54 7.09 7.73 6.04
N PHE A 55 5.87 7.53 5.63
CA PHE A 55 4.72 8.09 6.40
C PHE A 55 4.64 7.43 7.78
N ASN A 56 4.34 8.19 8.79
CA ASN A 56 4.26 7.60 10.17
C ASN A 56 3.27 6.43 10.18
N ARG A 57 2.37 6.40 9.24
CA ARG A 57 1.37 5.28 9.21
C ARG A 57 2.07 3.95 8.99
N LEU A 58 3.02 3.90 8.09
CA LEU A 58 3.73 2.62 7.83
C LEU A 58 5.15 2.66 8.43
N ASN A 59 5.80 3.78 8.35
CA ASN A 59 7.18 3.87 8.91
C ASN A 59 7.17 3.47 10.40
N ARG A 60 6.04 3.56 11.03
CA ARG A 60 5.95 3.20 12.48
C ARG A 60 6.08 1.68 12.65
N LEU A 61 6.21 0.95 11.57
CA LEU A 61 6.33 -0.53 11.68
C LEU A 61 7.33 -1.07 10.64
N THR A 62 6.88 -1.33 9.44
CA THR A 62 7.80 -1.85 8.39
C THR A 62 8.28 -0.73 7.48
N THR A 63 9.54 -0.76 7.10
CA THR A 63 10.08 0.30 6.21
C THR A 63 11.13 -0.28 5.26
N ASP A 64 11.27 -1.58 5.25
CA ASP A 64 12.28 -2.21 4.34
C ASP A 64 11.68 -2.41 2.95
N PHE A 65 12.00 -1.54 2.02
CA PHE A 65 11.46 -1.68 0.64
C PHE A 65 11.36 -3.16 0.24
N ASN A 66 12.34 -3.95 0.61
CA ASN A 66 12.29 -5.39 0.25
C ASN A 66 11.19 -6.10 1.03
N VAL A 67 11.07 -5.80 2.30
CA VAL A 67 10.00 -6.44 3.12
C VAL A 67 8.63 -5.91 2.71
N ILE A 68 8.52 -4.62 2.55
CA ILE A 68 7.22 -4.02 2.15
C ILE A 68 6.86 -4.45 0.73
N VAL A 69 7.81 -4.40 -0.16
CA VAL A 69 7.55 -4.81 -1.57
C VAL A 69 7.09 -6.27 -1.64
N GLU A 70 7.64 -7.10 -0.79
CA GLU A 70 7.25 -8.54 -0.80
C GLU A 70 5.79 -8.70 -0.38
N ALA A 71 5.41 -8.10 0.72
CA ALA A 71 4.00 -8.22 1.18
C ALA A 71 3.03 -7.66 0.13
N LEU A 72 3.26 -6.45 -0.31
CA LEU A 72 2.35 -5.85 -1.32
C LEU A 72 2.52 -6.54 -2.68
N SER A 73 3.69 -7.05 -2.96
CA SER A 73 3.92 -7.73 -4.26
C SER A 73 2.93 -8.90 -4.43
N LYS A 74 2.29 -9.29 -3.37
CA LYS A 74 1.31 -10.41 -3.48
C LYS A 74 -0.12 -9.89 -3.32
N SER A 75 -0.28 -8.65 -2.96
CA SER A 75 -1.64 -8.08 -2.77
C SER A 75 -2.49 -8.26 -4.04
N LYS A 76 -3.78 -8.26 -3.87
CA LYS A 76 -4.69 -8.43 -5.05
C LYS A 76 -6.16 -8.41 -4.60
N ALA A 77 -6.55 -7.39 -3.89
CA ALA A 77 -7.97 -7.31 -3.42
C ALA A 77 -8.77 -6.41 -4.36
N GLU A 78 -8.24 -6.16 -5.49
CA GLU A 78 -8.93 -5.30 -6.49
C GLU A 78 -9.07 -3.87 -5.95
N LEU A 79 -8.12 -3.42 -5.17
CA LEU A 79 -8.21 -2.03 -4.62
C LEU A 79 -7.18 -1.13 -5.32
N MET A 80 -6.25 -1.70 -6.03
CA MET A 80 -5.23 -0.88 -6.74
C MET A 80 -4.50 -1.72 -7.79
N GLU A 81 -3.36 -1.26 -8.22
CA GLU A 81 -2.60 -2.04 -9.24
C GLU A 81 -1.09 -1.80 -9.08
N ILE A 82 -0.35 -2.81 -8.73
CA ILE A 82 1.12 -2.65 -8.55
C ILE A 82 1.84 -2.90 -9.89
N SER A 83 2.84 -2.12 -10.18
CA SER A 83 3.57 -2.31 -11.47
C SER A 83 4.40 -3.60 -11.41
N GLU A 84 5.21 -3.83 -12.40
CA GLU A 84 6.05 -5.07 -12.41
C GLU A 84 7.32 -4.88 -11.56
N ASP A 85 7.63 -3.66 -11.21
CA ASP A 85 8.87 -3.44 -10.39
C ASP A 85 8.61 -3.84 -8.93
N LYS A 86 7.38 -4.04 -8.56
CA LYS A 86 7.08 -4.44 -7.16
C LYS A 86 7.56 -3.36 -6.17
N THR A 87 7.95 -2.22 -6.66
CA THR A 87 8.43 -1.14 -5.74
C THR A 87 7.57 0.12 -5.91
N LYS A 88 6.32 -0.04 -6.23
CA LYS A 88 5.43 1.14 -6.43
C LYS A 88 3.96 0.71 -6.34
N ILE A 89 3.08 1.63 -6.03
CA ILE A 89 1.64 1.27 -5.93
C ILE A 89 0.81 2.28 -6.73
N ARG A 90 -0.28 1.85 -7.31
CA ARG A 90 -1.12 2.79 -8.12
C ARG A 90 -2.60 2.41 -8.00
N ARG A 91 -3.47 3.35 -8.24
CA ARG A 91 -4.93 3.06 -8.16
C ARG A 91 -5.46 2.78 -9.57
N SER A 92 -6.27 1.77 -9.73
CA SER A 92 -6.81 1.46 -11.09
C SER A 92 -7.70 2.60 -11.57
N PRO A 93 -7.21 3.33 -12.54
CA PRO A 93 -7.97 4.46 -13.11
C PRO A 93 -9.21 3.92 -13.82
N SER A 94 -9.16 2.68 -14.21
CA SER A 94 -10.33 2.06 -14.90
C SER A 94 -11.27 1.45 -13.88
N LYS A 95 -10.99 1.60 -12.62
CA LYS A 95 -11.89 1.04 -11.57
C LYS A 95 -12.43 2.19 -10.70
N PRO A 96 -13.72 2.28 -10.60
CA PRO A 96 -14.35 3.35 -9.80
C PRO A 96 -14.03 3.18 -8.31
N LEU A 97 -13.94 4.26 -7.61
CA LEU A 97 -13.67 4.18 -6.15
C LEU A 97 -14.79 4.90 -5.41
N PRO A 98 -15.46 4.16 -4.62
CA PRO A 98 -16.60 4.67 -3.84
C PRO A 98 -16.17 5.13 -2.46
N GLU A 99 -16.93 6.02 -1.87
CA GLU A 99 -16.58 6.52 -0.51
C GLU A 99 -17.67 6.11 0.50
N VAL A 100 -17.28 5.80 1.71
CA VAL A 100 -18.28 5.39 2.72
C VAL A 100 -18.95 6.62 3.34
N THR A 101 -20.25 6.62 3.47
CA THR A 101 -20.96 7.78 4.06
C THR A 101 -21.71 7.36 5.32
N ASP A 102 -21.90 8.28 6.24
CA ASP A 102 -22.63 7.92 7.49
C ASP A 102 -24.05 7.47 7.17
N GLU A 103 -24.58 6.56 7.94
CA GLU A 103 -25.97 6.07 7.67
C GLU A 103 -26.02 5.33 6.34
N MET A 1 22.89 -17.21 13.89
CA MET A 1 22.36 -15.99 13.21
C MET A 1 22.82 -15.95 11.76
N ALA A 2 23.11 -14.78 11.24
CA ALA A 2 23.57 -14.68 9.83
C ALA A 2 22.49 -15.24 8.88
N GLU A 3 22.78 -15.28 7.61
CA GLU A 3 21.78 -15.81 6.64
C GLU A 3 20.42 -15.15 6.87
N ASN A 4 19.39 -15.65 6.25
CA ASN A 4 18.04 -15.06 6.43
C ASN A 4 17.68 -14.98 7.92
N GLY A 5 16.46 -14.64 8.23
CA GLY A 5 16.05 -14.55 9.66
C GLY A 5 14.58 -14.12 9.75
N ASP A 6 13.97 -14.30 10.89
CA ASP A 6 12.54 -13.90 11.03
C ASP A 6 11.66 -14.77 10.15
N ASN A 7 10.63 -15.34 10.70
CA ASN A 7 9.72 -16.21 9.89
C ASN A 7 8.26 -15.98 10.29
N GLU A 8 7.91 -16.35 11.50
CA GLU A 8 6.50 -16.16 11.96
C GLU A 8 6.15 -14.67 11.95
N LYS A 9 6.97 -13.85 12.56
CA LYS A 9 6.68 -12.39 12.58
C LYS A 9 6.45 -11.87 11.17
N MET A 10 7.28 -12.27 10.24
CA MET A 10 7.10 -11.79 8.84
C MET A 10 5.74 -12.22 8.30
N ALA A 11 5.28 -13.39 8.67
CA ALA A 11 3.96 -13.86 8.18
C ALA A 11 2.87 -12.87 8.60
N ALA A 12 2.80 -12.55 9.86
CA ALA A 12 1.77 -11.59 10.33
C ALA A 12 2.12 -10.17 9.86
N LEU A 13 3.38 -9.87 9.75
CA LEU A 13 3.79 -8.52 9.28
C LEU A 13 3.42 -8.33 7.81
N GLU A 14 3.42 -9.39 7.06
CA GLU A 14 3.06 -9.27 5.61
C GLU A 14 1.64 -8.73 5.47
N ALA A 15 0.71 -9.26 6.22
CA ALA A 15 -0.70 -8.77 6.13
C ALA A 15 -0.78 -7.31 6.58
N LYS A 16 -0.06 -6.97 7.62
CA LYS A 16 -0.08 -5.56 8.11
C LYS A 16 0.35 -4.60 7.00
N ILE A 17 1.34 -4.98 6.23
CA ILE A 17 1.80 -4.09 5.14
C ILE A 17 0.68 -3.85 4.12
N CYS A 18 -0.01 -4.89 3.74
CA CYS A 18 -1.13 -4.73 2.76
C CYS A 18 -2.22 -3.83 3.35
N HIS A 19 -2.49 -3.98 4.62
CA HIS A 19 -3.54 -3.13 5.26
C HIS A 19 -3.15 -1.66 5.19
N GLN A 20 -1.88 -1.35 5.33
CA GLN A 20 -1.47 0.08 5.27
C GLN A 20 -1.77 0.63 3.87
N ILE A 21 -1.37 -0.07 2.85
CA ILE A 21 -1.67 0.42 1.47
C ILE A 21 -3.18 0.56 1.32
N GLU A 22 -3.90 -0.34 1.93
CA GLU A 22 -5.38 -0.26 1.87
C GLU A 22 -5.86 1.07 2.47
N TYR A 23 -5.19 1.55 3.47
CA TYR A 23 -5.63 2.84 4.09
C TYR A 23 -5.58 3.98 3.07
N TYR A 24 -4.52 4.09 2.30
CA TYR A 24 -4.47 5.21 1.30
C TYR A 24 -5.33 4.90 0.08
N PHE A 25 -5.32 3.66 -0.36
CA PHE A 25 -6.11 3.30 -1.59
C PHE A 25 -7.36 2.48 -1.24
N GLY A 26 -7.37 1.83 -0.11
CA GLY A 26 -8.56 1.01 0.26
C GLY A 26 -9.84 1.71 -0.17
N ASP A 27 -10.01 2.94 0.23
CA ASP A 27 -11.24 3.70 -0.15
C ASP A 27 -11.38 4.93 0.74
N PHE A 28 -10.70 4.97 1.85
CA PHE A 28 -10.80 6.14 2.76
C PHE A 28 -9.96 7.30 2.26
N ASN A 29 -8.74 7.04 1.89
CA ASN A 29 -7.83 8.14 1.42
C ASN A 29 -8.19 8.61 0.01
N LEU A 30 -8.64 7.74 -0.85
CA LEU A 30 -8.95 8.18 -2.25
C LEU A 30 -9.98 9.32 -2.24
N PRO A 31 -11.01 9.15 -1.47
CA PRO A 31 -12.06 10.20 -1.39
C PRO A 31 -11.46 11.52 -0.89
N ARG A 32 -10.37 11.46 -0.18
CA ARG A 32 -9.74 12.70 0.34
C ARG A 32 -8.21 12.54 0.43
N ASP A 33 -7.58 12.17 -0.64
CA ASP A 33 -6.10 12.01 -0.61
C ASP A 33 -5.44 13.21 -1.28
N LYS A 34 -5.00 14.19 -0.53
CA LYS A 34 -4.34 15.37 -1.17
C LYS A 34 -2.92 14.99 -1.60
N PHE A 35 -2.19 14.34 -0.74
CA PHE A 35 -0.80 13.94 -1.08
C PHE A 35 -0.81 12.85 -2.16
N LEU A 36 -1.69 11.90 -2.04
CA LEU A 36 -1.74 10.82 -3.06
C LEU A 36 -2.11 11.42 -4.42
N LYS A 37 -2.97 12.39 -4.43
CA LYS A 37 -3.37 13.04 -5.72
C LYS A 37 -2.15 13.74 -6.34
N GLU A 38 -1.29 14.26 -5.52
CA GLU A 38 -0.07 14.95 -6.06
C GLU A 38 0.89 13.91 -6.64
N GLN A 39 1.13 12.86 -5.90
CA GLN A 39 2.06 11.79 -6.40
C GLN A 39 1.38 11.02 -7.54
N ILE A 40 0.15 10.64 -7.35
CA ILE A 40 -0.57 9.89 -8.43
C ILE A 40 -0.68 10.76 -9.68
N LYS A 41 -0.91 12.04 -9.50
CA LYS A 41 -1.03 12.95 -10.67
C LYS A 41 0.35 13.22 -11.28
N LEU A 42 1.39 13.10 -10.50
CA LEU A 42 2.76 13.35 -11.04
C LEU A 42 2.93 12.59 -12.36
N ASP A 43 3.14 11.30 -12.29
CA ASP A 43 3.31 10.51 -13.53
C ASP A 43 1.95 9.94 -13.97
N GLU A 44 1.81 8.65 -13.99
CA GLU A 44 0.51 8.04 -14.41
C GLU A 44 -0.22 7.49 -13.18
N GLY A 45 0.06 8.03 -12.02
CA GLY A 45 -0.61 7.53 -10.78
C GLY A 45 0.36 6.64 -10.01
N TRP A 46 1.43 6.25 -10.63
CA TRP A 46 2.42 5.37 -9.94
C TRP A 46 3.07 6.11 -8.77
N VAL A 47 2.92 5.58 -7.58
CA VAL A 47 3.55 6.22 -6.38
C VAL A 47 4.57 5.26 -5.78
N PRO A 48 5.69 5.80 -5.39
CA PRO A 48 6.76 4.98 -4.80
C PRO A 48 6.51 4.82 -3.31
N LEU A 49 6.86 3.69 -2.78
CA LEU A 49 6.64 3.43 -1.32
C LEU A 49 7.40 4.44 -0.46
N GLU A 50 8.10 5.36 -1.05
CA GLU A 50 8.82 6.36 -0.21
C GLU A 50 7.81 7.11 0.64
N ILE A 51 6.72 7.51 0.05
CA ILE A 51 5.66 8.23 0.80
C ILE A 51 5.10 7.31 1.88
N MET A 52 5.01 6.04 1.57
CA MET A 52 4.50 5.06 2.57
C MET A 52 5.61 4.73 3.57
N ILE A 53 6.81 4.55 3.09
CA ILE A 53 7.94 4.21 3.99
C ILE A 53 8.26 5.37 4.93
N LYS A 54 7.67 6.51 4.75
CA LYS A 54 7.96 7.65 5.66
C LYS A 54 6.69 8.04 6.41
N PHE A 55 5.55 7.66 5.90
CA PHE A 55 4.27 7.99 6.58
C PHE A 55 4.24 7.31 7.96
N ASN A 56 3.80 8.01 8.96
CA ASN A 56 3.76 7.41 10.33
C ASN A 56 2.92 6.13 10.32
N ARG A 57 2.05 5.98 9.36
CA ARG A 57 1.20 4.75 9.32
C ARG A 57 2.03 3.53 8.92
N LEU A 58 2.90 3.66 7.96
CA LEU A 58 3.73 2.48 7.54
C LEU A 58 5.17 2.62 8.05
N ASN A 59 5.75 3.79 7.94
CA ASN A 59 7.15 3.97 8.41
C ASN A 59 7.28 3.54 9.87
N ARG A 60 6.19 3.54 10.60
CA ARG A 60 6.25 3.15 12.03
C ARG A 60 6.11 1.63 12.18
N LEU A 61 6.14 0.91 11.09
CA LEU A 61 6.00 -0.57 11.18
C LEU A 61 7.11 -1.27 10.38
N THR A 62 6.98 -1.31 9.08
CA THR A 62 8.03 -1.99 8.26
C THR A 62 8.93 -0.95 7.58
N THR A 63 8.43 -0.30 6.56
CA THR A 63 9.23 0.73 5.84
C THR A 63 10.31 0.05 4.99
N ASP A 64 10.37 -1.25 5.00
CA ASP A 64 11.39 -1.95 4.17
C ASP A 64 10.86 -2.13 2.75
N PHE A 65 11.33 -1.35 1.82
CA PHE A 65 10.84 -1.48 0.42
C PHE A 65 10.81 -2.95 0.00
N ASN A 66 11.84 -3.70 0.30
CA ASN A 66 11.83 -5.14 -0.10
C ASN A 66 10.84 -5.93 0.75
N VAL A 67 10.81 -5.68 2.03
CA VAL A 67 9.85 -6.42 2.91
C VAL A 67 8.42 -5.93 2.64
N ILE A 68 8.24 -4.64 2.53
CA ILE A 68 6.87 -4.09 2.28
C ILE A 68 6.33 -4.56 0.93
N VAL A 69 7.13 -4.47 -0.10
CA VAL A 69 6.65 -4.91 -1.44
C VAL A 69 6.46 -6.43 -1.48
N GLU A 70 7.29 -7.16 -0.79
CA GLU A 70 7.16 -8.64 -0.79
C GLU A 70 5.77 -9.05 -0.30
N ALA A 71 5.25 -8.38 0.69
CA ALA A 71 3.90 -8.73 1.20
C ALA A 71 2.84 -8.40 0.16
N LEU A 72 3.02 -7.33 -0.59
CA LEU A 72 2.02 -6.96 -1.62
C LEU A 72 2.11 -7.93 -2.81
N SER A 73 3.28 -8.39 -3.12
CA SER A 73 3.44 -9.34 -4.26
C SER A 73 2.49 -10.53 -4.09
N LYS A 74 2.00 -10.74 -2.90
CA LYS A 74 1.07 -11.89 -2.69
C LYS A 74 -0.35 -11.38 -2.43
N SER A 75 -0.48 -10.14 -2.03
CA SER A 75 -1.84 -9.58 -1.74
C SER A 75 -2.76 -9.72 -2.95
N LYS A 76 -4.04 -9.73 -2.71
CA LYS A 76 -5.01 -9.87 -3.84
C LYS A 76 -6.37 -9.28 -3.44
N ALA A 77 -6.38 -8.10 -2.90
CA ALA A 77 -7.67 -7.48 -2.49
C ALA A 77 -8.24 -6.63 -3.61
N GLU A 78 -7.72 -6.84 -4.77
CA GLU A 78 -8.19 -6.08 -5.96
C GLU A 78 -8.59 -4.65 -5.58
N LEU A 79 -7.64 -3.76 -5.50
CA LEU A 79 -7.98 -2.35 -5.14
C LEU A 79 -6.94 -1.37 -5.71
N MET A 80 -5.92 -1.87 -6.35
CA MET A 80 -4.89 -0.97 -6.95
C MET A 80 -3.95 -1.77 -7.85
N GLU A 81 -2.92 -1.15 -8.36
CA GLU A 81 -1.97 -1.88 -9.25
C GLU A 81 -0.53 -1.59 -8.83
N ILE A 82 0.36 -2.53 -9.00
CA ILE A 82 1.77 -2.29 -8.61
C ILE A 82 2.68 -2.38 -9.84
N SER A 83 3.69 -1.57 -9.90
CA SER A 83 4.61 -1.61 -11.08
C SER A 83 5.25 -3.00 -11.19
N GLU A 84 6.12 -3.19 -12.16
CA GLU A 84 6.77 -4.52 -12.32
C GLU A 84 7.97 -4.63 -11.39
N ASP A 85 8.40 -3.54 -10.81
CA ASP A 85 9.57 -3.59 -9.89
C ASP A 85 9.09 -3.85 -8.46
N LYS A 86 7.81 -3.82 -8.23
CA LYS A 86 7.28 -4.05 -6.85
C LYS A 86 7.71 -2.92 -5.93
N THR A 87 7.64 -1.70 -6.39
CA THR A 87 8.06 -0.55 -5.53
C THR A 87 7.19 0.68 -5.82
N LYS A 88 5.94 0.49 -6.12
CA LYS A 88 5.06 1.65 -6.41
C LYS A 88 3.58 1.26 -6.29
N ILE A 89 2.73 2.21 -6.02
CA ILE A 89 1.28 1.91 -5.89
C ILE A 89 0.45 2.93 -6.66
N ARG A 90 -0.68 2.55 -7.18
CA ARG A 90 -1.52 3.50 -7.95
C ARG A 90 -3.01 3.12 -7.83
N ARG A 91 -3.89 4.06 -8.06
CA ARG A 91 -5.34 3.74 -7.98
C ARG A 91 -5.86 3.43 -9.39
N SER A 92 -6.65 2.41 -9.54
CA SER A 92 -7.18 2.06 -10.88
C SER A 92 -8.29 3.04 -11.27
N PRO A 93 -7.99 3.90 -12.19
CA PRO A 93 -8.97 4.91 -12.66
C PRO A 93 -10.14 4.18 -13.32
N SER A 94 -9.90 2.99 -13.80
CA SER A 94 -10.99 2.22 -14.45
C SER A 94 -11.92 1.63 -13.39
N LYS A 95 -11.62 1.84 -12.14
CA LYS A 95 -12.50 1.32 -11.06
C LYS A 95 -13.02 2.49 -10.23
N PRO A 96 -14.31 2.57 -10.09
CA PRO A 96 -14.92 3.68 -9.31
C PRO A 96 -14.62 3.53 -7.82
N LEU A 97 -14.49 4.63 -7.14
CA LEU A 97 -14.23 4.59 -5.68
C LEU A 97 -15.33 5.38 -4.98
N PRO A 98 -16.03 4.69 -4.15
CA PRO A 98 -17.16 5.29 -3.41
C PRO A 98 -16.71 5.79 -2.04
N GLU A 99 -17.43 6.72 -1.50
CA GLU A 99 -17.06 7.27 -0.16
C GLU A 99 -18.09 6.86 0.88
N VAL A 100 -17.68 6.68 2.11
CA VAL A 100 -18.63 6.26 3.17
C VAL A 100 -19.17 7.50 3.91
N THR A 101 -20.40 7.45 4.34
CA THR A 101 -20.98 8.61 5.07
C THR A 101 -21.24 8.26 6.53
N ASP A 102 -21.09 9.21 7.42
CA ASP A 102 -21.32 8.92 8.86
C ASP A 102 -22.78 8.51 9.10
N GLU A 103 -23.00 7.45 9.82
CA GLU A 103 -24.39 7.01 10.08
C GLU A 103 -25.26 8.20 10.46
N MET A 1 18.74 -9.31 19.57
CA MET A 1 19.16 -10.75 19.56
C MET A 1 18.64 -11.46 20.82
N ALA A 2 17.44 -11.14 21.23
CA ALA A 2 16.88 -11.80 22.45
C ALA A 2 15.69 -12.68 22.06
N GLU A 3 14.99 -12.32 21.02
CA GLU A 3 13.82 -13.15 20.60
C GLU A 3 14.28 -14.50 20.07
N ASN A 4 13.36 -15.35 19.70
CA ASN A 4 13.75 -16.69 19.17
C ASN A 4 13.56 -16.75 17.66
N GLY A 5 14.29 -15.95 16.93
CA GLY A 5 14.15 -15.95 15.45
C GLY A 5 12.80 -15.34 15.07
N ASP A 6 12.80 -14.35 14.20
CA ASP A 6 11.52 -13.72 13.79
C ASP A 6 10.62 -14.75 13.09
N ASN A 7 10.61 -14.76 11.79
CA ASN A 7 9.75 -15.74 11.06
C ASN A 7 8.28 -15.48 11.37
N GLU A 8 7.85 -15.78 12.57
CA GLU A 8 6.41 -15.56 12.94
C GLU A 8 6.08 -14.07 12.84
N LYS A 9 7.00 -13.21 13.19
CA LYS A 9 6.74 -11.75 13.12
C LYS A 9 6.62 -11.31 11.66
N MET A 10 7.51 -11.76 10.82
CA MET A 10 7.46 -11.36 9.39
C MET A 10 6.16 -11.87 8.75
N ALA A 11 5.73 -13.03 9.13
CA ALA A 11 4.47 -13.58 8.55
C ALA A 11 3.30 -12.62 8.83
N ALA A 12 3.11 -12.25 10.07
CA ALA A 12 2.00 -11.31 10.40
C ALA A 12 2.33 -9.92 9.88
N LEU A 13 3.59 -9.55 9.87
CA LEU A 13 3.97 -8.21 9.37
C LEU A 13 3.63 -8.07 7.87
N GLU A 14 3.74 -9.16 7.15
CA GLU A 14 3.43 -9.10 5.69
C GLU A 14 1.98 -8.65 5.47
N ALA A 15 1.06 -9.21 6.20
CA ALA A 15 -0.36 -8.82 6.05
C ALA A 15 -0.59 -7.40 6.59
N LYS A 16 0.08 -7.05 7.64
CA LYS A 16 -0.09 -5.68 8.22
C LYS A 16 0.30 -4.63 7.18
N ILE A 17 1.36 -4.87 6.45
CA ILE A 17 1.78 -3.88 5.42
C ILE A 17 0.69 -3.71 4.37
N CYS A 18 0.09 -4.78 3.94
CA CYS A 18 -0.99 -4.70 2.92
C CYS A 18 -2.15 -3.84 3.45
N HIS A 19 -2.46 -3.98 4.71
CA HIS A 19 -3.57 -3.19 5.30
C HIS A 19 -3.23 -1.70 5.27
N GLN A 20 -1.98 -1.36 5.47
CA GLN A 20 -1.60 0.08 5.45
C GLN A 20 -1.89 0.66 4.06
N ILE A 21 -1.45 0.00 3.02
CA ILE A 21 -1.71 0.50 1.65
C ILE A 21 -3.23 0.61 1.47
N GLU A 22 -3.95 -0.31 2.06
CA GLU A 22 -5.44 -0.27 1.96
C GLU A 22 -5.97 1.03 2.57
N TYR A 23 -5.34 1.51 3.61
CA TYR A 23 -5.83 2.77 4.25
C TYR A 23 -5.75 3.96 3.29
N TYR A 24 -4.67 4.12 2.56
CA TYR A 24 -4.60 5.29 1.61
C TYR A 24 -5.41 5.02 0.35
N PHE A 25 -5.39 3.80 -0.14
CA PHE A 25 -6.12 3.50 -1.40
C PHE A 25 -7.38 2.66 -1.13
N GLY A 26 -7.43 1.96 -0.03
CA GLY A 26 -8.64 1.12 0.27
C GLY A 26 -9.90 1.82 -0.25
N ASP A 27 -10.08 3.06 0.13
CA ASP A 27 -11.28 3.82 -0.32
C ASP A 27 -11.52 5.02 0.59
N PHE A 28 -10.93 5.01 1.75
CA PHE A 28 -11.11 6.17 2.68
C PHE A 28 -10.19 7.32 2.32
N ASN A 29 -8.95 7.04 2.04
CA ASN A 29 -7.99 8.13 1.70
C ASN A 29 -8.21 8.67 0.29
N LEU A 30 -8.61 7.85 -0.64
CA LEU A 30 -8.80 8.34 -2.04
C LEU A 30 -9.80 9.51 -2.06
N PRO A 31 -10.93 9.31 -1.45
CA PRO A 31 -11.96 10.38 -1.41
C PRO A 31 -11.41 11.64 -0.73
N ARG A 32 -10.32 11.50 -0.02
CA ARG A 32 -9.72 12.69 0.66
C ARG A 32 -8.21 12.51 0.84
N ASP A 33 -7.53 12.17 -0.22
CA ASP A 33 -6.05 11.99 -0.14
C ASP A 33 -5.35 13.21 -0.75
N LYS A 34 -4.91 14.15 0.04
CA LYS A 34 -4.21 15.33 -0.54
C LYS A 34 -2.81 14.94 -0.97
N PHE A 35 -2.15 14.15 -0.18
CA PHE A 35 -0.77 13.72 -0.52
C PHE A 35 -0.80 12.69 -1.65
N LEU A 36 -1.80 11.85 -1.68
CA LEU A 36 -1.89 10.82 -2.76
C LEU A 36 -2.32 11.46 -4.08
N LYS A 37 -3.26 12.37 -4.04
CA LYS A 37 -3.71 13.02 -5.31
C LYS A 37 -2.54 13.75 -5.96
N GLU A 38 -1.67 14.28 -5.16
CA GLU A 38 -0.48 15.00 -5.71
C GLU A 38 0.45 14.01 -6.42
N GLN A 39 0.72 12.88 -5.79
CA GLN A 39 1.62 11.88 -6.42
C GLN A 39 0.92 11.20 -7.60
N ILE A 40 -0.31 10.79 -7.42
CA ILE A 40 -1.03 10.12 -8.54
C ILE A 40 -1.09 11.05 -9.75
N LYS A 41 -1.28 12.33 -9.52
CA LYS A 41 -1.35 13.29 -10.66
C LYS A 41 0.04 13.55 -11.22
N LEU A 42 1.06 13.43 -10.41
CA LEU A 42 2.44 13.68 -10.92
C LEU A 42 2.72 12.83 -12.15
N ASP A 43 3.25 11.65 -11.97
CA ASP A 43 3.54 10.77 -13.14
C ASP A 43 2.22 10.23 -13.71
N GLU A 44 2.14 8.95 -13.95
CA GLU A 44 0.88 8.38 -14.50
C GLU A 44 0.02 7.83 -13.35
N GLY A 45 0.37 8.15 -12.14
CA GLY A 45 -0.41 7.65 -10.97
C GLY A 45 0.48 6.72 -10.14
N TRP A 46 1.58 6.31 -10.69
CA TRP A 46 2.50 5.40 -9.94
C TRP A 46 3.13 6.11 -8.74
N VAL A 47 2.88 5.61 -7.57
CA VAL A 47 3.48 6.24 -6.35
C VAL A 47 4.67 5.41 -5.89
N PRO A 48 5.67 6.10 -5.39
CA PRO A 48 6.89 5.43 -4.91
C PRO A 48 6.73 5.08 -3.43
N LEU A 49 7.19 3.93 -3.03
CA LEU A 49 7.06 3.54 -1.60
C LEU A 49 7.80 4.53 -0.70
N GLU A 50 8.42 5.53 -1.27
CA GLU A 50 9.13 6.53 -0.43
C GLU A 50 8.11 7.32 0.37
N ILE A 51 7.02 7.66 -0.25
CA ILE A 51 5.95 8.41 0.47
C ILE A 51 5.24 7.49 1.45
N MET A 52 5.09 6.23 1.09
CA MET A 52 4.42 5.27 2.01
C MET A 52 5.38 4.83 3.11
N ILE A 53 6.61 4.55 2.77
CA ILE A 53 7.58 4.08 3.80
C ILE A 53 7.81 5.13 4.87
N LYS A 54 7.86 6.40 4.51
CA LYS A 54 8.08 7.43 5.55
C LYS A 54 6.75 7.80 6.21
N PHE A 55 5.67 7.67 5.49
CA PHE A 55 4.34 8.00 6.07
C PHE A 55 4.18 7.31 7.43
N ASN A 56 3.65 8.00 8.40
CA ASN A 56 3.48 7.37 9.75
C ASN A 56 2.67 6.08 9.65
N ARG A 57 1.90 5.93 8.60
CA ARG A 57 1.07 4.71 8.45
C ARG A 57 1.95 3.50 8.13
N LEU A 58 3.09 3.72 7.52
CA LEU A 58 3.98 2.57 7.18
C LEU A 58 5.26 2.61 8.02
N ASN A 59 5.90 3.75 8.10
CA ASN A 59 7.15 3.84 8.90
C ASN A 59 6.90 3.38 10.34
N ARG A 60 5.68 3.40 10.77
CA ARG A 60 5.37 2.94 12.16
C ARG A 60 5.62 1.44 12.30
N LEU A 61 5.67 0.73 11.20
CA LEU A 61 5.91 -0.74 11.27
C LEU A 61 7.12 -1.12 10.40
N THR A 62 6.89 -1.64 9.24
CA THR A 62 8.02 -2.03 8.34
C THR A 62 8.19 -1.03 7.20
N THR A 63 9.38 -0.86 6.71
CA THR A 63 9.60 0.10 5.60
C THR A 63 10.48 -0.53 4.52
N ASP A 64 10.79 -1.79 4.66
CA ASP A 64 11.64 -2.47 3.63
C ASP A 64 10.95 -2.44 2.28
N PHE A 65 11.31 -1.50 1.43
CA PHE A 65 10.67 -1.42 0.08
C PHE A 65 10.39 -2.82 -0.46
N ASN A 66 11.30 -3.73 -0.27
CA ASN A 66 11.09 -5.12 -0.77
C ASN A 66 10.03 -5.85 0.04
N VAL A 67 10.00 -5.65 1.33
CA VAL A 67 8.98 -6.35 2.18
C VAL A 67 7.58 -5.78 1.92
N ILE A 68 7.45 -4.48 1.84
CA ILE A 68 6.11 -3.88 1.60
C ILE A 68 5.56 -4.32 0.25
N VAL A 69 6.36 -4.23 -0.76
CA VAL A 69 5.90 -4.64 -2.12
C VAL A 69 5.68 -6.16 -2.17
N GLU A 70 6.49 -6.92 -1.48
CA GLU A 70 6.32 -8.39 -1.51
C GLU A 70 5.14 -8.81 -0.63
N ALA A 71 4.87 -8.08 0.41
CA ALA A 71 3.73 -8.42 1.30
C ALA A 71 2.40 -8.19 0.57
N LEU A 72 2.21 -7.03 0.01
CA LEU A 72 0.94 -6.75 -0.72
C LEU A 72 0.85 -7.62 -1.98
N SER A 73 1.96 -7.98 -2.54
CA SER A 73 1.92 -8.83 -3.78
C SER A 73 1.14 -10.11 -3.51
N LYS A 74 0.90 -10.45 -2.27
CA LYS A 74 0.14 -11.69 -1.96
C LYS A 74 -1.35 -11.37 -1.79
N SER A 75 -1.68 -10.14 -1.52
CA SER A 75 -3.11 -9.77 -1.33
C SER A 75 -3.94 -10.17 -2.54
N LYS A 76 -5.22 -10.37 -2.34
CA LYS A 76 -6.10 -10.78 -3.47
C LYS A 76 -7.35 -9.90 -3.53
N ALA A 77 -7.26 -8.68 -3.05
CA ALA A 77 -8.44 -7.78 -3.10
C ALA A 77 -8.45 -6.98 -4.38
N GLU A 78 -7.66 -7.41 -5.30
CA GLU A 78 -7.57 -6.73 -6.62
C GLU A 78 -7.96 -5.25 -6.52
N LEU A 79 -7.50 -4.57 -5.51
CA LEU A 79 -7.84 -3.13 -5.37
C LEU A 79 -6.93 -2.28 -6.25
N MET A 80 -5.73 -2.03 -5.80
CA MET A 80 -4.79 -1.20 -6.61
C MET A 80 -3.87 -2.11 -7.44
N GLU A 81 -2.81 -1.57 -7.97
CA GLU A 81 -1.87 -2.40 -8.78
C GLU A 81 -0.43 -1.98 -8.50
N ILE A 82 0.51 -2.84 -8.80
CA ILE A 82 1.94 -2.49 -8.54
C ILE A 82 2.75 -2.57 -9.85
N SER A 83 3.69 -1.70 -10.03
CA SER A 83 4.51 -1.73 -11.28
C SER A 83 5.30 -3.04 -11.36
N GLU A 84 6.11 -3.19 -12.37
CA GLU A 84 6.90 -4.44 -12.51
C GLU A 84 8.18 -4.36 -11.66
N ASP A 85 8.53 -3.19 -11.19
CA ASP A 85 9.77 -3.06 -10.37
C ASP A 85 9.47 -3.39 -8.90
N LYS A 86 8.22 -3.48 -8.53
CA LYS A 86 7.87 -3.80 -7.12
C LYS A 86 8.37 -2.69 -6.19
N THR A 87 8.36 -1.46 -6.65
CA THR A 87 8.84 -0.34 -5.79
C THR A 87 7.89 0.86 -5.93
N LYS A 88 6.65 0.63 -6.24
CA LYS A 88 5.70 1.76 -6.39
C LYS A 88 4.25 1.26 -6.28
N ILE A 89 3.34 2.12 -5.93
CA ILE A 89 1.91 1.71 -5.81
C ILE A 89 1.02 2.75 -6.49
N ARG A 90 -0.10 2.33 -7.03
CA ARG A 90 -1.00 3.30 -7.72
C ARG A 90 -2.45 2.84 -7.63
N ARG A 91 -3.39 3.74 -7.78
CA ARG A 91 -4.82 3.34 -7.71
C ARG A 91 -5.29 2.92 -9.12
N SER A 92 -5.98 1.83 -9.23
CA SER A 92 -6.45 1.39 -10.57
C SER A 92 -7.45 2.40 -11.14
N PRO A 93 -7.00 3.13 -12.12
CA PRO A 93 -7.87 4.13 -12.77
C PRO A 93 -9.04 3.43 -13.45
N SER A 94 -8.88 2.17 -13.71
CA SER A 94 -9.98 1.41 -14.37
C SER A 94 -10.98 0.94 -13.32
N LYS A 95 -10.75 1.23 -12.06
CA LYS A 95 -11.73 0.84 -11.01
C LYS A 95 -12.24 2.09 -10.30
N PRO A 96 -13.54 2.21 -10.22
CA PRO A 96 -14.15 3.39 -9.56
C PRO A 96 -13.94 3.35 -8.04
N LEU A 97 -13.81 4.51 -7.45
CA LEU A 97 -13.64 4.60 -5.98
C LEU A 97 -14.75 5.46 -5.42
N PRO A 98 -15.54 4.87 -4.60
CA PRO A 98 -16.68 5.57 -4.00
C PRO A 98 -16.30 6.25 -2.69
N GLU A 99 -17.03 7.26 -2.32
CA GLU A 99 -16.72 7.98 -1.05
C GLU A 99 -17.89 7.84 -0.06
N VAL A 100 -17.60 7.84 1.22
CA VAL A 100 -18.69 7.71 2.22
C VAL A 100 -19.42 9.04 2.39
N THR A 101 -20.70 9.02 2.63
CA THR A 101 -21.46 10.29 2.80
C THR A 101 -21.48 10.71 4.27
N ASP A 102 -21.27 11.97 4.54
CA ASP A 102 -21.29 12.44 5.96
C ASP A 102 -22.66 13.00 6.32
N GLU A 103 -23.04 12.91 7.56
CA GLU A 103 -24.37 13.44 7.97
C GLU A 103 -24.52 13.39 9.50
N MET A 1 8.21 -27.78 7.11
CA MET A 1 7.83 -28.67 8.24
C MET A 1 8.47 -28.18 9.54
N ALA A 2 9.77 -28.25 9.63
CA ALA A 2 10.46 -27.79 10.87
C ALA A 2 10.48 -26.27 10.94
N GLU A 3 11.55 -25.70 11.42
CA GLU A 3 11.63 -24.22 11.51
C GLU A 3 10.58 -23.68 12.48
N ASN A 4 10.97 -23.43 13.71
CA ASN A 4 9.99 -22.91 14.71
C ASN A 4 10.40 -21.50 15.15
N GLY A 5 11.53 -21.03 14.70
CA GLY A 5 11.97 -19.66 15.10
C GLY A 5 10.81 -18.68 14.96
N ASP A 6 10.20 -18.63 13.81
CA ASP A 6 9.06 -17.69 13.62
C ASP A 6 8.39 -17.94 12.26
N ASN A 7 7.12 -18.23 12.26
CA ASN A 7 6.42 -18.49 10.97
C ASN A 7 5.16 -17.63 10.87
N GLU A 8 4.29 -17.70 11.85
CA GLU A 8 3.05 -16.90 11.82
C GLU A 8 3.38 -15.41 11.99
N LYS A 9 4.40 -15.09 12.74
CA LYS A 9 4.76 -13.66 12.94
C LYS A 9 4.99 -12.98 11.59
N MET A 10 5.77 -13.59 10.73
CA MET A 10 6.03 -12.98 9.40
C MET A 10 4.71 -12.80 8.64
N ALA A 11 3.81 -13.73 8.77
CA ALA A 11 2.51 -13.61 8.06
C ALA A 11 1.81 -12.32 8.48
N ALA A 12 1.80 -12.04 9.76
CA ALA A 12 1.13 -10.78 10.23
C ALA A 12 1.94 -9.56 9.78
N LEU A 13 3.24 -9.70 9.71
CA LEU A 13 4.08 -8.55 9.27
C LEU A 13 3.68 -8.10 7.86
N GLU A 14 3.48 -9.03 6.96
CA GLU A 14 3.08 -8.65 5.58
C GLU A 14 1.65 -8.09 5.60
N ALA A 15 0.79 -8.69 6.37
CA ALA A 15 -0.61 -8.22 6.45
C ALA A 15 -0.64 -6.75 6.91
N LYS A 16 0.16 -6.41 7.87
CA LYS A 16 0.18 -5.00 8.36
C LYS A 16 0.56 -4.06 7.21
N ILE A 17 1.51 -4.46 6.40
CA ILE A 17 1.94 -3.60 5.27
C ILE A 17 0.82 -3.53 4.22
N CYS A 18 0.26 -4.65 3.88
CA CYS A 18 -0.83 -4.66 2.87
C CYS A 18 -2.04 -3.88 3.39
N HIS A 19 -2.35 -4.01 4.65
CA HIS A 19 -3.50 -3.26 5.23
C HIS A 19 -3.20 -1.77 5.26
N GLN A 20 -1.98 -1.41 5.53
CA GLN A 20 -1.63 0.04 5.57
C GLN A 20 -1.85 0.66 4.19
N ILE A 21 -1.35 0.03 3.16
CA ILE A 21 -1.56 0.57 1.79
C ILE A 21 -3.06 0.66 1.56
N GLU A 22 -3.79 -0.28 2.09
CA GLU A 22 -5.27 -0.27 1.93
C GLU A 22 -5.84 0.99 2.60
N TYR A 23 -5.25 1.42 3.68
CA TYR A 23 -5.78 2.63 4.38
C TYR A 23 -5.76 3.86 3.45
N TYR A 24 -4.70 4.08 2.72
CA TYR A 24 -4.67 5.29 1.82
C TYR A 24 -5.50 5.02 0.55
N PHE A 25 -5.46 3.82 0.06
CA PHE A 25 -6.20 3.51 -1.21
C PHE A 25 -7.45 2.66 -0.94
N GLY A 26 -7.50 1.98 0.17
CA GLY A 26 -8.68 1.12 0.48
C GLY A 26 -9.95 1.80 -0.01
N ASP A 27 -10.15 3.04 0.37
CA ASP A 27 -11.37 3.76 -0.07
C ASP A 27 -11.59 4.99 0.81
N PHE A 28 -10.99 5.02 1.97
CA PHE A 28 -11.17 6.19 2.88
C PHE A 28 -10.26 7.35 2.46
N ASN A 29 -9.02 7.07 2.20
CA ASN A 29 -8.08 8.16 1.81
C ASN A 29 -8.34 8.66 0.38
N LEU A 30 -8.76 7.81 -0.51
CA LEU A 30 -8.99 8.26 -1.92
C LEU A 30 -10.00 9.42 -1.96
N PRO A 31 -11.11 9.23 -1.30
CA PRO A 31 -12.16 10.29 -1.28
C PRO A 31 -11.60 11.57 -0.67
N ARG A 32 -10.53 11.48 0.08
CA ARG A 32 -9.93 12.69 0.70
C ARG A 32 -8.42 12.54 0.82
N ASP A 33 -7.76 12.18 -0.25
CA ASP A 33 -6.28 12.03 -0.20
C ASP A 33 -5.60 13.25 -0.83
N LYS A 34 -5.17 14.19 -0.04
CA LYS A 34 -4.49 15.39 -0.64
C LYS A 34 -3.09 15.02 -1.10
N PHE A 35 -2.37 14.31 -0.27
CA PHE A 35 -0.97 13.92 -0.65
C PHE A 35 -1.02 12.84 -1.73
N LEU A 36 -1.88 11.88 -1.60
CA LEU A 36 -1.97 10.81 -2.64
C LEU A 36 -2.28 11.44 -4.00
N LYS A 37 -3.16 12.41 -4.01
CA LYS A 37 -3.50 13.08 -5.30
C LYS A 37 -2.24 13.69 -5.90
N GLU A 38 -1.35 14.13 -5.07
CA GLU A 38 -0.09 14.74 -5.57
C GLU A 38 0.81 13.65 -6.19
N GLN A 39 0.93 12.53 -5.54
CA GLN A 39 1.77 11.44 -6.10
C GLN A 39 1.10 10.81 -7.31
N ILE A 40 -0.18 10.58 -7.24
CA ILE A 40 -0.90 9.98 -8.40
C ILE A 40 -0.88 10.95 -9.59
N LYS A 41 -1.01 12.22 -9.33
CA LYS A 41 -1.00 13.22 -10.43
C LYS A 41 0.43 13.42 -10.93
N LEU A 42 1.39 13.24 -10.07
CA LEU A 42 2.81 13.42 -10.49
C LEU A 42 3.07 12.67 -11.81
N ASP A 43 2.54 11.49 -11.94
CA ASP A 43 2.75 10.71 -13.20
C ASP A 43 1.42 10.06 -13.63
N GLU A 44 1.39 8.76 -13.74
CA GLU A 44 0.13 8.10 -14.16
C GLU A 44 -0.49 7.37 -12.97
N GLY A 45 -0.37 7.93 -11.79
CA GLY A 45 -0.94 7.27 -10.59
C GLY A 45 0.14 6.40 -9.94
N TRP A 46 1.18 6.09 -10.67
CA TRP A 46 2.26 5.24 -10.12
C TRP A 46 2.96 5.93 -8.93
N VAL A 47 2.91 5.32 -7.78
CA VAL A 47 3.58 5.90 -6.59
C VAL A 47 4.59 4.90 -6.03
N PRO A 48 5.71 5.40 -5.60
CA PRO A 48 6.76 4.52 -5.07
C PRO A 48 6.55 4.28 -3.57
N LEU A 49 6.98 3.16 -3.09
CA LEU A 49 6.78 2.82 -1.66
C LEU A 49 7.42 3.89 -0.76
N GLU A 50 8.03 4.89 -1.32
CA GLU A 50 8.62 5.95 -0.45
C GLU A 50 7.48 6.69 0.22
N ILE A 51 6.45 6.98 -0.53
CA ILE A 51 5.26 7.66 0.02
C ILE A 51 4.64 6.80 1.12
N MET A 52 4.57 5.52 0.86
CA MET A 52 3.98 4.58 1.85
C MET A 52 4.95 4.28 2.99
N ILE A 53 6.21 4.07 2.67
CA ILE A 53 7.21 3.75 3.73
C ILE A 53 7.79 5.01 4.37
N LYS A 54 7.34 6.17 3.99
CA LYS A 54 7.90 7.41 4.60
C LYS A 54 6.90 8.01 5.60
N PHE A 55 5.64 7.74 5.42
CA PHE A 55 4.62 8.28 6.35
C PHE A 55 4.72 7.60 7.71
N ASN A 56 4.43 8.30 8.77
CA ASN A 56 4.51 7.69 10.12
C ASN A 56 3.56 6.48 10.21
N ARG A 57 2.54 6.46 9.41
CA ARG A 57 1.58 5.32 9.45
C ARG A 57 2.31 4.01 9.15
N LEU A 58 3.15 4.01 8.14
CA LEU A 58 3.88 2.76 7.80
C LEU A 58 5.25 2.74 8.48
N ASN A 59 5.90 3.88 8.57
CA ASN A 59 7.23 3.93 9.22
C ASN A 59 7.15 3.37 10.64
N ARG A 60 5.98 3.36 11.22
CA ARG A 60 5.85 2.81 12.60
C ARG A 60 6.01 1.28 12.59
N LEU A 61 6.11 0.70 11.43
CA LEU A 61 6.27 -0.78 11.36
C LEU A 61 7.31 -1.15 10.31
N THR A 62 7.04 -2.16 9.52
CA THR A 62 8.03 -2.57 8.46
C THR A 62 8.63 -1.34 7.79
N THR A 63 7.99 -0.84 6.76
CA THR A 63 8.52 0.35 6.05
C THR A 63 9.78 -0.01 5.25
N ASP A 64 10.17 -1.26 5.30
CA ASP A 64 11.38 -1.67 4.53
C ASP A 64 11.01 -2.01 3.09
N PHE A 65 11.52 -1.27 2.15
CA PHE A 65 11.19 -1.55 0.72
C PHE A 65 11.21 -3.05 0.44
N ASN A 66 12.18 -3.76 0.95
CA ASN A 66 12.23 -5.22 0.71
C ASN A 66 11.13 -5.93 1.50
N VAL A 67 10.92 -5.56 2.73
CA VAL A 67 9.85 -6.21 3.53
C VAL A 67 8.48 -5.78 3.01
N ILE A 68 8.31 -4.51 2.77
CA ILE A 68 7.00 -4.02 2.26
C ILE A 68 6.73 -4.58 0.87
N VAL A 69 7.70 -4.55 0.01
CA VAL A 69 7.51 -5.08 -1.37
C VAL A 69 7.08 -6.56 -1.32
N GLU A 70 7.72 -7.35 -0.50
CA GLU A 70 7.35 -8.79 -0.41
C GLU A 70 5.89 -8.95 0.05
N ALA A 71 5.51 -8.25 1.08
CA ALA A 71 4.11 -8.37 1.58
C ALA A 71 3.11 -7.78 0.58
N LEU A 72 3.34 -6.57 0.15
CA LEU A 72 2.40 -5.94 -0.82
C LEU A 72 2.45 -6.68 -2.17
N SER A 73 3.57 -7.24 -2.51
CA SER A 73 3.67 -7.97 -3.81
C SER A 73 2.94 -9.32 -3.71
N LYS A 74 2.39 -9.62 -2.56
CA LYS A 74 1.65 -10.91 -2.41
C LYS A 74 0.16 -10.66 -2.28
N SER A 75 -0.24 -9.43 -2.04
CA SER A 75 -1.69 -9.13 -1.89
C SER A 75 -2.48 -9.58 -3.12
N LYS A 76 -3.75 -9.83 -2.94
CA LYS A 76 -4.59 -10.29 -4.08
C LYS A 76 -5.97 -9.64 -4.03
N ALA A 77 -6.04 -8.38 -3.68
CA ALA A 77 -7.37 -7.71 -3.61
C ALA A 77 -7.69 -7.06 -4.95
N GLU A 78 -6.96 -7.46 -5.95
CA GLU A 78 -7.17 -6.92 -7.32
C GLU A 78 -7.71 -5.49 -7.28
N LEU A 79 -7.25 -4.69 -6.37
CA LEU A 79 -7.74 -3.30 -6.30
C LEU A 79 -6.84 -2.39 -7.15
N MET A 80 -5.67 -2.08 -6.67
CA MET A 80 -4.74 -1.21 -7.45
C MET A 80 -3.89 -2.04 -8.40
N GLU A 81 -2.79 -1.50 -8.83
CA GLU A 81 -1.90 -2.26 -9.77
C GLU A 81 -0.44 -1.96 -9.45
N ILE A 82 0.45 -2.88 -9.76
CA ILE A 82 1.89 -2.65 -9.48
C ILE A 82 2.71 -2.78 -10.77
N SER A 83 3.72 -1.97 -10.92
CA SER A 83 4.55 -2.05 -12.15
C SER A 83 5.27 -3.39 -12.22
N GLU A 84 6.25 -3.52 -13.08
CA GLU A 84 7.00 -4.80 -13.18
C GLU A 84 8.07 -4.89 -12.09
N ASP A 85 8.48 -3.76 -11.58
CA ASP A 85 9.53 -3.78 -10.51
C ASP A 85 8.90 -4.10 -9.15
N LYS A 86 7.60 -4.08 -9.07
CA LYS A 86 6.93 -4.39 -7.77
C LYS A 86 7.28 -3.32 -6.73
N THR A 87 7.80 -2.20 -7.17
CA THR A 87 8.17 -1.12 -6.20
C THR A 87 7.33 0.13 -6.47
N LYS A 88 6.07 -0.03 -6.75
CA LYS A 88 5.21 1.15 -7.02
C LYS A 88 3.73 0.78 -6.86
N ILE A 89 2.90 1.75 -6.57
CA ILE A 89 1.45 1.47 -6.41
C ILE A 89 0.63 2.53 -7.16
N ARG A 90 -0.50 2.16 -7.70
CA ARG A 90 -1.33 3.14 -8.43
C ARG A 90 -2.82 2.84 -8.27
N ARG A 91 -3.67 3.81 -8.48
CA ARG A 91 -5.13 3.56 -8.35
C ARG A 91 -5.73 3.38 -9.75
N SER A 92 -6.59 2.41 -9.93
CA SER A 92 -7.19 2.20 -11.28
C SER A 92 -8.13 3.35 -11.62
N PRO A 93 -7.70 4.17 -12.53
CA PRO A 93 -8.53 5.33 -12.97
C PRO A 93 -9.78 4.81 -13.68
N SER A 94 -9.72 3.60 -14.16
CA SER A 94 -10.89 3.01 -14.86
C SER A 94 -11.76 2.26 -13.85
N LYS A 95 -11.43 2.33 -12.59
CA LYS A 95 -12.26 1.65 -11.56
C LYS A 95 -12.82 2.69 -10.58
N PRO A 96 -14.09 2.62 -10.34
CA PRO A 96 -14.73 3.59 -9.42
C PRO A 96 -14.25 3.37 -7.98
N LEU A 97 -14.18 4.43 -7.22
CA LEU A 97 -13.77 4.31 -5.80
C LEU A 97 -14.86 4.91 -4.93
N PRO A 98 -15.40 4.06 -4.11
CA PRO A 98 -16.48 4.46 -3.21
C PRO A 98 -15.95 4.90 -1.85
N GLU A 99 -16.71 5.68 -1.15
CA GLU A 99 -16.26 6.15 0.19
C GLU A 99 -17.07 5.47 1.29
N VAL A 100 -16.50 4.49 1.95
CA VAL A 100 -17.23 3.79 3.03
C VAL A 100 -16.96 4.47 4.38
N THR A 101 -17.86 4.33 5.32
CA THR A 101 -17.66 4.97 6.65
C THR A 101 -16.84 4.04 7.55
N ASP A 102 -15.89 4.58 8.28
CA ASP A 102 -15.07 3.73 9.18
C ASP A 102 -15.96 2.96 10.15
N GLU A 103 -15.73 1.69 10.31
CA GLU A 103 -16.56 0.88 11.24
C GLU A 103 -16.09 -0.58 11.26
N MET A 1 4.47 -4.07 18.81
CA MET A 1 5.13 -4.96 19.82
C MET A 1 5.00 -6.43 19.39
N ALA A 2 6.03 -7.20 19.58
CA ALA A 2 5.97 -8.64 19.18
C ALA A 2 6.59 -9.52 20.26
N GLU A 3 6.07 -10.69 20.48
CA GLU A 3 6.63 -11.59 21.52
C GLU A 3 7.32 -12.79 20.86
N ASN A 4 6.70 -13.37 19.87
CA ASN A 4 7.32 -14.54 19.19
C ASN A 4 8.66 -14.15 18.57
N GLY A 5 8.98 -14.73 17.45
CA GLY A 5 10.28 -14.39 16.78
C GLY A 5 10.06 -14.22 15.28
N ASP A 6 9.97 -15.32 14.56
CA ASP A 6 9.75 -15.23 13.09
C ASP A 6 8.65 -16.20 12.66
N ASN A 7 8.62 -16.56 11.41
CA ASN A 7 7.58 -17.51 10.92
C ASN A 7 6.19 -16.92 11.15
N GLU A 8 5.66 -17.05 12.33
CA GLU A 8 4.30 -16.50 12.61
C GLU A 8 4.33 -14.96 12.52
N LYS A 9 5.39 -14.35 12.97
CA LYS A 9 5.47 -12.86 12.91
C LYS A 9 5.48 -12.39 11.45
N MET A 10 6.25 -13.04 10.62
CA MET A 10 6.31 -12.63 9.18
C MET A 10 4.93 -12.77 8.53
N ALA A 11 4.20 -13.79 8.91
CA ALA A 11 2.84 -13.98 8.31
C ALA A 11 1.97 -12.76 8.60
N ALA A 12 1.87 -12.37 9.84
CA ALA A 12 1.03 -11.18 10.17
C ALA A 12 1.72 -9.90 9.67
N LEU A 13 3.02 -9.88 9.69
CA LEU A 13 3.75 -8.67 9.21
C LEU A 13 3.48 -8.43 7.73
N GLU A 14 3.38 -9.48 6.96
CA GLU A 14 3.11 -9.32 5.50
C GLU A 14 1.77 -8.63 5.29
N ALA A 15 0.75 -9.06 5.98
CA ALA A 15 -0.60 -8.44 5.81
C ALA A 15 -0.61 -7.03 6.43
N LYS A 16 0.12 -6.84 7.49
CA LYS A 16 0.15 -5.49 8.13
C LYS A 16 0.64 -4.45 7.13
N ILE A 17 1.65 -4.77 6.36
CA ILE A 17 2.18 -3.79 5.37
C ILE A 17 1.12 -3.53 4.29
N CYS A 18 0.51 -4.57 3.78
CA CYS A 18 -0.52 -4.37 2.73
C CYS A 18 -1.71 -3.59 3.28
N HIS A 19 -2.08 -3.85 4.50
CA HIS A 19 -3.23 -3.11 5.11
C HIS A 19 -2.94 -1.61 5.12
N GLN A 20 -1.71 -1.23 5.35
CA GLN A 20 -1.38 0.22 5.37
C GLN A 20 -1.65 0.82 3.98
N ILE A 21 -1.16 0.18 2.96
CA ILE A 21 -1.43 0.70 1.59
C ILE A 21 -2.93 0.77 1.38
N GLU A 22 -3.64 -0.17 1.94
CA GLU A 22 -5.12 -0.18 1.82
C GLU A 22 -5.69 1.08 2.46
N TYR A 23 -5.09 1.55 3.52
CA TYR A 23 -5.62 2.77 4.21
C TYR A 23 -5.62 3.97 3.26
N TYR A 24 -4.56 4.19 2.52
CA TYR A 24 -4.54 5.37 1.59
C TYR A 24 -5.37 5.08 0.33
N PHE A 25 -5.27 3.88 -0.18
CA PHE A 25 -6.03 3.54 -1.42
C PHE A 25 -7.32 2.78 -1.11
N GLY A 26 -7.42 2.18 0.04
CA GLY A 26 -8.64 1.39 0.39
C GLY A 26 -9.92 2.22 0.25
N ASP A 27 -10.05 3.01 -0.78
CA ASP A 27 -11.28 3.81 -0.98
C ASP A 27 -11.51 4.84 0.15
N PHE A 28 -10.85 4.70 1.26
CA PHE A 28 -11.08 5.69 2.36
C PHE A 28 -10.29 6.97 2.11
N ASN A 29 -9.03 6.85 1.82
CA ASN A 29 -8.17 8.05 1.60
C ASN A 29 -8.42 8.67 0.22
N LEU A 30 -8.74 7.87 -0.76
CA LEU A 30 -8.94 8.44 -2.14
C LEU A 30 -10.02 9.53 -2.12
N PRO A 31 -11.13 9.26 -1.50
CA PRO A 31 -12.23 10.25 -1.41
C PRO A 31 -11.73 11.52 -0.74
N ARG A 32 -10.61 11.44 -0.06
CA ARG A 32 -10.06 12.65 0.64
C ARG A 32 -8.53 12.52 0.73
N ASP A 33 -7.90 12.19 -0.36
CA ASP A 33 -6.41 12.08 -0.34
C ASP A 33 -5.78 13.31 -0.99
N LYS A 34 -5.36 14.28 -0.23
CA LYS A 34 -4.73 15.48 -0.85
C LYS A 34 -3.30 15.16 -1.30
N PHE A 35 -2.55 14.53 -0.46
CA PHE A 35 -1.15 14.18 -0.82
C PHE A 35 -1.13 13.09 -1.89
N LEU A 36 -1.98 12.10 -1.76
CA LEU A 36 -2.01 11.01 -2.78
C LEU A 36 -2.37 11.62 -4.14
N LYS A 37 -3.27 12.56 -4.16
CA LYS A 37 -3.66 13.20 -5.46
C LYS A 37 -2.44 13.88 -6.10
N GLU A 38 -1.53 14.34 -5.29
CA GLU A 38 -0.31 15.00 -5.85
C GLU A 38 0.60 13.96 -6.50
N GLN A 39 0.81 12.84 -5.86
CA GLN A 39 1.69 11.79 -6.45
C GLN A 39 1.00 11.13 -7.64
N ILE A 40 -0.28 10.87 -7.53
CA ILE A 40 -1.00 10.22 -8.67
C ILE A 40 -1.08 11.18 -9.85
N LYS A 41 -1.28 12.45 -9.57
CA LYS A 41 -1.37 13.44 -10.68
C LYS A 41 0.03 13.82 -11.17
N LEU A 42 1.00 13.80 -10.30
CA LEU A 42 2.39 14.16 -10.71
C LEU A 42 2.72 13.52 -12.07
N ASP A 43 3.10 12.27 -12.07
CA ASP A 43 3.42 11.59 -13.36
C ASP A 43 2.14 11.02 -13.99
N GLU A 44 2.12 9.74 -14.25
CA GLU A 44 0.89 9.14 -14.85
C GLU A 44 0.03 8.50 -13.77
N GLY A 45 0.43 8.64 -12.53
CA GLY A 45 -0.36 8.04 -11.42
C GLY A 45 0.44 6.90 -10.79
N TRP A 46 1.66 7.16 -10.41
CA TRP A 46 2.49 6.09 -9.82
C TRP A 46 3.25 6.62 -8.59
N VAL A 47 2.88 6.17 -7.42
CA VAL A 47 3.58 6.63 -6.19
C VAL A 47 4.56 5.54 -5.73
N PRO A 48 5.75 5.95 -5.39
CA PRO A 48 6.77 4.98 -4.96
C PRO A 48 6.61 4.69 -3.47
N LEU A 49 7.09 3.56 -3.03
CA LEU A 49 6.95 3.20 -1.59
C LEU A 49 7.67 4.22 -0.71
N GLU A 50 8.28 5.22 -1.28
CA GLU A 50 8.95 6.24 -0.44
C GLU A 50 7.88 6.97 0.36
N ILE A 51 6.80 7.31 -0.30
CA ILE A 51 5.68 8.00 0.39
C ILE A 51 5.14 7.09 1.50
N MET A 52 5.08 5.83 1.22
CA MET A 52 4.58 4.84 2.22
C MET A 52 5.67 4.53 3.25
N ILE A 53 6.88 4.36 2.82
CA ILE A 53 7.99 4.02 3.77
C ILE A 53 8.35 5.21 4.67
N LYS A 54 7.66 6.31 4.55
CA LYS A 54 8.00 7.47 5.42
C LYS A 54 6.78 7.90 6.25
N PHE A 55 5.61 7.49 5.85
CA PHE A 55 4.39 7.86 6.61
C PHE A 55 4.39 7.16 7.98
N ASN A 56 4.11 7.89 9.03
CA ASN A 56 4.10 7.28 10.38
C ASN A 56 3.13 6.09 10.43
N ARG A 57 2.19 6.06 9.53
CA ARG A 57 1.21 4.92 9.53
C ARG A 57 1.90 3.64 9.07
N LEU A 58 2.90 3.74 8.23
CA LEU A 58 3.60 2.52 7.75
C LEU A 58 5.03 2.49 8.30
N ASN A 59 5.75 3.58 8.20
CA ASN A 59 7.15 3.60 8.70
C ASN A 59 7.16 3.24 10.20
N ARG A 60 6.06 3.40 10.88
CA ARG A 60 6.03 3.07 12.33
C ARG A 60 6.28 1.57 12.53
N LEU A 61 6.02 0.78 11.53
CA LEU A 61 6.25 -0.69 11.66
C LEU A 61 7.36 -1.14 10.73
N THR A 62 7.02 -1.48 9.51
CA THR A 62 8.07 -1.93 8.54
C THR A 62 8.33 -0.85 7.50
N THR A 63 9.50 -0.82 6.93
CA THR A 63 9.82 0.20 5.90
C THR A 63 10.84 -0.34 4.90
N ASP A 64 11.03 -1.63 4.88
CA ASP A 64 12.01 -2.22 3.93
C ASP A 64 11.38 -2.36 2.53
N PHE A 65 11.72 -1.47 1.62
CA PHE A 65 11.14 -1.55 0.26
C PHE A 65 10.97 -3.01 -0.18
N ASN A 66 11.91 -3.85 0.16
CA ASN A 66 11.79 -5.29 -0.23
C ASN A 66 10.69 -5.99 0.56
N VAL A 67 10.56 -5.67 1.82
CA VAL A 67 9.50 -6.32 2.64
C VAL A 67 8.11 -5.84 2.23
N ILE A 68 7.95 -4.56 2.03
CA ILE A 68 6.61 -4.02 1.62
C ILE A 68 6.20 -4.59 0.26
N VAL A 69 7.10 -4.52 -0.67
CA VAL A 69 6.79 -5.03 -2.04
C VAL A 69 6.53 -6.54 -2.01
N GLU A 70 7.24 -7.25 -1.16
CA GLU A 70 7.03 -8.73 -1.08
C GLU A 70 5.69 -9.04 -0.40
N ALA A 71 5.35 -8.30 0.62
CA ALA A 71 4.07 -8.56 1.33
C ALA A 71 2.88 -8.19 0.43
N LEU A 72 2.88 -7.00 -0.12
CA LEU A 72 1.75 -6.60 -1.01
C LEU A 72 1.75 -7.45 -2.28
N SER A 73 2.88 -7.91 -2.70
CA SER A 73 2.94 -8.74 -3.94
C SER A 73 1.99 -9.94 -3.82
N LYS A 74 1.58 -10.26 -2.62
CA LYS A 74 0.66 -11.42 -2.43
C LYS A 74 -0.78 -10.92 -2.24
N SER A 75 -0.95 -9.68 -1.87
CA SER A 75 -2.32 -9.15 -1.63
C SER A 75 -3.20 -9.34 -2.89
N LYS A 76 -4.49 -9.37 -2.69
CA LYS A 76 -5.42 -9.56 -3.85
C LYS A 76 -6.81 -9.01 -3.49
N ALA A 77 -6.86 -7.91 -2.80
CA ALA A 77 -8.19 -7.33 -2.42
C ALA A 77 -8.67 -6.37 -3.50
N GLU A 78 -8.06 -6.44 -4.63
CA GLU A 78 -8.45 -5.54 -5.75
C GLU A 78 -8.38 -4.08 -5.32
N LEU A 79 -8.75 -3.17 -6.18
CA LEU A 79 -8.72 -1.72 -5.83
C LEU A 79 -7.28 -1.18 -5.90
N MET A 80 -6.31 -2.04 -5.89
CA MET A 80 -4.90 -1.55 -5.95
C MET A 80 -4.15 -2.22 -7.10
N GLU A 81 -3.06 -1.65 -7.53
CA GLU A 81 -2.29 -2.24 -8.65
C GLU A 81 -0.82 -1.81 -8.57
N ILE A 82 0.05 -2.69 -8.15
CA ILE A 82 1.48 -2.32 -8.04
C ILE A 82 2.24 -2.76 -9.31
N SER A 83 3.19 -1.98 -9.74
CA SER A 83 3.96 -2.35 -10.96
C SER A 83 4.60 -3.74 -10.78
N GLU A 84 5.23 -4.24 -11.81
CA GLU A 84 5.87 -5.58 -11.69
C GLU A 84 7.24 -5.47 -11.03
N ASP A 85 7.77 -4.27 -10.92
CA ASP A 85 9.10 -4.11 -10.29
C ASP A 85 8.97 -4.12 -8.76
N LYS A 86 7.78 -4.02 -8.26
CA LYS A 86 7.60 -4.03 -6.78
C LYS A 86 8.27 -2.81 -6.15
N THR A 87 8.01 -1.64 -6.66
CA THR A 87 8.66 -0.42 -6.10
C THR A 87 7.73 0.80 -6.29
N LYS A 88 6.48 0.56 -6.56
CA LYS A 88 5.54 1.70 -6.75
C LYS A 88 4.09 1.23 -6.60
N ILE A 89 3.20 2.12 -6.25
CA ILE A 89 1.77 1.72 -6.09
C ILE A 89 0.86 2.73 -6.78
N ARG A 90 -0.25 2.29 -7.31
CA ARG A 90 -1.18 3.22 -8.01
C ARG A 90 -2.62 2.73 -7.89
N ARG A 91 -3.58 3.60 -8.06
CA ARG A 91 -5.01 3.17 -7.97
C ARG A 91 -5.50 2.81 -9.37
N SER A 92 -6.22 1.73 -9.51
CA SER A 92 -6.72 1.34 -10.86
C SER A 92 -7.71 2.38 -11.36
N PRO A 93 -7.28 3.14 -12.33
CA PRO A 93 -8.14 4.19 -12.92
C PRO A 93 -9.35 3.53 -13.59
N SER A 94 -9.22 2.28 -13.94
CA SER A 94 -10.34 1.57 -14.59
C SER A 94 -11.26 0.96 -13.52
N LYS A 95 -10.97 1.19 -12.28
CA LYS A 95 -11.85 0.64 -11.20
C LYS A 95 -12.43 1.80 -10.37
N PRO A 96 -13.70 1.75 -10.14
CA PRO A 96 -14.37 2.83 -9.37
C PRO A 96 -13.95 2.79 -7.90
N LEU A 97 -13.91 3.92 -7.26
CA LEU A 97 -13.54 3.98 -5.83
C LEU A 97 -14.68 4.64 -5.06
N PRO A 98 -15.23 3.89 -4.18
CA PRO A 98 -16.35 4.35 -3.37
C PRO A 98 -15.88 4.95 -2.04
N GLU A 99 -16.69 5.80 -1.46
CA GLU A 99 -16.30 6.42 -0.17
C GLU A 99 -17.15 5.86 0.97
N VAL A 100 -16.62 4.93 1.72
CA VAL A 100 -17.40 4.33 2.84
C VAL A 100 -17.38 5.27 4.05
N THR A 101 -18.46 5.35 4.78
CA THR A 101 -18.49 6.24 5.97
C THR A 101 -18.33 5.42 7.26
N ASP A 102 -17.54 5.89 8.18
CA ASP A 102 -17.35 5.14 9.46
C ASP A 102 -18.70 4.94 10.16
N GLU A 103 -18.98 3.74 10.57
CA GLU A 103 -20.28 3.49 11.28
C GLU A 103 -21.46 3.95 10.41
N MET A 1 23.77 -25.13 16.38
CA MET A 1 22.41 -25.04 15.77
C MET A 1 22.11 -23.61 15.36
N ALA A 2 21.81 -23.38 14.11
CA ALA A 2 21.51 -22.00 13.65
C ALA A 2 20.73 -22.04 12.34
N GLU A 3 19.44 -22.24 12.41
CA GLU A 3 18.62 -22.29 11.16
C GLU A 3 17.53 -21.22 11.21
N ASN A 4 17.07 -20.79 10.07
CA ASN A 4 16.00 -19.73 10.05
C ASN A 4 14.87 -20.11 11.01
N GLY A 5 14.57 -19.26 11.95
CA GLY A 5 13.48 -19.57 12.91
C GLY A 5 12.15 -19.72 12.15
N ASP A 6 11.07 -19.92 12.86
CA ASP A 6 9.75 -20.08 12.18
C ASP A 6 9.42 -18.82 11.37
N ASN A 7 8.16 -18.50 11.23
CA ASN A 7 7.79 -17.29 10.45
C ASN A 7 6.37 -16.85 10.82
N GLU A 8 5.92 -17.21 12.00
CA GLU A 8 4.55 -16.81 12.42
C GLU A 8 4.46 -15.29 12.52
N LYS A 9 5.36 -14.67 13.22
CA LYS A 9 5.33 -13.18 13.37
C LYS A 9 5.52 -12.52 12.00
N MET A 10 6.44 -13.01 11.21
CA MET A 10 6.68 -12.42 9.87
C MET A 10 5.40 -12.48 9.03
N ALA A 11 4.65 -13.53 9.17
CA ALA A 11 3.39 -13.66 8.38
C ALA A 11 2.47 -12.48 8.69
N ALA A 12 2.34 -12.11 9.93
CA ALA A 12 1.47 -10.96 10.29
C ALA A 12 2.11 -9.66 9.81
N LEU A 13 3.41 -9.59 9.83
CA LEU A 13 4.11 -8.34 9.38
C LEU A 13 3.78 -8.06 7.91
N GLU A 14 3.79 -9.07 7.08
CA GLU A 14 3.47 -8.86 5.64
C GLU A 14 2.06 -8.30 5.48
N ALA A 15 1.11 -8.88 6.18
CA ALA A 15 -0.29 -8.37 6.07
C ALA A 15 -0.40 -6.95 6.61
N LYS A 16 0.36 -6.64 7.62
CA LYS A 16 0.32 -5.26 8.20
C LYS A 16 0.68 -4.24 7.13
N ILE A 17 1.65 -4.54 6.30
CA ILE A 17 2.05 -3.57 5.24
C ILE A 17 0.97 -3.48 4.17
N CYS A 18 0.45 -4.60 3.74
CA CYS A 18 -0.62 -4.57 2.69
C CYS A 18 -1.82 -3.77 3.19
N HIS A 19 -2.20 -3.97 4.42
CA HIS A 19 -3.37 -3.23 4.98
C HIS A 19 -3.06 -1.73 5.03
N GLN A 20 -1.84 -1.37 5.32
CA GLN A 20 -1.50 0.08 5.38
C GLN A 20 -1.71 0.70 3.99
N ILE A 21 -1.17 0.08 2.97
CA ILE A 21 -1.37 0.62 1.60
C ILE A 21 -2.87 0.70 1.32
N GLU A 22 -3.61 -0.24 1.83
CA GLU A 22 -5.08 -0.24 1.63
C GLU A 22 -5.68 1.01 2.29
N TYR A 23 -5.12 1.43 3.39
CA TYR A 23 -5.67 2.63 4.08
C TYR A 23 -5.63 3.87 3.17
N TYR A 24 -4.53 4.11 2.47
CA TYR A 24 -4.49 5.31 1.59
C TYR A 24 -5.25 5.08 0.28
N PHE A 25 -5.11 3.91 -0.29
CA PHE A 25 -5.82 3.64 -1.59
C PHE A 25 -6.97 2.65 -1.41
N GLY A 26 -6.94 1.84 -0.40
CA GLY A 26 -8.03 0.84 -0.20
C GLY A 26 -9.36 1.43 -0.66
N ASP A 27 -9.72 2.58 -0.15
CA ASP A 27 -11.00 3.22 -0.54
C ASP A 27 -11.37 4.30 0.46
N PHE A 28 -10.80 4.25 1.63
CA PHE A 28 -11.12 5.29 2.66
C PHE A 28 -10.34 6.57 2.39
N ASN A 29 -9.07 6.46 2.11
CA ASN A 29 -8.25 7.67 1.86
C ASN A 29 -8.47 8.24 0.46
N LEU A 30 -8.72 7.41 -0.52
CA LEU A 30 -8.91 7.92 -1.91
C LEU A 30 -10.04 8.95 -2.01
N PRO A 31 -11.11 8.67 -1.34
CA PRO A 31 -12.29 9.60 -1.37
C PRO A 31 -11.91 11.00 -0.87
N ARG A 32 -10.79 11.14 -0.23
CA ARG A 32 -10.40 12.50 0.28
C ARG A 32 -8.88 12.67 0.28
N ASP A 33 -8.15 11.69 -0.19
CA ASP A 33 -6.67 11.78 -0.15
C ASP A 33 -6.17 12.99 -0.95
N LYS A 34 -5.89 14.06 -0.27
CA LYS A 34 -5.38 15.29 -0.96
C LYS A 34 -3.92 15.10 -1.33
N PHE A 35 -3.14 14.59 -0.42
CA PHE A 35 -1.68 14.39 -0.70
C PHE A 35 -1.49 13.25 -1.72
N LEU A 36 -2.21 12.18 -1.56
CA LEU A 36 -2.08 11.05 -2.52
C LEU A 36 -2.51 11.54 -3.91
N LYS A 37 -3.47 12.42 -3.95
CA LYS A 37 -3.92 12.96 -5.26
C LYS A 37 -2.75 13.67 -5.93
N GLU A 38 -1.88 14.23 -5.13
CA GLU A 38 -0.69 14.94 -5.70
C GLU A 38 0.28 13.92 -6.30
N GLN A 39 0.60 12.88 -5.57
CA GLN A 39 1.53 11.85 -6.11
C GLN A 39 0.86 11.07 -7.24
N ILE A 40 -0.33 10.62 -7.01
CA ILE A 40 -1.04 9.85 -8.07
C ILE A 40 -1.25 10.73 -9.31
N LYS A 41 -1.54 11.99 -9.10
CA LYS A 41 -1.75 12.91 -10.25
C LYS A 41 -0.40 13.34 -10.85
N LEU A 42 0.64 13.35 -10.05
CA LEU A 42 1.97 13.76 -10.58
C LEU A 42 2.27 13.00 -11.87
N ASP A 43 2.76 11.80 -11.77
CA ASP A 43 3.06 11.00 -13.00
C ASP A 43 1.78 10.37 -13.53
N GLU A 44 1.76 9.09 -13.76
CA GLU A 44 0.53 8.43 -14.25
C GLU A 44 -0.22 7.80 -13.09
N GLY A 45 0.21 8.06 -11.88
CA GLY A 45 -0.47 7.48 -10.69
C GLY A 45 0.50 6.56 -9.95
N TRP A 46 1.58 6.18 -10.59
CA TRP A 46 2.56 5.28 -9.92
C TRP A 46 3.26 6.00 -8.76
N VAL A 47 3.10 5.47 -7.57
CA VAL A 47 3.77 6.10 -6.38
C VAL A 47 4.89 5.19 -5.90
N PRO A 48 5.96 5.80 -5.47
CA PRO A 48 7.12 5.04 -4.97
C PRO A 48 6.96 4.80 -3.47
N LEU A 49 7.36 3.66 -3.01
CA LEU A 49 7.22 3.35 -1.56
C LEU A 49 7.97 4.37 -0.70
N GLU A 50 8.61 5.34 -1.30
CA GLU A 50 9.34 6.35 -0.48
C GLU A 50 8.32 7.11 0.37
N ILE A 51 7.25 7.52 -0.23
CA ILE A 51 6.20 8.26 0.52
C ILE A 51 5.56 7.33 1.56
N MET A 52 5.41 6.08 1.21
CA MET A 52 4.82 5.10 2.18
C MET A 52 5.85 4.69 3.22
N ILE A 53 7.07 4.41 2.80
CA ILE A 53 8.12 3.99 3.78
C ILE A 53 8.60 5.18 4.62
N LYS A 54 8.02 6.34 4.43
CA LYS A 54 8.45 7.51 5.24
C LYS A 54 7.25 8.05 6.03
N PHE A 55 6.07 7.83 5.53
CA PHE A 55 4.85 8.32 6.26
C PHE A 55 4.67 7.54 7.56
N ASN A 56 4.40 8.21 8.64
CA ASN A 56 4.21 7.49 9.93
C ASN A 56 3.09 6.46 9.80
N ARG A 57 2.23 6.63 8.83
CA ARG A 57 1.12 5.64 8.64
C ARG A 57 1.67 4.25 8.32
N LEU A 58 2.66 4.18 7.47
CA LEU A 58 3.24 2.87 7.10
C LEU A 58 4.63 2.69 7.74
N ASN A 59 5.39 3.75 7.82
CA ASN A 59 6.75 3.63 8.44
C ASN A 59 6.65 3.04 9.84
N ARG A 60 5.51 3.14 10.46
CA ARG A 60 5.36 2.58 11.84
C ARG A 60 5.63 1.07 11.83
N LEU A 61 5.07 0.37 10.89
CA LEU A 61 5.29 -1.11 10.83
C LEU A 61 6.68 -1.41 10.24
N THR A 62 6.76 -1.65 8.97
CA THR A 62 8.07 -1.94 8.34
C THR A 62 8.37 -0.92 7.23
N THR A 63 9.62 -0.72 6.93
CA THR A 63 9.97 0.27 5.86
C THR A 63 10.91 -0.37 4.83
N ASP A 64 11.23 -1.62 5.00
CA ASP A 64 12.14 -2.29 4.03
C ASP A 64 11.45 -2.40 2.66
N PHE A 65 11.75 -1.51 1.76
CA PHE A 65 11.11 -1.55 0.41
C PHE A 65 10.89 -3.00 -0.04
N ASN A 66 11.81 -3.88 0.26
CA ASN A 66 11.65 -5.30 -0.17
C ASN A 66 10.54 -5.97 0.64
N VAL A 67 10.47 -5.71 1.91
CA VAL A 67 9.41 -6.35 2.75
C VAL A 67 8.03 -5.78 2.42
N ILE A 68 7.92 -4.48 2.30
CA ILE A 68 6.59 -3.88 1.98
C ILE A 68 6.10 -4.33 0.61
N VAL A 69 6.95 -4.25 -0.36
CA VAL A 69 6.56 -4.66 -1.74
C VAL A 69 6.28 -6.16 -1.77
N GLU A 70 7.12 -6.95 -1.16
CA GLU A 70 6.89 -8.42 -1.14
C GLU A 70 5.54 -8.72 -0.51
N ALA A 71 5.14 -7.93 0.45
CA ALA A 71 3.82 -8.16 1.11
C ALA A 71 2.68 -7.87 0.12
N LEU A 72 2.75 -6.78 -0.59
CA LEU A 72 1.67 -6.45 -1.56
C LEU A 72 1.72 -7.42 -2.74
N SER A 73 2.89 -7.93 -3.04
CA SER A 73 3.02 -8.88 -4.19
C SER A 73 1.99 -10.01 -4.05
N LYS A 74 1.48 -10.21 -2.87
CA LYS A 74 0.46 -11.30 -2.68
C LYS A 74 -0.91 -10.70 -2.40
N SER A 75 -0.95 -9.48 -1.93
CA SER A 75 -2.27 -8.84 -1.60
C SER A 75 -3.19 -8.84 -2.82
N LYS A 76 -4.48 -8.77 -2.57
CA LYS A 76 -5.46 -8.75 -3.68
C LYS A 76 -6.58 -7.75 -3.38
N ALA A 77 -6.26 -6.49 -3.29
CA ALA A 77 -7.31 -5.47 -2.99
C ALA A 77 -7.98 -5.00 -4.28
N GLU A 78 -7.77 -5.73 -5.31
CA GLU A 78 -8.36 -5.38 -6.63
C GLU A 78 -8.22 -3.89 -6.93
N LEU A 79 -9.12 -3.09 -6.40
CA LEU A 79 -9.05 -1.61 -6.65
C LEU A 79 -7.62 -1.18 -6.98
N MET A 80 -6.74 -1.22 -6.02
CA MET A 80 -5.33 -0.80 -6.28
C MET A 80 -4.59 -1.82 -7.13
N GLU A 81 -3.41 -1.47 -7.60
CA GLU A 81 -2.62 -2.41 -8.43
C GLU A 81 -1.13 -2.07 -8.33
N ILE A 82 -0.34 -2.96 -7.81
CA ILE A 82 1.12 -2.67 -7.67
C ILE A 82 1.87 -3.08 -8.94
N SER A 83 2.82 -2.30 -9.35
CA SER A 83 3.60 -2.65 -10.58
C SER A 83 4.33 -3.99 -10.39
N GLU A 84 4.92 -4.51 -11.42
CA GLU A 84 5.65 -5.80 -11.29
C GLU A 84 7.06 -5.57 -10.74
N ASP A 85 7.51 -4.36 -10.73
CA ASP A 85 8.88 -4.08 -10.21
C ASP A 85 8.92 -4.23 -8.68
N LYS A 86 7.79 -4.32 -8.06
CA LYS A 86 7.76 -4.47 -6.57
C LYS A 86 8.44 -3.27 -5.90
N THR A 87 8.25 -2.09 -6.42
CA THR A 87 8.88 -0.89 -5.81
C THR A 87 8.02 0.35 -6.04
N LYS A 88 6.77 0.16 -6.35
CA LYS A 88 5.87 1.32 -6.58
C LYS A 88 4.40 0.89 -6.46
N ILE A 89 3.52 1.81 -6.16
CA ILE A 89 2.08 1.45 -6.02
C ILE A 89 1.24 2.45 -6.80
N ARG A 90 0.17 2.00 -7.41
CA ARG A 90 -0.68 2.94 -8.19
C ARG A 90 -2.16 2.60 -8.02
N ARG A 91 -3.01 3.56 -8.26
CA ARG A 91 -4.48 3.31 -8.13
C ARG A 91 -5.06 3.09 -9.53
N SER A 92 -5.91 2.12 -9.69
CA SER A 92 -6.50 1.86 -11.04
C SER A 92 -7.38 3.05 -11.46
N PRO A 93 -6.88 3.80 -12.40
CA PRO A 93 -7.63 4.97 -12.90
C PRO A 93 -8.91 4.49 -13.57
N SER A 94 -8.91 3.25 -13.98
CA SER A 94 -10.11 2.69 -14.65
C SER A 94 -11.05 2.09 -13.59
N LYS A 95 -10.72 2.25 -12.33
CA LYS A 95 -11.62 1.71 -11.27
C LYS A 95 -12.10 2.86 -10.38
N PRO A 96 -13.39 2.98 -10.26
CA PRO A 96 -13.98 4.08 -9.44
C PRO A 96 -13.63 3.89 -7.96
N LEU A 97 -13.50 4.97 -7.25
CA LEU A 97 -13.21 4.89 -5.80
C LEU A 97 -14.31 5.63 -5.04
N PRO A 98 -15.00 4.87 -4.26
CA PRO A 98 -16.13 5.39 -3.48
C PRO A 98 -15.70 5.83 -2.08
N GLU A 99 -16.46 6.70 -1.49
CA GLU A 99 -16.12 7.19 -0.12
C GLU A 99 -16.94 6.44 0.92
N VAL A 100 -16.34 6.11 2.04
CA VAL A 100 -17.08 5.38 3.10
C VAL A 100 -17.82 6.37 4.01
N THR A 101 -19.04 6.07 4.36
CA THR A 101 -19.80 7.00 5.25
C THR A 101 -19.80 6.48 6.69
N ASP A 102 -19.71 7.37 7.64
CA ASP A 102 -19.71 6.93 9.07
C ASP A 102 -21.12 6.55 9.52
N GLU A 103 -21.34 5.32 9.89
CA GLU A 103 -22.70 4.90 10.34
C GLU A 103 -23.72 5.18 9.24
N MET A 1 7.78 -30.74 -0.45
CA MET A 1 6.40 -30.28 -0.14
C MET A 1 6.30 -28.76 -0.35
N ALA A 2 5.22 -28.17 0.08
CA ALA A 2 5.06 -26.69 -0.11
C ALA A 2 4.65 -26.04 1.22
N GLU A 3 3.97 -24.94 1.16
CA GLU A 3 3.55 -24.25 2.42
C GLU A 3 2.67 -25.18 3.26
N ASN A 4 2.27 -24.76 4.43
CA ASN A 4 1.42 -25.62 5.28
C ASN A 4 0.91 -24.83 6.50
N GLY A 5 0.56 -23.58 6.30
CA GLY A 5 0.06 -22.77 7.44
C GLY A 5 1.01 -22.92 8.63
N ASP A 6 2.29 -22.85 8.39
CA ASP A 6 3.26 -22.99 9.52
C ASP A 6 3.89 -21.63 9.85
N ASN A 7 3.35 -20.57 9.31
CA ASN A 7 3.91 -19.22 9.60
C ASN A 7 2.78 -18.24 9.94
N GLU A 8 2.24 -18.36 11.12
CA GLU A 8 1.14 -17.43 11.54
C GLU A 8 1.70 -16.04 11.81
N LYS A 9 2.78 -15.95 12.53
CA LYS A 9 3.38 -14.62 12.83
C LYS A 9 3.82 -13.93 11.54
N MET A 10 4.59 -14.60 10.73
CA MET A 10 5.05 -13.98 9.45
C MET A 10 3.87 -13.76 8.51
N ALA A 11 2.93 -14.67 8.52
CA ALA A 11 1.74 -14.52 7.62
C ALA A 11 1.02 -13.20 7.93
N ALA A 12 0.86 -12.89 9.19
CA ALA A 12 0.17 -11.63 9.57
C ALA A 12 1.08 -10.43 9.23
N LEU A 13 2.37 -10.61 9.35
CA LEU A 13 3.29 -9.49 9.03
C LEU A 13 3.12 -9.06 7.57
N GLU A 14 3.03 -9.99 6.67
CA GLU A 14 2.86 -9.62 5.24
C GLU A 14 1.48 -8.98 5.01
N ALA A 15 0.45 -9.54 5.59
CA ALA A 15 -0.91 -8.96 5.42
C ALA A 15 -1.02 -7.62 6.14
N LYS A 16 -0.38 -7.50 7.27
CA LYS A 16 -0.45 -6.21 8.03
C LYS A 16 0.08 -5.06 7.17
N ILE A 17 1.17 -5.28 6.48
CA ILE A 17 1.73 -4.19 5.63
C ILE A 17 0.73 -3.81 4.54
N CYS A 18 0.13 -4.78 3.91
CA CYS A 18 -0.86 -4.47 2.84
C CYS A 18 -2.01 -3.64 3.40
N HIS A 19 -2.43 -3.93 4.60
CA HIS A 19 -3.55 -3.15 5.21
C HIS A 19 -3.19 -1.66 5.27
N GLN A 20 -1.95 -1.35 5.51
CA GLN A 20 -1.56 0.09 5.56
C GLN A 20 -1.78 0.73 4.19
N ILE A 21 -1.31 0.09 3.15
CA ILE A 21 -1.53 0.64 1.78
C ILE A 21 -3.03 0.77 1.56
N GLU A 22 -3.78 -0.15 2.08
CA GLU A 22 -5.26 -0.08 1.94
C GLU A 22 -5.80 1.18 2.61
N TYR A 23 -5.19 1.60 3.68
CA TYR A 23 -5.67 2.83 4.38
C TYR A 23 -5.61 4.05 3.45
N TYR A 24 -4.54 4.23 2.73
CA TYR A 24 -4.46 5.42 1.82
C TYR A 24 -5.28 5.19 0.56
N PHE A 25 -5.23 4.00 0.01
CA PHE A 25 -5.99 3.73 -1.24
C PHE A 25 -7.34 3.06 -0.95
N GLY A 26 -7.49 2.43 0.18
CA GLY A 26 -8.76 1.73 0.52
C GLY A 26 -9.98 2.65 0.36
N ASP A 27 -10.04 3.39 -0.72
CA ASP A 27 -11.21 4.30 -0.95
C ASP A 27 -11.41 5.30 0.19
N PHE A 28 -10.79 5.11 1.32
CA PHE A 28 -10.99 6.09 2.43
C PHE A 28 -10.12 7.33 2.24
N ASN A 29 -8.86 7.14 1.96
CA ASN A 29 -7.94 8.31 1.77
C ASN A 29 -8.10 8.94 0.38
N LEU A 30 -8.38 8.15 -0.62
CA LEU A 30 -8.50 8.70 -2.01
C LEU A 30 -9.56 9.80 -2.12
N PRO A 31 -10.66 9.63 -1.44
CA PRO A 31 -11.74 10.63 -1.49
C PRO A 31 -11.25 12.01 -1.04
N ARG A 32 -10.10 12.07 -0.42
CA ARG A 32 -9.59 13.41 0.04
C ARG A 32 -8.05 13.40 0.12
N ASP A 33 -7.42 12.33 -0.26
CA ASP A 33 -5.94 12.27 -0.17
C ASP A 33 -5.28 13.35 -1.02
N LYS A 34 -4.88 14.43 -0.40
CA LYS A 34 -4.22 15.53 -1.17
C LYS A 34 -2.83 15.10 -1.61
N PHE A 35 -2.07 14.53 -0.72
CA PHE A 35 -0.70 14.08 -1.06
C PHE A 35 -0.75 12.92 -2.05
N LEU A 36 -1.65 11.98 -1.84
CA LEU A 36 -1.76 10.84 -2.79
C LEU A 36 -2.16 11.35 -4.18
N LYS A 37 -2.98 12.36 -4.21
CA LYS A 37 -3.39 12.95 -5.52
C LYS A 37 -2.18 13.53 -6.22
N GLU A 38 -1.24 14.00 -5.46
CA GLU A 38 0.00 14.58 -6.06
C GLU A 38 0.78 13.47 -6.79
N GLN A 39 0.98 12.36 -6.14
CA GLN A 39 1.73 11.24 -6.80
C GLN A 39 0.89 10.62 -7.91
N ILE A 40 -0.34 10.31 -7.63
CA ILE A 40 -1.21 9.70 -8.67
C ILE A 40 -1.32 10.63 -9.88
N LYS A 41 -1.40 11.91 -9.63
CA LYS A 41 -1.52 12.88 -10.76
C LYS A 41 -0.14 13.13 -11.38
N LEU A 42 0.90 13.03 -10.61
CA LEU A 42 2.26 13.26 -11.16
C LEU A 42 2.49 12.42 -12.41
N ASP A 43 3.00 11.22 -12.25
CA ASP A 43 3.22 10.35 -13.44
C ASP A 43 1.88 9.85 -13.97
N GLU A 44 1.75 8.58 -14.23
CA GLU A 44 0.46 8.04 -14.73
C GLU A 44 -0.26 7.30 -13.60
N GLY A 45 -0.35 7.89 -12.45
CA GLY A 45 -1.01 7.21 -11.30
C GLY A 45 -0.08 6.16 -10.73
N TRP A 46 1.07 6.57 -10.25
CA TRP A 46 2.04 5.58 -9.69
C TRP A 46 2.83 6.21 -8.54
N VAL A 47 2.55 5.81 -7.33
CA VAL A 47 3.31 6.37 -6.17
C VAL A 47 4.36 5.35 -5.69
N PRO A 48 5.48 5.86 -5.29
CA PRO A 48 6.57 5.01 -4.81
C PRO A 48 6.42 4.78 -3.31
N LEU A 49 6.72 3.61 -2.86
CA LEU A 49 6.57 3.31 -1.40
C LEU A 49 7.42 4.27 -0.56
N GLU A 50 8.14 5.17 -1.18
CA GLU A 50 8.97 6.12 -0.39
C GLU A 50 8.05 6.92 0.53
N ILE A 51 6.97 7.40 0.00
CA ILE A 51 6.00 8.19 0.81
C ILE A 51 5.32 7.28 1.83
N MET A 52 5.03 6.07 1.46
CA MET A 52 4.38 5.14 2.41
C MET A 52 5.39 4.59 3.41
N ILE A 53 6.54 4.18 2.94
CA ILE A 53 7.57 3.61 3.86
C ILE A 53 8.12 4.70 4.79
N LYS A 54 7.68 5.91 4.64
CA LYS A 54 8.18 6.99 5.53
C LYS A 54 7.00 7.63 6.29
N PHE A 55 5.81 7.34 5.86
CA PHE A 55 4.61 7.91 6.55
C PHE A 55 4.49 7.33 7.97
N ASN A 56 4.05 8.12 8.91
CA ASN A 56 3.91 7.61 10.31
C ASN A 56 2.91 6.45 10.36
N ARG A 57 2.04 6.37 9.40
CA ARG A 57 1.04 5.26 9.41
C ARG A 57 1.69 3.94 8.99
N LEU A 58 2.69 4.00 8.16
CA LEU A 58 3.37 2.74 7.72
C LEU A 58 4.79 2.68 8.28
N ASN A 59 5.51 3.77 8.23
CA ASN A 59 6.90 3.77 8.76
C ASN A 59 6.91 3.36 10.24
N ARG A 60 5.80 3.50 10.91
CA ARG A 60 5.73 3.11 12.35
C ARG A 60 5.85 1.59 12.49
N LEU A 61 5.87 0.87 11.39
CA LEU A 61 5.98 -0.61 11.46
C LEU A 61 7.05 -1.12 10.50
N THR A 62 6.73 -1.25 9.25
CA THR A 62 7.74 -1.74 8.27
C THR A 62 8.18 -0.61 7.34
N THR A 63 9.41 -0.59 6.94
CA THR A 63 9.90 0.48 6.03
C THR A 63 10.88 -0.10 5.00
N ASP A 64 11.03 -1.39 4.96
CA ASP A 64 11.98 -2.00 4.00
C ASP A 64 11.29 -2.21 2.64
N PHE A 65 11.59 -1.37 1.68
CA PHE A 65 10.96 -1.52 0.34
C PHE A 65 10.79 -3.00 -0.02
N ASN A 66 11.80 -3.79 0.19
CA ASN A 66 11.68 -5.24 -0.15
C ASN A 66 10.66 -5.92 0.77
N VAL A 67 10.68 -5.63 2.03
CA VAL A 67 9.71 -6.27 2.96
C VAL A 67 8.30 -5.72 2.71
N ILE A 68 8.18 -4.44 2.56
CA ILE A 68 6.85 -3.81 2.31
C ILE A 68 6.33 -4.23 0.94
N VAL A 69 7.15 -4.14 -0.06
CA VAL A 69 6.72 -4.50 -1.43
C VAL A 69 6.43 -6.01 -1.51
N GLU A 70 7.17 -6.82 -0.81
CA GLU A 70 6.89 -8.28 -0.87
C GLU A 70 5.44 -8.54 -0.45
N ALA A 71 5.03 -7.99 0.66
CA ALA A 71 3.63 -8.17 1.12
C ALA A 71 2.70 -7.43 0.16
N LEU A 72 3.17 -6.32 -0.36
CA LEU A 72 2.34 -5.52 -1.30
C LEU A 72 2.25 -6.23 -2.65
N SER A 73 3.30 -6.86 -3.08
CA SER A 73 3.28 -7.57 -4.39
C SER A 73 2.42 -8.84 -4.30
N LYS A 74 2.20 -9.32 -3.10
CA LYS A 74 1.37 -10.55 -2.95
C LYS A 74 -0.08 -10.18 -2.66
N SER A 75 -0.35 -8.94 -2.37
CA SER A 75 -1.74 -8.52 -2.06
C SER A 75 -2.70 -8.89 -3.20
N LYS A 76 -3.96 -9.05 -2.89
CA LYS A 76 -4.96 -9.41 -3.93
C LYS A 76 -6.34 -8.86 -3.56
N ALA A 77 -6.44 -7.59 -3.31
CA ALA A 77 -7.75 -6.99 -2.94
C ALA A 77 -8.38 -6.28 -4.13
N GLU A 78 -7.86 -6.55 -5.27
CA GLU A 78 -8.38 -5.92 -6.51
C GLU A 78 -8.65 -4.43 -6.26
N LEU A 79 -7.80 -3.80 -5.48
CA LEU A 79 -8.00 -2.36 -5.19
C LEU A 79 -6.72 -1.56 -5.49
N MET A 80 -5.67 -2.25 -5.86
CA MET A 80 -4.40 -1.55 -6.18
C MET A 80 -3.55 -2.37 -7.15
N GLU A 81 -2.53 -1.78 -7.71
CA GLU A 81 -1.66 -2.53 -8.66
C GLU A 81 -0.20 -2.11 -8.46
N ILE A 82 0.73 -2.96 -8.83
CA ILE A 82 2.17 -2.61 -8.65
C ILE A 82 2.88 -2.58 -10.01
N SER A 83 3.80 -1.68 -10.18
CA SER A 83 4.53 -1.59 -11.48
C SER A 83 5.38 -2.85 -11.70
N GLU A 84 6.24 -2.81 -12.69
CA GLU A 84 7.10 -4.01 -12.97
C GLU A 84 8.33 -4.02 -12.07
N ASP A 85 8.90 -2.88 -11.80
CA ASP A 85 10.12 -2.86 -10.94
C ASP A 85 9.77 -3.15 -9.48
N LYS A 86 8.51 -3.11 -9.14
CA LYS A 86 8.12 -3.40 -7.73
C LYS A 86 8.62 -2.27 -6.80
N THR A 87 8.42 -1.04 -7.18
CA THR A 87 8.88 0.09 -6.33
C THR A 87 7.83 1.19 -6.31
N LYS A 88 6.61 0.87 -6.66
CA LYS A 88 5.53 1.91 -6.69
C LYS A 88 4.16 1.23 -6.66
N ILE A 89 3.15 1.93 -6.24
CA ILE A 89 1.78 1.32 -6.20
C ILE A 89 0.77 2.33 -6.76
N ARG A 90 -0.36 1.87 -7.21
CA ARG A 90 -1.37 2.81 -7.78
C ARG A 90 -2.79 2.27 -7.59
N ARG A 91 -3.77 3.14 -7.62
CA ARG A 91 -5.17 2.68 -7.46
C ARG A 91 -5.72 2.26 -8.82
N SER A 92 -6.42 1.16 -8.90
CA SER A 92 -6.96 0.72 -10.21
C SER A 92 -7.99 1.73 -10.71
N PRO A 93 -7.60 2.46 -11.72
CA PRO A 93 -8.50 3.48 -12.31
C PRO A 93 -9.74 2.78 -12.87
N SER A 94 -9.61 1.52 -13.16
CA SER A 94 -10.76 0.76 -13.70
C SER A 94 -11.74 0.44 -12.58
N LYS A 95 -11.42 0.77 -11.36
CA LYS A 95 -12.36 0.50 -10.23
C LYS A 95 -12.76 1.81 -9.56
N PRO A 96 -14.04 1.98 -9.37
CA PRO A 96 -14.55 3.22 -8.74
C PRO A 96 -14.16 3.30 -7.26
N LEU A 97 -13.97 4.49 -6.76
CA LEU A 97 -13.61 4.67 -5.33
C LEU A 97 -14.65 5.57 -4.68
N PRO A 98 -15.33 5.00 -3.76
CA PRO A 98 -16.40 5.72 -3.04
C PRO A 98 -15.87 6.41 -1.79
N GLU A 99 -16.56 7.42 -1.34
CA GLU A 99 -16.12 8.16 -0.13
C GLU A 99 -17.06 7.86 1.04
N VAL A 100 -16.55 7.86 2.24
CA VAL A 100 -17.41 7.58 3.42
C VAL A 100 -17.66 8.88 4.21
N THR A 101 -18.82 9.00 4.81
CA THR A 101 -19.12 10.25 5.58
C THR A 101 -19.04 9.96 7.08
N ASP A 102 -18.43 10.83 7.84
CA ASP A 102 -18.31 10.60 9.30
C ASP A 102 -19.51 11.22 10.03
N GLU A 103 -20.34 10.41 10.63
CA GLU A 103 -21.52 10.95 11.35
C GLU A 103 -21.09 12.07 12.30
N MET A 1 -1.33 -29.16 16.25
CA MET A 1 -1.33 -28.03 15.27
C MET A 1 -0.33 -28.31 14.15
N ALA A 2 -0.32 -29.51 13.64
CA ALA A 2 0.63 -29.84 12.54
C ALA A 2 2.02 -29.28 12.86
N GLU A 3 2.33 -29.12 14.11
CA GLU A 3 3.68 -28.58 14.48
C GLU A 3 3.91 -27.23 13.81
N ASN A 4 5.13 -26.76 13.79
CA ASN A 4 5.42 -25.45 13.15
C ASN A 4 5.26 -25.56 11.63
N GLY A 5 4.76 -24.53 11.00
CA GLY A 5 4.58 -24.57 9.52
C GLY A 5 5.09 -23.27 8.91
N ASP A 6 6.10 -23.34 8.08
CA ASP A 6 6.64 -22.11 7.44
C ASP A 6 6.84 -21.02 8.50
N ASN A 7 6.57 -19.80 8.16
CA ASN A 7 6.73 -18.68 9.15
C ASN A 7 5.45 -17.85 9.23
N GLU A 8 4.74 -17.95 10.31
CA GLU A 8 3.47 -17.16 10.45
C GLU A 8 3.80 -15.68 10.70
N LYS A 9 4.88 -15.41 11.38
CA LYS A 9 5.23 -13.98 11.67
C LYS A 9 5.29 -13.18 10.37
N MET A 10 6.02 -13.66 9.40
CA MET A 10 6.12 -12.92 8.10
C MET A 10 4.78 -12.99 7.35
N ALA A 11 4.11 -14.11 7.44
CA ALA A 11 2.81 -14.25 6.73
C ALA A 11 1.85 -13.17 7.22
N ALA A 12 1.78 -12.97 8.50
CA ALA A 12 0.86 -11.92 9.05
C ALA A 12 1.40 -10.53 8.70
N LEU A 13 2.70 -10.38 8.66
CA LEU A 13 3.29 -9.06 8.32
C LEU A 13 2.93 -8.66 6.89
N GLU A 14 2.87 -9.62 6.00
CA GLU A 14 2.52 -9.31 4.59
C GLU A 14 1.12 -8.70 4.52
N ALA A 15 0.18 -9.28 5.19
CA ALA A 15 -1.20 -8.74 5.17
C ALA A 15 -1.30 -7.47 6.01
N LYS A 16 -0.64 -7.44 7.13
CA LYS A 16 -0.69 -6.23 8.00
C LYS A 16 -0.23 -4.99 7.22
N ILE A 17 0.81 -5.13 6.43
CA ILE A 17 1.30 -3.97 5.63
C ILE A 17 0.34 -3.68 4.48
N CYS A 18 -0.15 -4.69 3.82
CA CYS A 18 -1.09 -4.47 2.69
C CYS A 18 -2.36 -3.78 3.19
N HIS A 19 -2.87 -4.19 4.32
CA HIS A 19 -4.10 -3.56 4.87
C HIS A 19 -3.86 -2.06 5.07
N GLN A 20 -2.68 -1.69 5.48
CA GLN A 20 -2.41 -0.23 5.68
C GLN A 20 -2.53 0.50 4.35
N ILE A 21 -1.92 -0.03 3.32
CA ILE A 21 -2.03 0.63 1.99
C ILE A 21 -3.51 0.70 1.61
N GLU A 22 -4.25 -0.31 1.98
CA GLU A 22 -5.71 -0.31 1.68
C GLU A 22 -6.38 0.89 2.34
N TYR A 23 -5.92 1.28 3.49
CA TYR A 23 -6.54 2.44 4.19
C TYR A 23 -6.40 3.74 3.37
N TYR A 24 -5.24 4.00 2.82
CA TYR A 24 -5.10 5.27 2.02
C TYR A 24 -5.74 5.09 0.64
N PHE A 25 -5.56 3.95 0.05
CA PHE A 25 -6.12 3.74 -1.32
C PHE A 25 -7.51 3.10 -1.28
N GLY A 26 -7.85 2.43 -0.21
CA GLY A 26 -9.18 1.76 -0.12
C GLY A 26 -10.32 2.74 -0.43
N ASP A 27 -10.18 3.54 -1.45
CA ASP A 27 -11.26 4.50 -1.82
C ASP A 27 -11.62 5.44 -0.65
N PHE A 28 -11.16 5.17 0.54
CA PHE A 28 -11.52 6.06 1.67
C PHE A 28 -10.64 7.32 1.67
N ASN A 29 -9.35 7.14 1.58
CA ASN A 29 -8.44 8.32 1.60
C ASN A 29 -8.41 9.07 0.26
N LEU A 30 -8.53 8.37 -0.83
CA LEU A 30 -8.45 9.05 -2.17
C LEU A 30 -9.51 10.15 -2.33
N PRO A 31 -10.67 9.92 -1.79
CA PRO A 31 -11.77 10.92 -1.91
C PRO A 31 -11.35 12.27 -1.31
N ARG A 32 -10.39 12.28 -0.43
CA ARG A 32 -9.96 13.58 0.17
C ARG A 32 -8.44 13.63 0.35
N ASP A 33 -7.75 12.56 0.08
CA ASP A 33 -6.28 12.54 0.27
C ASP A 33 -5.59 13.60 -0.60
N LYS A 34 -5.16 14.68 -0.01
CA LYS A 34 -4.46 15.73 -0.79
C LYS A 34 -3.05 15.27 -1.13
N PHE A 35 -2.36 14.71 -0.18
CA PHE A 35 -0.97 14.22 -0.43
C PHE A 35 -1.00 13.04 -1.41
N LEU A 36 -1.92 12.14 -1.22
CA LEU A 36 -2.01 10.96 -2.14
C LEU A 36 -2.36 11.45 -3.54
N LYS A 37 -3.16 12.49 -3.64
CA LYS A 37 -3.52 13.02 -4.99
C LYS A 37 -2.27 13.56 -5.68
N GLU A 38 -1.31 14.02 -4.92
CA GLU A 38 -0.06 14.55 -5.54
C GLU A 38 0.74 13.40 -6.16
N GLN A 39 0.89 12.33 -5.44
CA GLN A 39 1.66 11.17 -5.99
C GLN A 39 0.84 10.48 -7.09
N ILE A 40 -0.44 10.27 -6.85
CA ILE A 40 -1.28 9.61 -7.89
C ILE A 40 -1.22 10.43 -9.18
N LYS A 41 -1.22 11.73 -9.07
CA LYS A 41 -1.14 12.57 -10.30
C LYS A 41 0.31 12.65 -10.79
N LEU A 42 1.25 12.54 -9.87
CA LEU A 42 2.69 12.61 -10.25
C LEU A 42 2.92 12.23 -11.71
N ASP A 43 2.68 11.00 -12.08
CA ASP A 43 2.90 10.61 -13.50
C ASP A 43 2.29 9.24 -13.81
N GLU A 44 1.16 9.21 -14.45
CA GLU A 44 0.51 7.93 -14.84
C GLU A 44 -0.16 7.27 -13.63
N GLY A 45 -0.09 7.89 -12.48
CA GLY A 45 -0.73 7.29 -11.29
C GLY A 45 0.21 6.22 -10.74
N TRP A 46 1.38 6.62 -10.31
CA TRP A 46 2.34 5.62 -9.74
C TRP A 46 3.11 6.24 -8.57
N VAL A 47 2.83 5.81 -7.38
CA VAL A 47 3.55 6.37 -6.20
C VAL A 47 4.62 5.38 -5.72
N PRO A 48 5.76 5.90 -5.36
CA PRO A 48 6.85 5.05 -4.89
C PRO A 48 6.74 4.86 -3.37
N LEU A 49 7.11 3.71 -2.89
CA LEU A 49 6.99 3.46 -1.42
C LEU A 49 7.80 4.48 -0.63
N GLU A 50 8.44 5.41 -1.29
CA GLU A 50 9.18 6.45 -0.53
C GLU A 50 8.17 7.28 0.25
N ILE A 51 7.10 7.60 -0.40
CA ILE A 51 6.01 8.38 0.26
C ILE A 51 5.47 7.58 1.45
N MET A 52 5.31 6.32 1.25
CA MET A 52 4.79 5.42 2.33
C MET A 52 5.89 5.11 3.34
N ILE A 53 7.08 4.84 2.86
CA ILE A 53 8.20 4.48 3.78
C ILE A 53 8.51 5.61 4.77
N LYS A 54 8.47 6.85 4.36
CA LYS A 54 8.76 7.95 5.31
C LYS A 54 7.49 8.37 6.04
N PHE A 55 6.35 7.96 5.56
CA PHE A 55 5.07 8.33 6.22
C PHE A 55 4.93 7.59 7.55
N ASN A 56 4.74 8.32 8.63
CA ASN A 56 4.60 7.66 9.96
C ASN A 56 3.36 6.75 9.96
N ARG A 57 2.42 7.02 9.10
CA ARG A 57 1.19 6.17 9.06
C ARG A 57 1.55 4.71 8.78
N LEU A 58 2.44 4.47 7.86
CA LEU A 58 2.83 3.07 7.55
C LEU A 58 4.25 2.79 8.03
N ASN A 59 5.09 3.79 8.05
CA ASN A 59 6.49 3.59 8.51
C ASN A 59 6.50 3.00 9.92
N ARG A 60 5.44 3.18 10.65
CA ARG A 60 5.39 2.63 12.04
C ARG A 60 5.56 1.11 12.00
N LEU A 61 5.42 0.50 10.86
CA LEU A 61 5.57 -0.98 10.76
C LEU A 61 6.93 -1.32 10.14
N THR A 62 7.07 -1.09 8.86
CA THR A 62 8.37 -1.41 8.18
C THR A 62 8.64 -0.42 7.05
N THR A 63 9.88 -0.20 6.73
CA THR A 63 10.22 0.76 5.63
C THR A 63 11.12 0.07 4.60
N ASP A 64 11.51 -1.15 4.85
CA ASP A 64 12.39 -1.87 3.89
C ASP A 64 11.68 -2.02 2.54
N PHE A 65 12.04 -1.22 1.58
CA PHE A 65 11.39 -1.31 0.25
C PHE A 65 11.21 -2.78 -0.16
N ASN A 66 12.19 -3.61 0.10
CA ASN A 66 12.07 -5.05 -0.28
C ASN A 66 11.05 -5.75 0.63
N VAL A 67 11.09 -5.47 1.91
CA VAL A 67 10.13 -6.12 2.84
C VAL A 67 8.72 -5.58 2.62
N ILE A 68 8.60 -4.29 2.44
CA ILE A 68 7.24 -3.69 2.23
C ILE A 68 6.66 -4.16 0.89
N VAL A 69 7.43 -4.11 -0.15
CA VAL A 69 6.92 -4.55 -1.49
C VAL A 69 6.60 -6.05 -1.47
N GLU A 70 7.37 -6.82 -0.74
CA GLU A 70 7.12 -8.28 -0.69
C GLU A 70 5.69 -8.57 -0.20
N ALA A 71 5.21 -7.80 0.75
CA ALA A 71 3.83 -8.02 1.27
C ALA A 71 2.82 -7.66 0.18
N LEU A 72 3.09 -6.65 -0.60
CA LEU A 72 2.13 -6.26 -1.67
C LEU A 72 2.19 -7.26 -2.83
N SER A 73 3.34 -7.83 -3.08
CA SER A 73 3.45 -8.82 -4.19
C SER A 73 2.38 -9.90 -4.05
N LYS A 74 1.88 -10.11 -2.85
CA LYS A 74 0.84 -11.16 -2.65
C LYS A 74 -0.54 -10.50 -2.54
N SER A 75 -0.58 -9.21 -2.35
CA SER A 75 -1.90 -8.51 -2.21
C SER A 75 -2.80 -8.78 -3.41
N LYS A 76 -4.09 -8.67 -3.22
CA LYS A 76 -5.04 -8.91 -4.33
C LYS A 76 -6.45 -8.49 -3.92
N ALA A 77 -6.63 -7.25 -3.56
CA ALA A 77 -7.99 -6.79 -3.15
C ALA A 77 -8.65 -6.01 -4.28
N GLU A 78 -8.10 -6.15 -5.45
CA GLU A 78 -8.66 -5.44 -6.63
C GLU A 78 -8.68 -3.93 -6.37
N LEU A 79 -7.96 -3.47 -5.39
CA LEU A 79 -7.94 -2.01 -5.09
C LEU A 79 -6.51 -1.49 -5.12
N MET A 80 -5.55 -2.39 -5.12
CA MET A 80 -4.12 -1.94 -5.15
C MET A 80 -3.45 -2.44 -6.43
N GLU A 81 -2.46 -1.73 -6.91
CA GLU A 81 -1.76 -2.17 -8.14
C GLU A 81 -0.30 -1.73 -8.12
N ILE A 82 0.61 -2.62 -8.37
CA ILE A 82 2.06 -2.25 -8.36
C ILE A 82 2.69 -2.52 -9.73
N SER A 83 3.58 -1.67 -10.15
CA SER A 83 4.23 -1.87 -11.48
C SER A 83 4.83 -3.28 -11.57
N GLU A 84 5.56 -3.56 -12.63
CA GLU A 84 6.16 -4.91 -12.77
C GLU A 84 7.48 -5.00 -12.00
N ASP A 85 8.01 -3.87 -11.57
CA ASP A 85 9.28 -3.91 -10.81
C ASP A 85 9.02 -4.05 -9.31
N LYS A 86 7.79 -3.89 -8.89
CA LYS A 86 7.48 -4.03 -7.44
C LYS A 86 8.13 -2.89 -6.65
N THR A 87 8.05 -1.69 -7.15
CA THR A 87 8.67 -0.54 -6.42
C THR A 87 7.74 0.67 -6.45
N LYS A 88 6.46 0.46 -6.60
CA LYS A 88 5.51 1.60 -6.64
C LYS A 88 4.08 1.11 -6.36
N ILE A 89 3.23 1.98 -5.89
CA ILE A 89 1.83 1.57 -5.59
C ILE A 89 0.86 2.64 -6.09
N ARG A 90 -0.28 2.22 -6.59
CA ARG A 90 -1.28 3.21 -7.09
C ARG A 90 -2.69 2.64 -6.94
N ARG A 91 -3.68 3.48 -6.93
CA ARG A 91 -5.08 2.98 -6.81
C ARG A 91 -5.48 2.33 -8.13
N SER A 92 -6.10 1.18 -8.10
CA SER A 92 -6.49 0.52 -9.37
C SER A 92 -7.51 1.37 -10.12
N PRO A 93 -7.07 1.96 -11.19
CA PRO A 93 -7.96 2.80 -12.01
C PRO A 93 -9.11 1.94 -12.54
N SER A 94 -8.88 0.66 -12.66
CA SER A 94 -9.95 -0.25 -13.14
C SER A 94 -11.11 -0.25 -12.14
N LYS A 95 -10.87 0.23 -10.95
CA LYS A 95 -11.97 0.28 -9.94
C LYS A 95 -12.23 1.73 -9.53
N PRO A 96 -13.45 2.16 -9.69
CA PRO A 96 -13.81 3.55 -9.34
C PRO A 96 -13.75 3.77 -7.84
N LEU A 97 -13.43 4.97 -7.43
CA LEU A 97 -13.38 5.30 -5.99
C LEU A 97 -14.33 6.46 -5.73
N PRO A 98 -15.29 6.18 -4.93
CA PRO A 98 -16.33 7.17 -4.60
C PRO A 98 -15.97 7.96 -3.36
N GLU A 99 -16.52 9.14 -3.23
CA GLU A 99 -16.22 9.99 -2.04
C GLU A 99 -17.49 10.20 -1.22
N VAL A 100 -17.35 10.35 0.08
CA VAL A 100 -18.55 10.57 0.94
C VAL A 100 -18.89 12.05 1.00
N THR A 101 -20.15 12.38 1.11
CA THR A 101 -20.53 13.82 1.17
C THR A 101 -21.15 14.15 2.53
N ASP A 102 -20.88 15.30 3.06
CA ASP A 102 -21.44 15.68 4.39
C ASP A 102 -22.95 15.93 4.27
N GLU A 103 -23.73 15.32 5.12
CA GLU A 103 -25.22 15.53 5.05
C GLU A 103 -25.75 15.99 6.41
N MET A 1 14.69 -17.13 9.34
CA MET A 1 14.65 -18.23 10.34
C MET A 1 15.44 -17.84 11.59
N ALA A 2 16.70 -17.53 11.43
CA ALA A 2 17.54 -17.14 12.60
C ALA A 2 17.43 -18.21 13.70
N GLU A 3 17.48 -17.80 14.95
CA GLU A 3 17.37 -18.80 16.05
C GLU A 3 16.02 -18.66 16.76
N ASN A 4 15.31 -19.75 16.92
CA ASN A 4 13.99 -19.70 17.60
C ASN A 4 13.26 -18.40 17.24
N GLY A 5 12.66 -18.34 16.08
CA GLY A 5 11.93 -17.10 15.69
C GLY A 5 10.62 -17.49 14.99
N ASP A 6 10.63 -18.53 14.21
CA ASP A 6 9.38 -18.96 13.51
C ASP A 6 8.98 -17.90 12.47
N ASN A 7 8.13 -18.26 11.56
CA ASN A 7 7.69 -17.27 10.51
C ASN A 7 6.26 -16.79 10.82
N GLU A 8 5.76 -17.08 11.98
CA GLU A 8 4.38 -16.63 12.32
C GLU A 8 4.30 -15.11 12.34
N LYS A 9 5.20 -14.46 13.03
CA LYS A 9 5.17 -12.98 13.07
C LYS A 9 5.22 -12.40 11.65
N MET A 10 6.02 -12.96 10.80
CA MET A 10 6.10 -12.46 9.40
C MET A 10 4.73 -12.54 8.73
N ALA A 11 3.99 -13.57 9.02
CA ALA A 11 2.64 -13.70 8.40
C ALA A 11 1.78 -12.49 8.75
N ALA A 12 1.78 -12.08 9.99
CA ALA A 12 0.98 -10.89 10.38
C ALA A 12 1.63 -9.62 9.81
N LEU A 13 2.93 -9.61 9.72
CA LEU A 13 3.62 -8.41 9.16
C LEU A 13 3.28 -8.24 7.68
N GLU A 14 3.26 -9.32 6.94
CA GLU A 14 2.94 -9.22 5.49
C GLU A 14 1.53 -8.65 5.31
N ALA A 15 0.59 -9.14 6.06
CA ALA A 15 -0.81 -8.64 5.94
C ALA A 15 -0.89 -7.20 6.46
N LYS A 16 -0.14 -6.87 7.47
CA LYS A 16 -0.17 -5.48 8.01
C LYS A 16 0.20 -4.49 6.90
N ILE A 17 1.15 -4.83 6.09
CA ILE A 17 1.56 -3.91 4.99
C ILE A 17 0.44 -3.81 3.96
N CYS A 18 -0.30 -4.87 3.77
CA CYS A 18 -1.42 -4.84 2.79
C CYS A 18 -2.60 -4.02 3.33
N HIS A 19 -2.89 -4.17 4.59
CA HIS A 19 -4.04 -3.41 5.18
C HIS A 19 -3.72 -1.92 5.27
N GLN A 20 -2.51 -1.57 5.62
CA GLN A 20 -2.18 -0.12 5.70
C GLN A 20 -2.34 0.52 4.33
N ILE A 21 -1.82 -0.10 3.30
CA ILE A 21 -1.98 0.47 1.94
C ILE A 21 -3.48 0.61 1.67
N GLU A 22 -4.25 -0.30 2.16
CA GLU A 22 -5.72 -0.23 1.97
C GLU A 22 -6.26 1.05 2.60
N TYR A 23 -5.68 1.48 3.69
CA TYR A 23 -6.17 2.73 4.36
C TYR A 23 -6.05 3.94 3.40
N TYR A 24 -4.95 4.08 2.71
CA TYR A 24 -4.82 5.25 1.78
C TYR A 24 -5.60 5.01 0.49
N PHE A 25 -5.57 3.81 -0.01
CA PHE A 25 -6.28 3.53 -1.30
C PHE A 25 -7.55 2.69 -1.10
N GLY A 26 -7.61 1.96 -0.02
CA GLY A 26 -8.82 1.11 0.24
C GLY A 26 -10.07 1.78 -0.32
N ASP A 27 -10.32 3.00 0.09
CA ASP A 27 -11.53 3.73 -0.41
C ASP A 27 -11.78 4.95 0.47
N PHE A 28 -11.28 4.96 1.67
CA PHE A 28 -11.49 6.12 2.56
C PHE A 28 -10.52 7.25 2.23
N ASN A 29 -9.28 6.93 2.02
CA ASN A 29 -8.27 7.99 1.71
C ASN A 29 -8.38 8.47 0.26
N LEU A 30 -8.74 7.62 -0.65
CA LEU A 30 -8.82 8.04 -2.08
C LEU A 30 -9.77 9.22 -2.27
N PRO A 31 -10.95 9.11 -1.70
CA PRO A 31 -11.96 10.18 -1.82
C PRO A 31 -11.46 11.52 -1.25
N ARG A 32 -10.38 11.52 -0.52
CA ARG A 32 -9.88 12.81 0.04
C ARG A 32 -8.35 12.87 0.08
N ASP A 33 -7.69 11.83 -0.36
CA ASP A 33 -6.19 11.84 -0.29
C ASP A 33 -5.60 12.98 -1.11
N LYS A 34 -5.27 14.06 -0.46
CA LYS A 34 -4.67 15.23 -1.17
C LYS A 34 -3.22 14.91 -1.54
N PHE A 35 -2.48 14.39 -0.59
CA PHE A 35 -1.05 14.06 -0.86
C PHE A 35 -0.96 12.91 -1.84
N LEU A 36 -1.78 11.90 -1.68
CA LEU A 36 -1.75 10.76 -2.62
C LEU A 36 -2.10 11.25 -4.03
N LYS A 37 -2.98 12.21 -4.11
CA LYS A 37 -3.37 12.76 -5.44
C LYS A 37 -2.15 13.41 -6.11
N GLU A 38 -1.23 13.88 -5.33
CA GLU A 38 -0.01 14.53 -5.91
C GLU A 38 0.88 13.47 -6.57
N GLN A 39 1.08 12.36 -5.91
CA GLN A 39 1.94 11.28 -6.49
C GLN A 39 1.24 10.64 -7.69
N ILE A 40 -0.04 10.45 -7.59
CA ILE A 40 -0.78 9.83 -8.74
C ILE A 40 -0.81 10.80 -9.91
N LYS A 41 -0.87 12.07 -9.65
CA LYS A 41 -0.89 13.07 -10.76
C LYS A 41 0.53 13.30 -11.29
N LEU A 42 1.51 13.21 -10.42
CA LEU A 42 2.93 13.42 -10.88
C LEU A 42 3.15 12.73 -12.22
N ASP A 43 3.28 11.44 -12.22
CA ASP A 43 3.50 10.71 -13.51
C ASP A 43 2.15 10.24 -14.07
N GLU A 44 1.97 8.95 -14.21
CA GLU A 44 0.67 8.44 -14.74
C GLU A 44 -0.09 7.73 -13.62
N GLY A 45 -0.20 8.35 -12.48
CA GLY A 45 -0.92 7.71 -11.34
C GLY A 45 -0.02 6.62 -10.74
N TRP A 46 1.15 6.99 -10.29
CA TRP A 46 2.07 5.97 -9.70
C TRP A 46 2.83 6.55 -8.51
N VAL A 47 2.49 6.13 -7.32
CA VAL A 47 3.21 6.62 -6.12
C VAL A 47 4.19 5.56 -5.65
N PRO A 48 5.39 5.97 -5.35
CA PRO A 48 6.43 5.03 -4.90
C PRO A 48 6.31 4.77 -3.40
N LEU A 49 6.80 3.65 -2.96
CA LEU A 49 6.70 3.32 -1.51
C LEU A 49 7.42 4.37 -0.66
N GLU A 50 8.02 5.36 -1.27
CA GLU A 50 8.70 6.41 -0.46
C GLU A 50 7.64 7.11 0.39
N ILE A 51 6.53 7.38 -0.21
CA ILE A 51 5.40 8.04 0.52
C ILE A 51 4.95 7.13 1.66
N MET A 52 4.91 5.86 1.37
CA MET A 52 4.50 4.85 2.39
C MET A 52 5.65 4.58 3.37
N ILE A 53 6.85 4.47 2.86
CA ILE A 53 8.01 4.15 3.74
C ILE A 53 8.23 5.26 4.78
N LYS A 54 8.05 6.51 4.42
CA LYS A 54 8.26 7.58 5.43
C LYS A 54 6.99 7.79 6.27
N PHE A 55 5.85 7.57 5.69
CA PHE A 55 4.58 7.76 6.45
C PHE A 55 4.69 7.06 7.81
N ASN A 56 4.41 7.75 8.88
CA ASN A 56 4.50 7.13 10.23
C ASN A 56 3.61 5.87 10.29
N ARG A 57 2.54 5.86 9.56
CA ARG A 57 1.64 4.67 9.59
C ARG A 57 2.39 3.43 9.10
N LEU A 58 3.41 3.61 8.31
CA LEU A 58 4.18 2.43 7.81
C LEU A 58 5.58 2.41 8.41
N ASN A 59 6.25 3.53 8.43
CA ASN A 59 7.63 3.57 9.00
C ASN A 59 7.61 3.06 10.45
N ARG A 60 6.47 3.11 11.09
CA ARG A 60 6.38 2.62 12.49
C ARG A 60 6.42 1.09 12.53
N LEU A 61 6.46 0.46 11.39
CA LEU A 61 6.50 -1.03 11.36
C LEU A 61 7.52 -1.52 10.33
N THR A 62 7.10 -1.72 9.11
CA THR A 62 8.04 -2.19 8.06
C THR A 62 8.27 -1.09 7.02
N THR A 63 9.50 -0.70 6.81
CA THR A 63 9.79 0.36 5.82
C THR A 63 10.78 -0.15 4.77
N ASP A 64 11.31 -1.33 4.97
CA ASP A 64 12.29 -1.87 3.98
C ASP A 64 11.62 -2.04 2.61
N PHE A 65 11.90 -1.17 1.69
CA PHE A 65 11.29 -1.26 0.34
C PHE A 65 11.23 -2.73 -0.11
N ASN A 66 12.27 -3.48 0.14
CA ASN A 66 12.28 -4.92 -0.28
C ASN A 66 11.31 -5.72 0.60
N VAL A 67 11.31 -5.49 1.89
CA VAL A 67 10.40 -6.24 2.79
C VAL A 67 8.95 -5.81 2.57
N ILE A 68 8.71 -4.53 2.47
CA ILE A 68 7.32 -4.04 2.25
C ILE A 68 6.78 -4.55 0.92
N VAL A 69 7.56 -4.45 -0.11
CA VAL A 69 7.10 -4.93 -1.45
C VAL A 69 6.75 -6.42 -1.38
N GLU A 70 7.46 -7.17 -0.58
CA GLU A 70 7.17 -8.63 -0.48
C GLU A 70 5.76 -8.86 0.08
N ALA A 71 5.38 -8.10 1.07
CA ALA A 71 4.02 -8.30 1.66
C ALA A 71 2.93 -7.89 0.66
N LEU A 72 3.03 -6.71 0.11
CA LEU A 72 2.01 -6.26 -0.87
C LEU A 72 2.08 -7.11 -2.15
N SER A 73 3.24 -7.60 -2.47
CA SER A 73 3.38 -8.43 -3.70
C SER A 73 2.44 -9.64 -3.62
N LYS A 74 1.95 -9.94 -2.46
CA LYS A 74 1.02 -11.11 -2.32
C LYS A 74 -0.41 -10.62 -2.06
N SER A 75 -0.56 -9.38 -1.67
CA SER A 75 -1.92 -8.84 -1.37
C SER A 75 -2.85 -9.03 -2.57
N LYS A 76 -4.14 -9.05 -2.32
CA LYS A 76 -5.11 -9.23 -3.43
C LYS A 76 -6.43 -8.55 -3.08
N ALA A 77 -6.38 -7.33 -2.60
CA ALA A 77 -7.63 -6.61 -2.24
C ALA A 77 -8.15 -5.83 -3.44
N GLU A 78 -7.66 -6.17 -4.58
CA GLU A 78 -8.10 -5.48 -5.81
C GLU A 78 -8.07 -3.97 -5.62
N LEU A 79 -8.59 -3.22 -6.56
CA LEU A 79 -8.59 -1.73 -6.44
C LEU A 79 -7.17 -1.17 -6.44
N MET A 80 -6.17 -2.02 -6.41
CA MET A 80 -4.77 -1.52 -6.41
C MET A 80 -3.99 -2.07 -7.60
N GLU A 81 -2.86 -1.50 -7.90
CA GLU A 81 -2.06 -1.99 -9.06
C GLU A 81 -0.58 -1.64 -8.86
N ILE A 82 0.29 -2.56 -9.14
CA ILE A 82 1.75 -2.28 -8.96
C ILE A 82 2.49 -2.45 -10.30
N SER A 83 3.45 -1.60 -10.57
CA SER A 83 4.19 -1.71 -11.84
C SER A 83 4.96 -3.03 -11.90
N GLU A 84 5.89 -3.15 -12.80
CA GLU A 84 6.68 -4.43 -12.91
C GLU A 84 7.82 -4.44 -11.90
N ASP A 85 8.16 -3.31 -11.33
CA ASP A 85 9.29 -3.29 -10.35
C ASP A 85 8.76 -3.55 -8.93
N LYS A 86 7.47 -3.48 -8.73
CA LYS A 86 6.91 -3.72 -7.38
C LYS A 86 7.37 -2.64 -6.40
N THR A 87 7.98 -1.60 -6.90
CA THR A 87 8.45 -0.50 -6.00
C THR A 87 7.53 0.71 -6.12
N LYS A 88 6.27 0.49 -6.40
CA LYS A 88 5.32 1.63 -6.55
C LYS A 88 3.88 1.14 -6.43
N ILE A 89 2.97 2.00 -6.08
CA ILE A 89 1.55 1.58 -5.96
C ILE A 89 0.64 2.62 -6.64
N ARG A 90 -0.49 2.22 -7.14
CA ARG A 90 -1.38 3.20 -7.83
C ARG A 90 -2.85 2.78 -7.69
N ARG A 91 -3.76 3.72 -7.85
CA ARG A 91 -5.20 3.39 -7.77
C ARG A 91 -5.70 2.98 -9.16
N SER A 92 -6.48 1.94 -9.24
CA SER A 92 -6.98 1.50 -10.58
C SER A 92 -7.90 2.57 -11.17
N PRO A 93 -7.39 3.23 -12.18
CA PRO A 93 -8.19 4.29 -12.86
C PRO A 93 -9.41 3.66 -13.52
N SER A 94 -9.33 2.40 -13.84
CA SER A 94 -10.49 1.71 -14.46
C SER A 94 -11.45 1.21 -13.39
N LYS A 95 -11.15 1.47 -12.14
CA LYS A 95 -12.07 1.02 -11.05
C LYS A 95 -12.59 2.24 -10.28
N PRO A 96 -13.86 2.22 -10.00
CA PRO A 96 -14.49 3.34 -9.27
C PRO A 96 -13.98 3.42 -7.84
N LEU A 97 -13.94 4.60 -7.29
CA LEU A 97 -13.49 4.77 -5.89
C LEU A 97 -14.60 5.45 -5.12
N PRO A 98 -15.09 4.75 -4.16
CA PRO A 98 -16.21 5.23 -3.35
C PRO A 98 -15.72 5.95 -2.09
N GLU A 99 -16.55 6.80 -1.56
CA GLU A 99 -16.16 7.56 -0.33
C GLU A 99 -17.08 7.18 0.84
N VAL A 100 -16.58 7.21 2.04
CA VAL A 100 -17.44 6.85 3.21
C VAL A 100 -18.13 8.09 3.76
N THR A 101 -19.38 7.97 4.13
CA THR A 101 -20.12 9.15 4.67
C THR A 101 -20.56 8.88 6.11
N ASP A 102 -20.68 9.91 6.91
CA ASP A 102 -21.11 9.70 8.33
C ASP A 102 -22.62 9.87 8.46
N GLU A 103 -23.24 9.06 9.27
CA GLU A 103 -24.72 9.17 9.45
C GLU A 103 -25.43 8.91 8.11
N MET A 1 15.93 -12.71 1.31
CA MET A 1 17.01 -13.51 1.97
C MET A 1 16.89 -14.98 1.57
N ALA A 2 15.70 -15.51 1.57
CA ALA A 2 15.53 -16.94 1.20
C ALA A 2 14.03 -17.28 1.09
N GLU A 3 13.46 -17.11 -0.07
CA GLU A 3 12.01 -17.42 -0.24
C GLU A 3 11.20 -16.83 0.92
N ASN A 4 9.97 -17.22 1.05
CA ASN A 4 9.12 -16.68 2.16
C ASN A 4 8.59 -17.82 3.03
N GLY A 5 8.52 -17.62 4.31
CA GLY A 5 8.01 -18.70 5.21
C GLY A 5 8.92 -18.80 6.45
N ASP A 6 9.15 -17.71 7.12
CA ASP A 6 10.02 -17.76 8.33
C ASP A 6 9.70 -16.58 9.25
N ASN A 7 10.21 -16.61 10.46
CA ASN A 7 9.94 -15.49 11.40
C ASN A 7 8.43 -15.31 11.58
N GLU A 8 7.92 -15.61 12.75
CA GLU A 8 6.45 -15.45 12.98
C GLU A 8 6.05 -13.99 12.84
N LYS A 9 6.87 -13.09 13.33
CA LYS A 9 6.54 -11.63 13.23
C LYS A 9 6.40 -11.23 11.76
N MET A 10 7.12 -11.89 10.88
CA MET A 10 7.04 -11.53 9.44
C MET A 10 5.67 -11.93 8.88
N ALA A 11 5.14 -13.03 9.33
CA ALA A 11 3.81 -13.47 8.83
C ALA A 11 2.76 -12.39 9.10
N ALA A 12 2.67 -11.95 10.32
CA ALA A 12 1.67 -10.89 10.65
C ALA A 12 2.11 -9.55 10.04
N LEU A 13 3.38 -9.33 9.96
CA LEU A 13 3.89 -8.05 9.38
C LEU A 13 3.55 -7.97 7.88
N GLU A 14 3.64 -9.08 7.20
CA GLU A 14 3.33 -9.08 5.73
C GLU A 14 1.88 -8.65 5.51
N ALA A 15 0.96 -9.19 6.27
CA ALA A 15 -0.46 -8.81 6.09
C ALA A 15 -0.70 -7.40 6.62
N LYS A 16 -0.08 -7.05 7.71
CA LYS A 16 -0.27 -5.68 8.27
C LYS A 16 0.12 -4.62 7.23
N ILE A 17 1.17 -4.86 6.51
CA ILE A 17 1.60 -3.88 5.46
C ILE A 17 0.54 -3.76 4.38
N CYS A 18 0.04 -4.87 3.91
CA CYS A 18 -1.00 -4.81 2.83
C CYS A 18 -2.22 -4.03 3.32
N HIS A 19 -2.65 -4.29 4.52
CA HIS A 19 -3.83 -3.54 5.07
C HIS A 19 -3.52 -2.05 5.11
N GLN A 20 -2.30 -1.70 5.40
CA GLN A 20 -1.96 -0.24 5.45
C GLN A 20 -2.18 0.39 4.07
N ILE A 21 -1.70 -0.23 3.03
CA ILE A 21 -1.92 0.33 1.67
C ILE A 21 -3.43 0.44 1.45
N GLU A 22 -4.16 -0.49 1.97
CA GLU A 22 -5.65 -0.45 1.82
C GLU A 22 -6.19 0.81 2.50
N TYR A 23 -5.58 1.23 3.57
CA TYR A 23 -6.08 2.44 4.29
C TYR A 23 -6.01 3.70 3.39
N TYR A 24 -4.93 3.91 2.68
CA TYR A 24 -4.86 5.12 1.81
C TYR A 24 -5.68 4.95 0.55
N PHE A 25 -5.67 3.78 -0.03
CA PHE A 25 -6.46 3.60 -1.31
C PHE A 25 -7.72 2.76 -1.07
N GLY A 26 -7.74 1.95 -0.05
CA GLY A 26 -8.94 1.11 0.21
C GLY A 26 -10.20 1.82 -0.30
N ASP A 27 -10.36 3.06 0.05
CA ASP A 27 -11.55 3.84 -0.40
C ASP A 27 -11.78 5.02 0.54
N PHE A 28 -11.27 4.94 1.74
CA PHE A 28 -11.47 6.04 2.72
C PHE A 28 -10.49 7.19 2.45
N ASN A 29 -9.25 6.87 2.19
CA ASN A 29 -8.24 7.93 1.96
C ASN A 29 -8.34 8.53 0.56
N LEU A 30 -8.70 7.75 -0.42
CA LEU A 30 -8.77 8.28 -1.82
C LEU A 30 -9.73 9.47 -1.92
N PRO A 31 -10.86 9.35 -1.28
CA PRO A 31 -11.88 10.43 -1.31
C PRO A 31 -11.33 11.75 -0.76
N ARG A 32 -10.41 11.70 0.16
CA ARG A 32 -9.87 12.96 0.74
C ARG A 32 -8.33 13.00 0.66
N ASP A 33 -7.74 11.96 0.14
CA ASP A 33 -6.25 11.91 0.07
C ASP A 33 -5.71 13.07 -0.78
N LYS A 34 -5.29 14.13 -0.15
CA LYS A 34 -4.73 15.28 -0.91
C LYS A 34 -3.32 14.95 -1.40
N PHE A 35 -2.52 14.42 -0.53
CA PHE A 35 -1.12 14.05 -0.93
C PHE A 35 -1.14 12.89 -1.93
N LEU A 36 -1.98 11.91 -1.68
CA LEU A 36 -2.06 10.76 -2.62
C LEU A 36 -2.53 11.26 -3.99
N LYS A 37 -3.42 12.22 -3.99
CA LYS A 37 -3.92 12.76 -5.28
C LYS A 37 -2.78 13.40 -6.06
N GLU A 38 -1.77 13.85 -5.37
CA GLU A 38 -0.60 14.48 -6.07
C GLU A 38 0.19 13.41 -6.82
N GLN A 39 0.46 12.30 -6.17
CA GLN A 39 1.24 11.21 -6.82
C GLN A 39 0.39 10.52 -7.91
N ILE A 40 -0.83 10.21 -7.61
CA ILE A 40 -1.69 9.54 -8.63
C ILE A 40 -1.72 10.37 -9.91
N LYS A 41 -1.77 11.67 -9.80
CA LYS A 41 -1.80 12.53 -11.02
C LYS A 41 -0.37 12.91 -11.43
N LEU A 42 0.52 13.07 -10.48
CA LEU A 42 1.93 13.45 -10.81
C LEU A 42 2.34 12.88 -12.17
N ASP A 43 2.61 11.61 -12.25
CA ASP A 43 3.04 11.01 -13.54
C ASP A 43 2.43 9.62 -13.72
N GLU A 44 1.30 9.54 -14.37
CA GLU A 44 0.65 8.21 -14.60
C GLU A 44 -0.03 7.71 -13.32
N GLY A 45 0.45 8.12 -12.17
CA GLY A 45 -0.17 7.66 -10.90
C GLY A 45 0.77 6.68 -10.19
N TRP A 46 1.74 6.18 -10.88
CA TRP A 46 2.70 5.22 -10.25
C TRP A 46 3.39 5.87 -9.05
N VAL A 47 3.21 5.31 -7.87
CA VAL A 47 3.88 5.89 -6.67
C VAL A 47 4.80 4.85 -6.04
N PRO A 48 5.95 5.29 -5.63
CA PRO A 48 6.93 4.40 -5.00
C PRO A 48 6.65 4.31 -3.51
N LEU A 49 6.73 3.13 -2.97
CA LEU A 49 6.44 2.96 -1.52
C LEU A 49 7.32 3.89 -0.66
N GLU A 50 8.16 4.68 -1.28
CA GLU A 50 9.01 5.61 -0.48
C GLU A 50 8.10 6.50 0.36
N ILE A 51 7.06 6.98 -0.25
CA ILE A 51 6.09 7.85 0.46
C ILE A 51 5.35 7.04 1.53
N MET A 52 5.03 5.80 1.24
CA MET A 52 4.31 4.95 2.23
C MET A 52 5.27 4.44 3.32
N ILE A 53 6.43 3.99 2.93
CA ILE A 53 7.39 3.43 3.92
C ILE A 53 7.81 4.49 4.93
N LYS A 54 8.00 5.71 4.52
CA LYS A 54 8.40 6.77 5.50
C LYS A 54 7.15 7.42 6.11
N PHE A 55 6.01 7.19 5.52
CA PHE A 55 4.76 7.79 6.06
C PHE A 55 4.50 7.28 7.48
N ASN A 56 4.08 8.15 8.37
CA ASN A 56 3.81 7.71 9.77
C ASN A 56 2.79 6.57 9.78
N ARG A 57 2.01 6.45 8.75
CA ARG A 57 0.99 5.36 8.71
C ARG A 57 1.67 4.00 8.56
N LEU A 58 2.66 3.91 7.72
CA LEU A 58 3.37 2.61 7.52
C LEU A 58 4.70 2.62 8.26
N ASN A 59 5.36 3.74 8.30
CA ASN A 59 6.68 3.81 9.01
C ASN A 59 6.53 3.34 10.45
N ARG A 60 5.34 3.39 10.98
CA ARG A 60 5.13 2.95 12.39
C ARG A 60 5.21 1.42 12.49
N LEU A 61 5.42 0.75 11.39
CA LEU A 61 5.49 -0.74 11.42
C LEU A 61 6.65 -1.23 10.54
N THR A 62 6.42 -1.36 9.26
CA THR A 62 7.50 -1.83 8.35
C THR A 62 7.99 -0.70 7.46
N THR A 63 9.25 -0.70 7.12
CA THR A 63 9.79 0.39 6.25
C THR A 63 10.88 -0.15 5.33
N ASP A 64 11.07 -1.44 5.29
CA ASP A 64 12.12 -2.02 4.40
C ASP A 64 11.58 -2.21 2.99
N PHE A 65 12.21 -1.62 2.01
CA PHE A 65 11.73 -1.76 0.61
C PHE A 65 11.54 -3.24 0.24
N ASN A 66 12.50 -4.07 0.58
CA ASN A 66 12.37 -5.52 0.25
C ASN A 66 11.31 -6.17 1.14
N VAL A 67 11.31 -5.86 2.41
CA VAL A 67 10.30 -6.46 3.33
C VAL A 67 8.91 -5.89 3.03
N ILE A 68 8.83 -4.60 2.78
CA ILE A 68 7.51 -3.97 2.49
C ILE A 68 6.98 -4.45 1.14
N VAL A 69 7.81 -4.46 0.15
CA VAL A 69 7.37 -4.92 -1.20
C VAL A 69 7.05 -6.42 -1.18
N GLU A 70 7.77 -7.17 -0.42
CA GLU A 70 7.52 -8.64 -0.36
C GLU A 70 6.07 -8.91 0.08
N ALA A 71 5.57 -8.15 1.01
CA ALA A 71 4.17 -8.37 1.48
C ALA A 71 3.18 -8.00 0.37
N LEU A 72 3.49 -7.01 -0.41
CA LEU A 72 2.56 -6.60 -1.50
C LEU A 72 2.54 -7.68 -2.60
N SER A 73 3.62 -8.38 -2.78
CA SER A 73 3.66 -9.44 -3.82
C SER A 73 2.53 -10.44 -3.62
N LYS A 74 2.21 -10.76 -2.39
CA LYS A 74 1.11 -11.74 -2.14
C LYS A 74 -0.16 -11.00 -1.76
N SER A 75 -0.05 -9.79 -1.30
CA SER A 75 -1.27 -9.03 -0.89
C SER A 75 -2.29 -8.95 -2.03
N LYS A 76 -3.54 -8.74 -1.69
CA LYS A 76 -4.60 -8.64 -2.72
C LYS A 76 -4.84 -7.17 -3.04
N ALA A 77 -3.86 -6.52 -3.61
CA ALA A 77 -4.00 -5.07 -3.95
C ALA A 77 -5.01 -4.86 -5.07
N GLU A 78 -5.80 -5.85 -5.32
CA GLU A 78 -6.83 -5.75 -6.40
C GLU A 78 -7.47 -4.36 -6.39
N LEU A 79 -7.45 -3.69 -5.26
CA LEU A 79 -8.06 -2.33 -5.20
C LEU A 79 -7.12 -1.29 -5.82
N MET A 80 -6.20 -1.72 -6.65
CA MET A 80 -5.24 -0.75 -7.27
C MET A 80 -4.34 -1.48 -8.26
N GLU A 81 -3.24 -0.87 -8.63
CA GLU A 81 -2.31 -1.54 -9.60
C GLU A 81 -0.86 -1.31 -9.17
N ILE A 82 0.00 -2.26 -9.44
CA ILE A 82 1.44 -2.09 -9.07
C ILE A 82 2.33 -2.21 -10.31
N SER A 83 3.38 -1.45 -10.37
CA SER A 83 4.29 -1.52 -11.55
C SER A 83 4.99 -2.88 -11.60
N GLU A 84 5.61 -3.20 -12.70
CA GLU A 84 6.31 -4.51 -12.82
C GLU A 84 7.72 -4.43 -12.21
N ASP A 85 8.20 -3.25 -11.93
CA ASP A 85 9.57 -3.12 -11.34
C ASP A 85 9.57 -3.61 -9.89
N LYS A 86 8.41 -3.79 -9.30
CA LYS A 86 8.35 -4.26 -7.89
C LYS A 86 8.81 -3.15 -6.93
N THR A 87 8.19 -2.01 -7.01
CA THR A 87 8.59 -0.88 -6.10
C THR A 87 7.70 0.34 -6.33
N LYS A 88 6.48 0.13 -6.74
CA LYS A 88 5.56 1.28 -6.98
C LYS A 88 4.11 0.81 -7.01
N ILE A 89 3.19 1.70 -6.71
CA ILE A 89 1.75 1.32 -6.74
C ILE A 89 0.94 2.44 -7.38
N ARG A 90 -0.26 2.16 -7.81
CA ARG A 90 -1.08 3.23 -8.46
C ARG A 90 -2.57 2.96 -8.24
N ARG A 91 -3.37 3.99 -8.34
CA ARG A 91 -4.84 3.81 -8.14
C ARG A 91 -5.49 3.46 -9.48
N SER A 92 -6.37 2.51 -9.51
CA SER A 92 -7.02 2.13 -10.78
C SER A 92 -7.87 3.30 -11.31
N PRO A 93 -7.38 3.91 -12.35
CA PRO A 93 -8.10 5.05 -12.97
C PRO A 93 -9.43 4.55 -13.55
N SER A 94 -9.50 3.28 -13.82
CA SER A 94 -10.75 2.71 -14.37
C SER A 94 -11.70 2.31 -13.25
N LYS A 95 -11.32 2.54 -12.02
CA LYS A 95 -12.21 2.20 -10.88
C LYS A 95 -12.57 3.46 -10.09
N PRO A 96 -13.85 3.68 -9.92
CA PRO A 96 -14.32 4.87 -9.19
C PRO A 96 -13.97 4.78 -7.70
N LEU A 97 -13.75 5.91 -7.08
CA LEU A 97 -13.44 5.91 -5.63
C LEU A 97 -14.47 6.79 -4.92
N PRO A 98 -15.19 6.15 -4.06
CA PRO A 98 -16.27 6.80 -3.31
C PRO A 98 -15.80 7.31 -1.96
N GLU A 99 -16.45 8.28 -1.42
CA GLU A 99 -16.06 8.83 -0.09
C GLU A 99 -16.99 8.32 1.00
N VAL A 100 -16.43 7.73 2.02
CA VAL A 100 -17.28 7.20 3.14
C VAL A 100 -17.22 8.17 4.33
N THR A 101 -18.20 8.11 5.19
CA THR A 101 -18.19 9.03 6.36
C THR A 101 -18.15 8.22 7.67
N ASP A 102 -17.29 8.58 8.58
CA ASP A 102 -17.20 7.83 9.86
C ASP A 102 -18.44 8.12 10.71
N GLU A 103 -19.27 7.13 10.93
CA GLU A 103 -20.49 7.34 11.75
C GLU A 103 -21.25 6.02 11.94
N MET A 1 19.26 -27.43 21.29
CA MET A 1 19.12 -26.43 20.20
C MET A 1 18.60 -25.11 20.77
N ALA A 2 19.10 -24.00 20.30
CA ALA A 2 18.63 -22.68 20.80
C ALA A 2 17.11 -22.56 20.60
N GLU A 3 16.67 -22.46 19.37
CA GLU A 3 15.20 -22.34 19.13
C GLU A 3 14.95 -22.05 17.65
N ASN A 4 13.86 -22.53 17.12
CA ASN A 4 13.55 -22.29 15.67
C ASN A 4 13.16 -20.82 15.46
N GLY A 5 13.08 -20.06 16.52
CA GLY A 5 12.71 -18.62 16.37
C GLY A 5 11.45 -18.50 15.52
N ASP A 6 10.30 -18.66 16.12
CA ASP A 6 9.03 -18.56 15.34
C ASP A 6 9.09 -17.35 14.39
N ASN A 7 8.50 -17.47 13.24
CA ASN A 7 8.52 -16.33 12.27
C ASN A 7 7.11 -15.76 12.09
N GLU A 8 6.24 -15.99 13.04
CA GLU A 8 4.85 -15.46 12.91
C GLU A 8 4.86 -13.94 12.88
N LYS A 9 5.77 -13.32 13.59
CA LYS A 9 5.83 -11.83 13.61
C LYS A 9 6.06 -11.30 12.20
N MET A 10 6.96 -11.89 11.46
CA MET A 10 7.22 -11.41 10.07
C MET A 10 6.03 -11.73 9.17
N ALA A 11 5.45 -12.88 9.32
CA ALA A 11 4.27 -13.25 8.48
C ALA A 11 3.16 -12.23 8.68
N ALA A 12 2.79 -11.97 9.91
CA ALA A 12 1.71 -10.97 10.18
C ALA A 12 2.15 -9.60 9.68
N LEU A 13 3.44 -9.32 9.74
CA LEU A 13 3.93 -8.00 9.26
C LEU A 13 3.58 -7.79 7.80
N GLU A 14 3.55 -8.84 7.02
CA GLU A 14 3.20 -8.68 5.57
C GLU A 14 1.74 -8.27 5.44
N ALA A 15 0.86 -8.91 6.15
CA ALA A 15 -0.58 -8.54 6.08
C ALA A 15 -0.76 -7.08 6.50
N LYS A 16 -0.10 -6.67 7.54
CA LYS A 16 -0.23 -5.26 8.00
C LYS A 16 0.23 -4.31 6.89
N ILE A 17 1.28 -4.67 6.20
CA ILE A 17 1.79 -3.79 5.11
C ILE A 17 0.71 -3.62 4.03
N CYS A 18 0.08 -4.69 3.64
CA CYS A 18 -0.98 -4.59 2.59
C CYS A 18 -2.15 -3.76 3.11
N HIS A 19 -2.51 -3.95 4.35
CA HIS A 19 -3.64 -3.17 4.93
C HIS A 19 -3.29 -1.69 4.97
N GLN A 20 -2.06 -1.36 5.21
CA GLN A 20 -1.67 0.08 5.25
C GLN A 20 -1.91 0.71 3.88
N ILE A 21 -1.44 0.07 2.83
CA ILE A 21 -1.68 0.62 1.47
C ILE A 21 -3.19 0.75 1.27
N GLU A 22 -3.93 -0.18 1.82
CA GLU A 22 -5.40 -0.12 1.70
C GLU A 22 -5.93 1.11 2.43
N TYR A 23 -5.30 1.49 3.51
CA TYR A 23 -5.79 2.67 4.28
C TYR A 23 -5.83 3.93 3.40
N TYR A 24 -4.80 4.18 2.62
CA TYR A 24 -4.82 5.42 1.77
C TYR A 24 -5.69 5.20 0.53
N PHE A 25 -5.75 3.99 0.04
CA PHE A 25 -6.56 3.74 -1.19
C PHE A 25 -7.84 2.97 -0.89
N GLY A 26 -7.87 2.20 0.17
CA GLY A 26 -9.08 1.41 0.52
C GLY A 26 -10.30 2.00 -0.17
N ASP A 27 -10.51 3.27 0.01
CA ASP A 27 -11.68 3.94 -0.63
C ASP A 27 -11.93 5.27 0.08
N PHE A 28 -11.73 5.31 1.36
CA PHE A 28 -11.95 6.57 2.12
C PHE A 28 -10.76 7.52 2.01
N ASN A 29 -9.56 7.03 1.96
CA ASN A 29 -8.39 7.96 1.90
C ASN A 29 -8.24 8.60 0.52
N LEU A 30 -8.46 7.85 -0.54
CA LEU A 30 -8.28 8.44 -1.90
C LEU A 30 -9.18 9.67 -2.11
N PRO A 31 -10.42 9.54 -1.76
CA PRO A 31 -11.39 10.64 -1.94
C PRO A 31 -10.96 11.90 -1.17
N ARG A 32 -10.21 11.75 -0.12
CA ARG A 32 -9.78 12.95 0.67
C ARG A 32 -8.26 13.05 0.76
N ASP A 33 -7.56 12.02 0.36
CA ASP A 33 -6.07 12.05 0.47
C ASP A 33 -5.49 13.18 -0.37
N LYS A 34 -5.01 14.22 0.28
CA LYS A 34 -4.41 15.37 -0.47
C LYS A 34 -3.04 14.97 -1.00
N PHE A 35 -2.25 14.37 -0.18
CA PHE A 35 -0.88 13.94 -0.62
C PHE A 35 -0.98 12.83 -1.67
N LEU A 36 -1.98 11.99 -1.57
CA LEU A 36 -2.12 10.88 -2.56
C LEU A 36 -2.63 11.41 -3.89
N LYS A 37 -3.52 12.37 -3.88
CA LYS A 37 -4.03 12.93 -5.16
C LYS A 37 -2.89 13.64 -5.89
N GLU A 38 -2.04 14.29 -5.14
CA GLU A 38 -0.89 14.99 -5.76
C GLU A 38 -0.01 13.97 -6.49
N GLN A 39 0.32 12.90 -5.83
CA GLN A 39 1.16 11.85 -6.47
C GLN A 39 0.34 11.10 -7.53
N ILE A 40 -0.88 10.76 -7.22
CA ILE A 40 -1.73 10.04 -8.20
C ILE A 40 -1.78 10.79 -9.52
N LYS A 41 -1.86 12.09 -9.48
CA LYS A 41 -1.92 12.88 -10.74
C LYS A 41 -0.50 13.27 -11.18
N LEU A 42 0.40 13.43 -10.25
CA LEU A 42 1.80 13.81 -10.59
C LEU A 42 2.24 13.16 -11.90
N ASP A 43 2.59 11.90 -11.86
CA ASP A 43 3.05 11.22 -13.11
C ASP A 43 2.39 9.84 -13.25
N GLU A 44 1.30 9.77 -13.96
CA GLU A 44 0.61 8.45 -14.14
C GLU A 44 -0.10 8.00 -12.87
N GLY A 45 0.37 8.43 -11.72
CA GLY A 45 -0.29 8.01 -10.46
C GLY A 45 0.62 7.03 -9.72
N TRP A 46 1.60 6.49 -10.40
CA TRP A 46 2.52 5.53 -9.75
C TRP A 46 3.17 6.15 -8.51
N VAL A 47 2.94 5.59 -7.36
CA VAL A 47 3.57 6.13 -6.13
C VAL A 47 4.64 5.17 -5.62
N PRO A 48 5.76 5.71 -5.27
CA PRO A 48 6.87 4.89 -4.76
C PRO A 48 6.73 4.73 -3.26
N LEU A 49 6.98 3.56 -2.76
CA LEU A 49 6.82 3.32 -1.30
C LEU A 49 7.64 4.33 -0.48
N GLU A 50 8.34 5.23 -1.12
CA GLU A 50 9.12 6.23 -0.34
C GLU A 50 8.15 7.00 0.55
N ILE A 51 7.04 7.38 -0.01
CA ILE A 51 6.01 8.12 0.77
C ILE A 51 5.38 7.21 1.82
N MET A 52 5.11 5.97 1.47
CA MET A 52 4.49 5.05 2.47
C MET A 52 5.54 4.53 3.46
N ILE A 53 6.69 4.14 2.99
CA ILE A 53 7.72 3.58 3.91
C ILE A 53 8.17 4.63 4.93
N LYS A 54 8.06 5.90 4.63
CA LYS A 54 8.48 6.92 5.61
C LYS A 54 7.25 7.54 6.28
N PHE A 55 6.08 7.25 5.78
CA PHE A 55 4.84 7.82 6.39
C PHE A 55 4.69 7.31 7.82
N ASN A 56 4.30 8.17 8.73
CA ASN A 56 4.12 7.74 10.14
C ASN A 56 3.07 6.62 10.22
N ARG A 57 2.21 6.52 9.25
CA ARG A 57 1.17 5.46 9.27
C ARG A 57 1.76 4.11 8.86
N LEU A 58 2.79 4.13 8.06
CA LEU A 58 3.42 2.85 7.61
C LEU A 58 4.81 2.71 8.22
N ASN A 59 5.58 3.77 8.24
CA ASN A 59 6.95 3.68 8.80
C ASN A 59 6.90 3.17 10.25
N ARG A 60 5.78 3.30 10.91
CA ARG A 60 5.67 2.82 12.31
C ARG A 60 5.70 1.28 12.35
N LEU A 61 5.70 0.65 11.21
CA LEU A 61 5.73 -0.84 11.18
C LEU A 61 6.94 -1.34 10.40
N THR A 62 6.95 -1.12 9.11
CA THR A 62 8.11 -1.59 8.29
C THR A 62 8.47 -0.55 7.24
N THR A 63 9.69 -0.54 6.77
CA THR A 63 10.09 0.46 5.75
C THR A 63 11.05 -0.18 4.73
N ASP A 64 11.14 -1.49 4.73
CA ASP A 64 12.05 -2.17 3.77
C ASP A 64 11.36 -2.32 2.41
N PHE A 65 11.67 -1.47 1.47
CA PHE A 65 11.03 -1.57 0.13
C PHE A 65 10.83 -3.04 -0.26
N ASN A 66 11.78 -3.87 0.04
CA ASN A 66 11.64 -5.31 -0.31
C ASN A 66 10.58 -5.98 0.57
N VAL A 67 10.51 -5.61 1.82
CA VAL A 67 9.49 -6.22 2.72
C VAL A 67 8.08 -5.78 2.33
N ILE A 68 7.89 -4.51 2.06
CA ILE A 68 6.53 -4.04 1.68
C ILE A 68 6.09 -4.69 0.39
N VAL A 69 6.94 -4.67 -0.59
CA VAL A 69 6.59 -5.30 -1.90
C VAL A 69 6.54 -6.82 -1.74
N GLU A 70 7.45 -7.38 -1.00
CA GLU A 70 7.44 -8.85 -0.79
C GLU A 70 6.10 -9.27 -0.18
N ALA A 71 5.69 -8.61 0.86
CA ALA A 71 4.39 -8.95 1.50
C ALA A 71 3.26 -8.61 0.52
N LEU A 72 3.44 -7.59 -0.27
CA LEU A 72 2.40 -7.20 -1.25
C LEU A 72 2.30 -8.26 -2.35
N SER A 73 3.39 -8.91 -2.65
CA SER A 73 3.37 -9.96 -3.71
C SER A 73 2.25 -10.96 -3.45
N LYS A 74 1.82 -11.10 -2.23
CA LYS A 74 0.73 -12.07 -1.93
C LYS A 74 -0.57 -11.32 -1.59
N SER A 75 -0.48 -10.08 -1.19
CA SER A 75 -1.70 -9.32 -0.82
C SER A 75 -2.70 -9.27 -1.98
N LYS A 76 -3.95 -9.07 -1.67
CA LYS A 76 -4.99 -9.02 -2.74
C LYS A 76 -5.27 -7.55 -3.09
N ALA A 77 -4.29 -6.85 -3.58
CA ALA A 77 -4.49 -5.42 -3.95
C ALA A 77 -5.08 -5.29 -5.34
N GLU A 78 -5.58 -6.37 -5.84
CA GLU A 78 -6.18 -6.37 -7.21
C GLU A 78 -6.88 -5.02 -7.48
N LEU A 79 -7.40 -4.40 -6.47
CA LEU A 79 -8.08 -3.10 -6.67
C LEU A 79 -7.14 -2.12 -7.38
N MET A 80 -6.08 -1.74 -6.74
CA MET A 80 -5.12 -0.79 -7.37
C MET A 80 -4.20 -1.53 -8.34
N GLU A 81 -3.10 -0.95 -8.70
CA GLU A 81 -2.16 -1.61 -9.64
C GLU A 81 -0.72 -1.30 -9.26
N ILE A 82 0.15 -2.29 -9.30
CA ILE A 82 1.58 -2.04 -8.93
C ILE A 82 2.50 -2.43 -10.09
N SER A 83 3.55 -1.68 -10.30
CA SER A 83 4.48 -2.02 -11.41
C SER A 83 4.86 -3.49 -11.36
N GLU A 84 5.58 -3.96 -12.34
CA GLU A 84 6.00 -5.39 -12.35
C GLU A 84 7.26 -5.58 -11.49
N ASP A 85 7.91 -4.52 -11.13
CA ASP A 85 9.15 -4.65 -10.30
C ASP A 85 8.79 -4.71 -8.82
N LYS A 86 7.58 -4.37 -8.48
CA LYS A 86 7.17 -4.41 -7.04
C LYS A 86 7.87 -3.30 -6.25
N THR A 87 7.68 -2.06 -6.64
CA THR A 87 8.33 -0.93 -5.92
C THR A 87 7.51 0.35 -6.08
N LYS A 88 6.27 0.23 -6.45
CA LYS A 88 5.42 1.45 -6.63
C LYS A 88 3.93 1.06 -6.61
N ILE A 89 3.07 1.98 -6.30
CA ILE A 89 1.62 1.66 -6.26
C ILE A 89 0.81 2.79 -6.91
N ARG A 90 -0.24 2.45 -7.61
CA ARG A 90 -1.06 3.51 -8.27
C ARG A 90 -2.55 3.17 -8.17
N ARG A 91 -3.41 4.15 -8.28
CA ARG A 91 -4.87 3.88 -8.20
C ARG A 91 -5.37 3.38 -9.56
N SER A 92 -6.10 2.30 -9.56
CA SER A 92 -6.61 1.75 -10.87
C SER A 92 -7.59 2.74 -11.50
N PRO A 93 -7.14 3.34 -12.57
CA PRO A 93 -8.00 4.33 -13.30
C PRO A 93 -9.21 3.63 -13.88
N SER A 94 -9.12 2.35 -14.13
CA SER A 94 -10.28 1.60 -14.69
C SER A 94 -11.23 1.18 -13.57
N LYS A 95 -10.84 1.42 -12.34
CA LYS A 95 -11.73 1.04 -11.20
C LYS A 95 -12.12 2.29 -10.41
N PRO A 96 -13.39 2.44 -10.19
CA PRO A 96 -13.90 3.61 -9.44
C PRO A 96 -13.51 3.53 -7.97
N LEU A 97 -13.32 4.65 -7.35
CA LEU A 97 -12.97 4.67 -5.91
C LEU A 97 -14.02 5.49 -5.17
N PRO A 98 -14.67 4.83 -4.28
CA PRO A 98 -15.75 5.45 -3.50
C PRO A 98 -15.24 5.99 -2.17
N GLU A 99 -15.92 6.93 -1.61
CA GLU A 99 -15.49 7.51 -0.30
C GLU A 99 -16.49 7.14 0.80
N VAL A 100 -16.03 6.51 1.85
CA VAL A 100 -16.95 6.13 2.95
C VAL A 100 -16.68 7.00 4.18
N THR A 101 -17.68 7.26 4.98
CA THR A 101 -17.47 8.10 6.20
C THR A 101 -17.00 7.22 7.36
N ASP A 102 -16.00 7.66 8.09
CA ASP A 102 -15.50 6.85 9.24
C ASP A 102 -16.15 7.35 10.54
N GLU A 103 -16.31 6.48 11.49
CA GLU A 103 -16.94 6.89 12.78
C GLU A 103 -18.32 7.51 12.53
N MET A 1 17.19 -14.35 0.31
CA MET A 1 18.60 -14.75 0.03
C MET A 1 19.51 -14.26 1.17
N ALA A 2 19.53 -12.98 1.41
CA ALA A 2 20.40 -12.45 2.50
C ALA A 2 20.15 -13.23 3.80
N GLU A 3 18.99 -13.79 3.96
CA GLU A 3 18.69 -14.56 5.19
C GLU A 3 17.92 -15.84 4.85
N ASN A 4 18.28 -16.94 5.46
CA ASN A 4 17.56 -18.21 5.16
C ASN A 4 16.85 -18.72 6.42
N GLY A 5 15.79 -19.47 6.25
CA GLY A 5 15.05 -20.00 7.42
C GLY A 5 13.54 -19.87 7.19
N ASP A 6 12.75 -20.34 8.11
CA ASP A 6 11.27 -20.24 7.94
C ASP A 6 10.68 -19.32 9.00
N ASN A 7 10.53 -18.05 8.70
CA ASN A 7 9.96 -17.11 9.69
C ASN A 7 8.47 -16.91 9.43
N GLU A 8 7.63 -17.54 10.20
CA GLU A 8 6.15 -17.39 10.00
C GLU A 8 5.73 -15.96 10.35
N LYS A 9 6.37 -15.36 11.32
CA LYS A 9 5.99 -13.97 11.71
C LYS A 9 6.04 -13.05 10.49
N MET A 10 6.97 -13.26 9.61
CA MET A 10 7.07 -12.40 8.39
C MET A 10 5.77 -12.46 7.59
N ALA A 11 5.15 -13.60 7.54
CA ALA A 11 3.88 -13.72 6.77
C ALA A 11 2.84 -12.75 7.33
N ALA A 12 2.61 -12.78 8.62
CA ALA A 12 1.62 -11.84 9.22
C ALA A 12 2.07 -10.40 8.97
N LEU A 13 3.35 -10.17 8.92
CA LEU A 13 3.86 -8.79 8.67
C LEU A 13 3.36 -8.29 7.31
N GLU A 14 3.16 -9.17 6.39
CA GLU A 14 2.67 -8.73 5.03
C GLU A 14 1.23 -8.23 5.14
N ALA A 15 0.43 -8.89 5.92
CA ALA A 15 -0.98 -8.45 6.08
C ALA A 15 -1.05 -7.01 6.58
N LYS A 16 -0.23 -6.65 7.52
CA LYS A 16 -0.24 -5.25 8.03
C LYS A 16 0.17 -4.29 6.92
N ILE A 17 1.14 -4.66 6.13
CA ILE A 17 1.59 -3.77 5.02
C ILE A 17 0.44 -3.53 4.04
N CYS A 18 -0.26 -4.56 3.67
CA CYS A 18 -1.39 -4.41 2.72
C CYS A 18 -2.51 -3.58 3.36
N HIS A 19 -2.76 -3.81 4.63
CA HIS A 19 -3.84 -3.04 5.31
C HIS A 19 -3.48 -1.56 5.38
N GLN A 20 -2.23 -1.24 5.59
CA GLN A 20 -1.84 0.20 5.65
C GLN A 20 -2.10 0.86 4.29
N ILE A 21 -1.65 0.24 3.23
CA ILE A 21 -1.90 0.82 1.88
C ILE A 21 -3.41 0.93 1.69
N GLU A 22 -4.13 -0.01 2.21
CA GLU A 22 -5.62 0.03 2.11
C GLU A 22 -6.15 1.31 2.78
N TYR A 23 -5.52 1.73 3.84
CA TYR A 23 -6.00 2.95 4.54
C TYR A 23 -5.96 4.17 3.61
N TYR A 24 -4.88 4.36 2.88
CA TYR A 24 -4.84 5.55 1.96
C TYR A 24 -5.65 5.31 0.68
N PHE A 25 -5.58 4.13 0.14
CA PHE A 25 -6.32 3.85 -1.13
C PHE A 25 -7.52 2.91 -0.91
N GLY A 26 -7.51 2.15 0.15
CA GLY A 26 -8.64 1.21 0.41
C GLY A 26 -9.93 1.75 -0.19
N ASP A 27 -10.23 2.98 0.10
CA ASP A 27 -11.47 3.61 -0.45
C ASP A 27 -11.82 4.85 0.35
N PHE A 28 -11.43 4.88 1.60
CA PHE A 28 -11.74 6.06 2.46
C PHE A 28 -10.76 7.20 2.21
N ASN A 29 -9.50 6.90 2.09
CA ASN A 29 -8.49 7.98 1.87
C ASN A 29 -8.48 8.46 0.40
N LEU A 30 -8.74 7.58 -0.52
CA LEU A 30 -8.69 7.98 -1.96
C LEU A 30 -9.66 9.13 -2.26
N PRO A 31 -10.87 9.01 -1.79
CA PRO A 31 -11.90 10.04 -2.04
C PRO A 31 -11.54 11.37 -1.37
N ARG A 32 -10.59 11.39 -0.47
CA ARG A 32 -10.23 12.67 0.20
C ARG A 32 -8.71 12.85 0.29
N ASP A 33 -7.96 11.86 -0.09
CA ASP A 33 -6.46 11.97 0.01
C ASP A 33 -5.93 13.12 -0.83
N LYS A 34 -5.68 14.24 -0.21
CA LYS A 34 -5.13 15.41 -0.96
C LYS A 34 -3.67 15.16 -1.31
N PHE A 35 -2.91 14.69 -0.36
CA PHE A 35 -1.46 14.41 -0.63
C PHE A 35 -1.33 13.27 -1.64
N LEU A 36 -2.11 12.25 -1.49
CA LEU A 36 -2.05 11.11 -2.45
C LEU A 36 -2.46 11.59 -3.83
N LYS A 37 -3.38 12.51 -3.89
CA LYS A 37 -3.83 13.05 -5.20
C LYS A 37 -2.66 13.75 -5.89
N GLU A 38 -1.79 14.32 -5.11
CA GLU A 38 -0.60 15.02 -5.69
C GLU A 38 0.36 13.98 -6.31
N GLN A 39 0.65 12.93 -5.60
CA GLN A 39 1.55 11.89 -6.15
C GLN A 39 0.85 11.11 -7.27
N ILE A 40 -0.37 10.72 -7.04
CA ILE A 40 -1.11 9.96 -8.09
C ILE A 40 -1.17 10.80 -9.37
N LYS A 41 -1.36 12.08 -9.25
CA LYS A 41 -1.40 12.94 -10.46
C LYS A 41 0.02 13.18 -10.97
N LEU A 42 0.99 13.11 -10.10
CA LEU A 42 2.41 13.33 -10.49
C LEU A 42 2.65 12.90 -11.95
N ASP A 43 2.67 11.63 -12.22
CA ASP A 43 2.92 11.19 -13.63
C ASP A 43 2.41 9.77 -13.88
N GLU A 44 1.29 9.65 -14.56
CA GLU A 44 0.73 8.30 -14.88
C GLU A 44 0.07 7.69 -13.65
N GLY A 45 0.14 8.33 -12.53
CA GLY A 45 -0.48 7.75 -11.31
C GLY A 45 0.39 6.62 -10.79
N TRP A 46 1.64 6.90 -10.54
CA TRP A 46 2.55 5.84 -10.02
C TRP A 46 3.35 6.37 -8.82
N VAL A 47 2.98 5.98 -7.64
CA VAL A 47 3.73 6.46 -6.43
C VAL A 47 4.66 5.35 -5.94
N PRO A 48 5.86 5.74 -5.60
CA PRO A 48 6.87 4.78 -5.11
C PRO A 48 6.70 4.58 -3.60
N LEU A 49 7.11 3.45 -3.12
CA LEU A 49 6.97 3.17 -1.66
C LEU A 49 7.81 4.13 -0.82
N GLU A 50 8.52 5.03 -1.45
CA GLU A 50 9.34 5.99 -0.66
C GLU A 50 8.44 6.85 0.19
N ILE A 51 7.39 7.35 -0.39
CA ILE A 51 6.42 8.19 0.38
C ILE A 51 5.68 7.33 1.40
N MET A 52 5.43 6.08 1.05
CA MET A 52 4.73 5.19 2.01
C MET A 52 5.70 4.70 3.09
N ILE A 53 6.88 4.30 2.70
CA ILE A 53 7.87 3.81 3.70
C ILE A 53 8.48 4.99 4.46
N LYS A 54 8.05 6.18 4.17
CA LYS A 54 8.60 7.37 4.89
C LYS A 54 7.48 8.02 5.71
N PHE A 55 6.25 7.69 5.39
CA PHE A 55 5.11 8.29 6.15
C PHE A 55 4.99 7.62 7.52
N ASN A 56 4.71 8.38 8.54
CA ASN A 56 4.59 7.79 9.91
C ASN A 56 3.53 6.69 9.90
N ARG A 57 2.63 6.71 8.96
CA ARG A 57 1.57 5.67 8.89
C ARG A 57 2.18 4.31 8.51
N LEU A 58 3.31 4.31 7.87
CA LEU A 58 3.94 3.01 7.47
C LEU A 58 5.23 2.77 8.25
N ASN A 59 6.13 3.72 8.27
CA ASN A 59 7.40 3.52 9.01
C ASN A 59 7.10 3.19 10.48
N ARG A 60 5.94 3.55 10.95
CA ARG A 60 5.58 3.25 12.36
C ARG A 60 5.82 1.76 12.67
N LEU A 61 5.77 0.93 11.67
CA LEU A 61 6.01 -0.52 11.91
C LEU A 61 6.86 -1.11 10.78
N THR A 62 6.30 -1.25 9.61
CA THR A 62 7.08 -1.83 8.47
C THR A 62 7.30 -0.76 7.39
N THR A 63 8.53 -0.54 7.00
CA THR A 63 8.81 0.48 5.95
C THR A 63 9.98 0.01 5.07
N ASP A 64 10.41 -1.20 5.24
CA ASP A 64 11.54 -1.72 4.42
C ASP A 64 11.04 -2.08 3.02
N PHE A 65 11.41 -1.30 2.03
CA PHE A 65 10.95 -1.58 0.64
C PHE A 65 10.88 -3.09 0.38
N ASN A 66 11.87 -3.82 0.78
CA ASN A 66 11.87 -5.30 0.54
C ASN A 66 10.82 -6.01 1.40
N VAL A 67 10.67 -5.59 2.63
CA VAL A 67 9.68 -6.27 3.52
C VAL A 67 8.24 -6.00 3.06
N ILE A 68 7.94 -4.80 2.65
CA ILE A 68 6.55 -4.49 2.20
C ILE A 68 6.28 -5.12 0.85
N VAL A 69 7.17 -4.91 -0.06
CA VAL A 69 7.00 -5.47 -1.43
C VAL A 69 6.83 -6.99 -1.35
N GLU A 70 7.53 -7.62 -0.45
CA GLU A 70 7.39 -9.10 -0.32
C GLU A 70 5.96 -9.43 0.10
N ALA A 71 5.37 -8.60 0.90
CA ALA A 71 3.96 -8.85 1.34
C ALA A 71 3.00 -8.71 0.15
N LEU A 72 3.16 -7.69 -0.63
CA LEU A 72 2.27 -7.49 -1.80
C LEU A 72 2.60 -8.51 -2.90
N SER A 73 3.83 -8.94 -2.97
CA SER A 73 4.21 -9.93 -4.02
C SER A 73 3.25 -11.13 -4.00
N LYS A 74 2.74 -11.49 -2.86
CA LYS A 74 1.80 -12.64 -2.79
C LYS A 74 0.44 -12.20 -2.27
N SER A 75 0.39 -11.10 -1.58
CA SER A 75 -0.92 -10.62 -1.05
C SER A 75 -1.37 -9.37 -1.82
N LYS A 76 -2.47 -9.45 -2.52
CA LYS A 76 -2.95 -8.28 -3.29
C LYS A 76 -4.48 -8.31 -3.34
N ALA A 77 -5.14 -7.73 -2.37
CA ALA A 77 -6.63 -7.72 -2.35
C ALA A 77 -7.19 -6.85 -3.46
N GLU A 78 -6.38 -6.51 -4.40
CA GLU A 78 -6.84 -5.66 -5.54
C GLU A 78 -7.22 -4.26 -5.03
N LEU A 79 -6.67 -3.84 -3.93
CA LEU A 79 -7.01 -2.49 -3.40
C LEU A 79 -6.37 -1.41 -4.29
N MET A 80 -5.61 -1.81 -5.27
CA MET A 80 -4.96 -0.80 -6.16
C MET A 80 -4.17 -1.51 -7.27
N GLU A 81 -3.28 -0.81 -7.91
CA GLU A 81 -2.49 -1.44 -9.01
C GLU A 81 -0.99 -1.20 -8.78
N ILE A 82 -0.19 -2.21 -8.90
CA ILE A 82 1.27 -2.04 -8.69
C ILE A 82 2.05 -2.49 -9.93
N SER A 83 3.12 -1.81 -10.25
CA SER A 83 3.91 -2.20 -11.46
C SER A 83 4.55 -3.57 -11.25
N GLU A 84 5.25 -4.06 -12.24
CA GLU A 84 5.89 -5.40 -12.10
C GLU A 84 7.24 -5.27 -11.39
N ASP A 85 7.74 -4.08 -11.25
CA ASP A 85 9.06 -3.89 -10.57
C ASP A 85 8.90 -4.07 -9.06
N LYS A 86 7.69 -4.08 -8.56
CA LYS A 86 7.49 -4.23 -7.10
C LYS A 86 8.11 -3.06 -6.33
N THR A 87 7.98 -1.87 -6.86
CA THR A 87 8.56 -0.69 -6.16
C THR A 87 7.68 0.55 -6.37
N LYS A 88 6.41 0.34 -6.64
CA LYS A 88 5.51 1.50 -6.85
C LYS A 88 4.04 1.07 -6.69
N ILE A 89 3.16 1.98 -6.37
CA ILE A 89 1.73 1.61 -6.21
C ILE A 89 0.87 2.65 -6.93
N ARG A 90 -0.29 2.25 -7.40
CA ARG A 90 -1.16 3.22 -8.13
C ARG A 90 -2.63 2.85 -7.97
N ARG A 91 -3.52 3.79 -8.17
CA ARG A 91 -4.97 3.49 -8.07
C ARG A 91 -5.50 3.13 -9.46
N SER A 92 -6.31 2.11 -9.56
CA SER A 92 -6.84 1.73 -10.89
C SER A 92 -7.73 2.84 -11.45
N PRO A 93 -7.22 3.53 -12.44
CA PRO A 93 -7.98 4.63 -13.07
C PRO A 93 -9.24 4.06 -13.73
N SER A 94 -9.20 2.79 -14.05
CA SER A 94 -10.38 2.16 -14.69
C SER A 94 -11.36 1.67 -13.61
N LYS A 95 -11.07 1.92 -12.37
CA LYS A 95 -11.99 1.49 -11.29
C LYS A 95 -12.48 2.73 -10.51
N PRO A 96 -13.77 2.78 -10.29
CA PRO A 96 -14.38 3.92 -9.58
C PRO A 96 -13.95 3.93 -8.11
N LEU A 97 -13.85 5.10 -7.54
CA LEU A 97 -13.49 5.22 -6.10
C LEU A 97 -14.60 5.95 -5.38
N PRO A 98 -15.18 5.28 -4.45
CA PRO A 98 -16.31 5.81 -3.68
C PRO A 98 -15.85 6.48 -2.39
N GLU A 99 -16.64 7.38 -1.89
CA GLU A 99 -16.29 8.08 -0.62
C GLU A 99 -17.28 7.70 0.49
N VAL A 100 -16.95 6.72 1.29
CA VAL A 100 -17.88 6.31 2.38
C VAL A 100 -17.72 7.26 3.57
N THR A 101 -18.81 7.69 4.14
CA THR A 101 -18.73 8.62 5.31
C THR A 101 -19.23 7.92 6.58
N ASP A 102 -18.46 7.93 7.62
CA ASP A 102 -18.89 7.27 8.88
C ASP A 102 -19.88 8.17 9.62
N GLU A 103 -21.06 7.68 9.88
CA GLU A 103 -22.08 8.50 10.61
C GLU A 103 -22.50 7.81 11.90
N MET A 1 21.92 -10.16 3.17
CA MET A 1 22.13 -11.03 4.36
C MET A 1 21.45 -12.38 4.16
N ALA A 2 21.40 -12.85 2.93
CA ALA A 2 20.75 -14.16 2.67
C ALA A 2 19.32 -14.17 3.23
N GLU A 3 18.63 -15.28 3.10
CA GLU A 3 17.24 -15.35 3.63
C GLU A 3 17.05 -16.62 4.45
N ASN A 4 15.84 -16.92 4.85
CA ASN A 4 15.60 -18.15 5.64
C ASN A 4 14.42 -18.93 5.08
N GLY A 5 14.51 -19.37 3.85
CA GLY A 5 13.39 -20.13 3.24
C GLY A 5 12.07 -19.42 3.53
N ASP A 6 11.05 -20.16 3.88
CA ASP A 6 9.74 -19.53 4.18
C ASP A 6 9.72 -19.01 5.62
N ASN A 7 8.73 -18.24 5.97
CA ASN A 7 8.64 -17.71 7.36
C ASN A 7 7.21 -17.28 7.68
N GLU A 8 6.61 -17.89 8.67
CA GLU A 8 5.21 -17.53 9.04
C GLU A 8 5.16 -16.09 9.53
N LYS A 9 6.13 -15.68 10.30
CA LYS A 9 6.14 -14.28 10.83
C LYS A 9 5.99 -13.29 9.67
N MET A 10 6.67 -13.52 8.58
CA MET A 10 6.58 -12.60 7.42
C MET A 10 5.13 -12.49 6.94
N ALA A 11 4.41 -13.57 6.98
CA ALA A 11 2.99 -13.52 6.54
C ALA A 11 2.22 -12.49 7.36
N ALA A 12 2.47 -12.45 8.64
CA ALA A 12 1.76 -11.45 9.50
C ALA A 12 2.31 -10.05 9.21
N LEU A 13 3.58 -9.96 8.89
CA LEU A 13 4.18 -8.62 8.60
C LEU A 13 3.64 -8.05 7.28
N GLU A 14 3.57 -8.85 6.26
CA GLU A 14 3.05 -8.33 4.95
C GLU A 14 1.57 -7.98 5.06
N ALA A 15 0.83 -8.72 5.83
CA ALA A 15 -0.62 -8.41 5.98
C ALA A 15 -0.80 -6.99 6.50
N LYS A 16 -0.01 -6.58 7.45
CA LYS A 16 -0.13 -5.20 7.99
C LYS A 16 0.34 -4.18 6.94
N ILE A 17 1.40 -4.49 6.23
CA ILE A 17 1.91 -3.55 5.20
C ILE A 17 0.84 -3.32 4.12
N CYS A 18 0.23 -4.38 3.65
CA CYS A 18 -0.82 -4.23 2.60
C CYS A 18 -2.02 -3.49 3.17
N HIS A 19 -2.41 -3.81 4.37
CA HIS A 19 -3.58 -3.12 5.00
C HIS A 19 -3.33 -1.62 5.07
N GLN A 20 -2.11 -1.22 5.32
CA GLN A 20 -1.82 0.24 5.40
C GLN A 20 -2.11 0.89 4.04
N ILE A 21 -1.61 0.32 2.97
CA ILE A 21 -1.89 0.90 1.64
C ILE A 21 -3.41 0.94 1.44
N GLU A 22 -4.09 -0.05 1.95
CA GLU A 22 -5.57 -0.08 1.84
C GLU A 22 -6.17 1.14 2.53
N TYR A 23 -5.57 1.58 3.61
CA TYR A 23 -6.11 2.75 4.34
C TYR A 23 -6.13 4.01 3.44
N TYR A 24 -5.06 4.28 2.72
CA TYR A 24 -5.08 5.50 1.85
C TYR A 24 -5.90 5.24 0.59
N PHE A 25 -5.83 4.05 0.06
CA PHE A 25 -6.58 3.74 -1.19
C PHE A 25 -7.93 3.06 -0.89
N GLY A 26 -8.07 2.47 0.26
CA GLY A 26 -9.33 1.75 0.62
C GLY A 26 -10.57 2.62 0.38
N ASP A 27 -10.64 3.30 -0.73
CA ASP A 27 -11.83 4.15 -1.03
C ASP A 27 -12.05 5.23 0.02
N PHE A 28 -11.55 5.08 1.21
CA PHE A 28 -11.80 6.13 2.25
C PHE A 28 -10.85 7.31 2.07
N ASN A 29 -9.58 7.05 1.92
CA ASN A 29 -8.59 8.16 1.78
C ASN A 29 -8.61 8.75 0.36
N LEU A 30 -8.85 7.96 -0.64
CA LEU A 30 -8.83 8.48 -2.05
C LEU A 30 -9.80 9.65 -2.23
N PRO A 31 -10.98 9.51 -1.72
CA PRO A 31 -12.01 10.57 -1.85
C PRO A 31 -11.54 11.90 -1.24
N ARG A 32 -10.49 11.88 -0.46
CA ARG A 32 -10.01 13.15 0.16
C ARG A 32 -8.49 13.20 0.26
N ASP A 33 -7.82 12.14 -0.09
CA ASP A 33 -6.33 12.12 0.03
C ASP A 33 -5.69 13.19 -0.86
N LYS A 34 -5.34 14.31 -0.27
CA LYS A 34 -4.68 15.40 -1.05
C LYS A 34 -3.24 15.01 -1.36
N PHE A 35 -2.55 14.51 -0.36
CA PHE A 35 -1.13 14.11 -0.56
C PHE A 35 -1.05 12.97 -1.57
N LEU A 36 -2.02 12.10 -1.56
CA LEU A 36 -2.02 10.95 -2.52
C LEU A 36 -2.37 11.45 -3.91
N LYS A 37 -3.24 12.40 -3.99
CA LYS A 37 -3.65 12.95 -5.31
C LYS A 37 -2.42 13.56 -6.01
N GLU A 38 -1.50 14.08 -5.24
CA GLU A 38 -0.28 14.68 -5.85
C GLU A 38 0.61 13.57 -6.44
N GLN A 39 0.88 12.55 -5.69
CA GLN A 39 1.73 11.44 -6.20
C GLN A 39 0.99 10.72 -7.33
N ILE A 40 -0.29 10.52 -7.17
CA ILE A 40 -1.07 9.84 -8.24
C ILE A 40 -1.17 10.76 -9.46
N LYS A 41 -1.28 12.04 -9.23
CA LYS A 41 -1.37 12.99 -10.39
C LYS A 41 0.01 13.17 -11.04
N LEU A 42 1.06 13.07 -10.25
CA LEU A 42 2.43 13.22 -10.83
C LEU A 42 2.51 12.52 -12.18
N ASP A 43 2.63 11.22 -12.18
CA ASP A 43 2.71 10.48 -13.47
C ASP A 43 1.29 10.09 -13.91
N GLU A 44 0.96 8.83 -13.89
CA GLU A 44 -0.42 8.42 -14.30
C GLU A 44 -1.14 7.78 -13.11
N GLY A 45 -0.60 7.96 -11.93
CA GLY A 45 -1.24 7.36 -10.72
C GLY A 45 -0.33 6.26 -10.16
N TRP A 46 0.87 6.61 -9.76
CA TRP A 46 1.79 5.58 -9.22
C TRP A 46 2.56 6.15 -8.02
N VAL A 47 2.28 5.67 -6.84
CA VAL A 47 3.02 6.19 -5.65
C VAL A 47 4.09 5.18 -5.24
N PRO A 48 5.27 5.68 -4.98
CA PRO A 48 6.40 4.81 -4.59
C PRO A 48 6.40 4.57 -3.09
N LEU A 49 7.01 3.50 -2.67
CA LEU A 49 7.04 3.18 -1.22
C LEU A 49 7.88 4.22 -0.46
N GLU A 50 8.45 5.17 -1.13
CA GLU A 50 9.26 6.19 -0.41
C GLU A 50 8.31 7.07 0.40
N ILE A 51 7.16 7.33 -0.14
CA ILE A 51 6.14 8.15 0.59
C ILE A 51 5.54 7.31 1.72
N MET A 52 5.39 6.04 1.50
CA MET A 52 4.84 5.14 2.55
C MET A 52 5.92 4.80 3.59
N ILE A 53 7.10 4.50 3.14
CA ILE A 53 8.19 4.12 4.08
C ILE A 53 8.55 5.26 5.03
N LYS A 54 8.34 6.50 4.64
CA LYS A 54 8.69 7.61 5.57
C LYS A 54 7.45 8.03 6.38
N PHE A 55 6.29 7.87 5.81
CA PHE A 55 5.05 8.26 6.54
C PHE A 55 4.94 7.44 7.84
N ASN A 56 4.85 8.10 8.96
CA ASN A 56 4.75 7.36 10.25
C ASN A 56 3.54 6.41 10.24
N ARG A 57 2.58 6.67 9.39
CA ARG A 57 1.39 5.77 9.33
C ARG A 57 1.81 4.36 8.91
N LEU A 58 2.80 4.25 8.07
CA LEU A 58 3.26 2.89 7.63
C LEU A 58 4.66 2.59 8.18
N ASN A 59 5.49 3.60 8.27
CA ASN A 59 6.87 3.37 8.80
C ASN A 59 6.81 2.80 10.22
N ARG A 60 5.72 3.01 10.91
CA ARG A 60 5.62 2.49 12.31
C ARG A 60 5.67 0.95 12.30
N LEU A 61 5.60 0.35 11.14
CA LEU A 61 5.64 -1.14 11.08
C LEU A 61 6.87 -1.61 10.30
N THR A 62 6.84 -1.48 9.00
CA THR A 62 8.01 -1.91 8.19
C THR A 62 8.42 -0.82 7.20
N THR A 63 9.69 -0.68 6.94
CA THR A 63 10.15 0.38 5.99
C THR A 63 11.16 -0.20 4.99
N ASP A 64 11.46 -1.47 5.11
CA ASP A 64 12.44 -2.08 4.17
C ASP A 64 11.79 -2.31 2.81
N PHE A 65 12.07 -1.47 1.85
CA PHE A 65 11.47 -1.64 0.50
C PHE A 65 11.43 -3.12 0.11
N ASN A 66 12.49 -3.84 0.35
CA ASN A 66 12.51 -5.28 0.00
C ASN A 66 11.53 -6.05 0.89
N VAL A 67 11.52 -5.75 2.16
CA VAL A 67 10.58 -6.46 3.08
C VAL A 67 9.14 -5.99 2.81
N ILE A 68 8.96 -4.71 2.67
CA ILE A 68 7.59 -4.17 2.40
C ILE A 68 7.12 -4.61 1.01
N VAL A 69 7.96 -4.49 0.03
CA VAL A 69 7.56 -4.91 -1.35
C VAL A 69 7.23 -6.40 -1.39
N GLU A 70 7.94 -7.19 -0.63
CA GLU A 70 7.67 -8.65 -0.63
C GLU A 70 6.21 -8.91 -0.22
N ALA A 71 5.72 -8.17 0.73
CA ALA A 71 4.30 -8.38 1.18
C ALA A 71 3.34 -7.94 0.07
N LEU A 72 3.64 -6.87 -0.61
CA LEU A 72 2.73 -6.41 -1.70
C LEU A 72 2.64 -7.47 -2.80
N SER A 73 3.68 -8.25 -2.98
CA SER A 73 3.65 -9.30 -4.03
C SER A 73 2.54 -10.32 -3.74
N LYS A 74 1.95 -10.25 -2.57
CA LYS A 74 0.85 -11.22 -2.25
C LYS A 74 -0.50 -10.50 -2.21
N SER A 75 -0.48 -9.21 -2.02
CA SER A 75 -1.76 -8.44 -1.95
C SER A 75 -2.60 -8.66 -3.21
N LYS A 76 -3.89 -8.49 -3.10
CA LYS A 76 -4.79 -8.69 -4.28
C LYS A 76 -6.24 -8.40 -3.88
N ALA A 77 -6.52 -7.19 -3.46
CA ALA A 77 -7.92 -6.85 -3.07
C ALA A 77 -8.69 -6.34 -4.27
N GLU A 78 -8.17 -6.57 -5.41
CA GLU A 78 -8.84 -6.12 -6.66
C GLU A 78 -9.17 -4.62 -6.57
N LEU A 79 -8.22 -3.80 -6.22
CA LEU A 79 -8.49 -2.34 -6.12
C LEU A 79 -7.22 -1.52 -6.38
N MET A 80 -6.13 -2.17 -6.70
CA MET A 80 -4.87 -1.42 -6.96
C MET A 80 -3.95 -2.23 -7.87
N GLU A 81 -2.99 -1.59 -8.48
CA GLU A 81 -2.07 -2.33 -9.39
C GLU A 81 -0.61 -2.03 -9.02
N ILE A 82 0.27 -2.98 -9.19
CA ILE A 82 1.70 -2.75 -8.85
C ILE A 82 2.59 -2.99 -10.08
N SER A 83 3.63 -2.21 -10.23
CA SER A 83 4.53 -2.41 -11.41
C SER A 83 5.13 -3.81 -11.38
N GLU A 84 6.09 -4.06 -12.24
CA GLU A 84 6.71 -5.41 -12.28
C GLU A 84 7.73 -5.56 -11.15
N ASP A 85 8.19 -4.47 -10.60
CA ASP A 85 9.19 -4.56 -9.49
C ASP A 85 8.48 -4.59 -8.14
N LYS A 86 7.22 -4.29 -8.11
CA LYS A 86 6.47 -4.31 -6.81
C LYS A 86 6.98 -3.19 -5.90
N THR A 87 7.73 -2.27 -6.42
CA THR A 87 8.25 -1.15 -5.57
C THR A 87 7.43 0.11 -5.79
N LYS A 88 6.17 -0.04 -6.12
CA LYS A 88 5.30 1.15 -6.35
C LYS A 88 3.83 0.76 -6.24
N ILE A 89 2.97 1.70 -5.95
CA ILE A 89 1.52 1.37 -5.83
C ILE A 89 0.70 2.35 -6.67
N ARG A 90 -0.45 1.95 -7.14
CA ARG A 90 -1.27 2.88 -7.98
C ARG A 90 -2.75 2.57 -7.83
N ARG A 91 -3.59 3.55 -8.05
CA ARG A 91 -5.06 3.34 -7.96
C ARG A 91 -5.59 2.88 -9.31
N SER A 92 -6.45 1.90 -9.34
CA SER A 92 -6.99 1.42 -10.65
C SER A 92 -7.82 2.52 -11.31
N PRO A 93 -7.27 3.08 -12.35
CA PRO A 93 -7.97 4.16 -13.09
C PRO A 93 -9.23 3.59 -13.73
N SER A 94 -9.27 2.31 -13.94
CA SER A 94 -10.46 1.67 -14.55
C SER A 94 -11.48 1.33 -13.47
N LYS A 95 -11.19 1.62 -12.23
CA LYS A 95 -12.16 1.33 -11.14
C LYS A 95 -12.57 2.63 -10.45
N PRO A 96 -13.86 2.83 -10.36
CA PRO A 96 -14.38 4.07 -9.72
C PRO A 96 -14.10 4.06 -8.21
N LEU A 97 -13.91 5.22 -7.65
CA LEU A 97 -13.67 5.31 -6.20
C LEU A 97 -14.72 6.22 -5.59
N PRO A 98 -15.48 5.65 -4.73
CA PRO A 98 -16.58 6.37 -4.06
C PRO A 98 -16.12 6.99 -2.74
N GLU A 99 -16.79 8.01 -2.30
CA GLU A 99 -16.40 8.67 -1.03
C GLU A 99 -17.38 8.30 0.09
N VAL A 100 -16.98 7.41 0.95
CA VAL A 100 -17.88 6.99 2.07
C VAL A 100 -17.57 7.81 3.33
N THR A 101 -18.58 8.21 4.04
CA THR A 101 -18.36 9.01 5.28
C THR A 101 -18.90 8.27 6.50
N ASP A 102 -18.23 8.40 7.62
CA ASP A 102 -18.71 7.70 8.85
C ASP A 102 -19.65 8.63 9.65
N GLU A 103 -20.91 8.29 9.72
CA GLU A 103 -21.86 9.15 10.48
C GLU A 103 -21.37 9.34 11.92
N MET A 1 -4.92 -26.63 15.48
CA MET A 1 -4.03 -27.18 14.41
C MET A 1 -3.27 -26.04 13.73
N ALA A 2 -1.96 -26.14 13.68
CA ALA A 2 -1.17 -25.07 13.02
C ALA A 2 -1.70 -24.80 11.61
N GLU A 3 -2.18 -23.62 11.36
CA GLU A 3 -2.72 -23.29 10.01
C GLU A 3 -1.58 -22.88 9.08
N ASN A 4 -0.58 -22.20 9.61
CA ASN A 4 0.56 -21.76 8.74
C ASN A 4 1.74 -22.72 8.92
N GLY A 5 2.53 -22.88 7.89
CA GLY A 5 3.70 -23.79 8.00
C GLY A 5 4.56 -23.39 9.20
N ASP A 6 5.29 -22.31 9.09
CA ASP A 6 6.14 -21.87 10.24
C ASP A 6 6.22 -20.34 10.28
N ASN A 7 6.63 -19.79 11.38
CA ASN A 7 6.73 -18.30 11.49
C ASN A 7 5.34 -17.68 11.35
N GLU A 8 4.54 -17.75 12.38
CA GLU A 8 3.17 -17.17 12.31
C GLU A 8 3.25 -15.63 12.28
N LYS A 9 4.23 -15.07 12.95
CA LYS A 9 4.36 -13.58 12.96
C LYS A 9 4.42 -13.04 11.53
N MET A 10 5.13 -13.71 10.66
CA MET A 10 5.22 -13.24 9.26
C MET A 10 3.83 -13.18 8.62
N ALA A 11 2.97 -14.09 8.96
CA ALA A 11 1.60 -14.08 8.37
C ALA A 11 0.91 -12.76 8.72
N ALA A 12 0.90 -12.40 9.97
CA ALA A 12 0.23 -11.12 10.36
C ALA A 12 1.07 -9.93 9.88
N LEU A 13 2.37 -10.09 9.85
CA LEU A 13 3.24 -8.97 9.37
C LEU A 13 2.98 -8.68 7.89
N GLU A 14 2.82 -9.71 7.10
CA GLU A 14 2.57 -9.49 5.65
C GLU A 14 1.26 -8.75 5.44
N ALA A 15 0.22 -9.16 6.11
CA ALA A 15 -1.09 -8.48 5.96
C ALA A 15 -1.05 -7.07 6.56
N LYS A 16 -0.26 -6.89 7.58
CA LYS A 16 -0.16 -5.54 8.21
C LYS A 16 0.39 -4.53 7.20
N ILE A 17 1.35 -4.93 6.42
CA ILE A 17 1.93 -4.00 5.41
C ILE A 17 0.89 -3.69 4.32
N CYS A 18 0.21 -4.69 3.84
CA CYS A 18 -0.83 -4.46 2.78
C CYS A 18 -1.98 -3.63 3.35
N HIS A 19 -2.38 -3.93 4.56
CA HIS A 19 -3.51 -3.17 5.18
C HIS A 19 -3.18 -1.67 5.22
N GLN A 20 -1.95 -1.33 5.45
CA GLN A 20 -1.59 0.13 5.50
C GLN A 20 -1.85 0.75 4.13
N ILE A 21 -1.37 0.14 3.09
CA ILE A 21 -1.62 0.68 1.73
C ILE A 21 -3.12 0.78 1.51
N GLU A 22 -3.84 -0.18 2.04
CA GLU A 22 -5.32 -0.16 1.91
C GLU A 22 -5.90 1.09 2.57
N TYR A 23 -5.31 1.53 3.65
CA TYR A 23 -5.83 2.74 4.35
C TYR A 23 -5.80 3.96 3.42
N TYR A 24 -4.72 4.19 2.71
CA TYR A 24 -4.67 5.38 1.81
C TYR A 24 -5.47 5.11 0.53
N PHE A 25 -5.37 3.93 -0.01
CA PHE A 25 -6.10 3.63 -1.28
C PHE A 25 -7.41 2.89 -1.02
N GLY A 26 -7.55 2.25 0.11
CA GLY A 26 -8.79 1.49 0.40
C GLY A 26 -10.06 2.35 0.25
N ASP A 27 -10.13 3.13 -0.79
CA ASP A 27 -11.34 3.99 -1.01
C ASP A 27 -11.58 4.97 0.12
N PHE A 28 -10.97 4.80 1.26
CA PHE A 28 -11.20 5.76 2.38
C PHE A 28 -10.40 7.04 2.18
N ASN A 29 -9.12 6.91 1.92
CA ASN A 29 -8.26 8.11 1.73
C ASN A 29 -8.44 8.75 0.35
N LEU A 30 -8.68 7.96 -0.67
CA LEU A 30 -8.82 8.53 -2.05
C LEU A 30 -9.92 9.61 -2.13
N PRO A 31 -10.99 9.39 -1.42
CA PRO A 31 -12.12 10.36 -1.44
C PRO A 31 -11.65 11.75 -0.97
N ARG A 32 -10.56 11.83 -0.27
CA ARG A 32 -10.07 13.15 0.20
C ARG A 32 -8.54 13.20 0.23
N ASP A 33 -7.89 12.17 -0.23
CA ASP A 33 -6.40 12.14 -0.17
C ASP A 33 -5.80 13.30 -0.97
N LYS A 34 -5.43 14.35 -0.28
CA LYS A 34 -4.82 15.53 -0.97
C LYS A 34 -3.39 15.21 -1.36
N PHE A 35 -2.65 14.63 -0.45
CA PHE A 35 -1.23 14.28 -0.74
C PHE A 35 -1.17 13.13 -1.75
N LEU A 36 -2.00 12.13 -1.58
CA LEU A 36 -1.99 10.99 -2.54
C LEU A 36 -2.39 11.49 -3.93
N LYS A 37 -3.29 12.42 -4.00
CA LYS A 37 -3.71 12.96 -5.32
C LYS A 37 -2.53 13.67 -5.99
N GLU A 38 -1.61 14.14 -5.21
CA GLU A 38 -0.42 14.84 -5.79
C GLU A 38 0.49 13.83 -6.49
N GLN A 39 0.74 12.71 -5.86
CA GLN A 39 1.61 11.67 -6.49
C GLN A 39 0.88 11.02 -7.66
N ILE A 40 -0.36 10.65 -7.47
CA ILE A 40 -1.13 10.01 -8.57
C ILE A 40 -1.22 10.95 -9.78
N LYS A 41 -1.40 12.22 -9.52
CA LYS A 41 -1.49 13.19 -10.65
C LYS A 41 -0.09 13.54 -11.17
N LEU A 42 0.90 13.50 -10.33
CA LEU A 42 2.28 13.84 -10.79
C LEU A 42 2.60 13.08 -12.09
N ASP A 43 2.94 11.82 -11.99
CA ASP A 43 3.25 11.03 -13.21
C ASP A 43 1.95 10.49 -13.81
N GLU A 44 1.89 9.22 -14.08
CA GLU A 44 0.64 8.63 -14.66
C GLU A 44 -0.10 7.84 -13.58
N GLY A 45 -0.30 8.44 -12.45
CA GLY A 45 -1.02 7.71 -11.35
C GLY A 45 -0.12 6.61 -10.79
N TRP A 46 1.09 6.95 -10.41
CA TRP A 46 2.01 5.91 -9.87
C TRP A 46 2.76 6.45 -8.66
N VAL A 47 2.45 5.99 -7.49
CA VAL A 47 3.17 6.47 -6.27
C VAL A 47 4.20 5.43 -5.83
N PRO A 48 5.36 5.91 -5.47
CA PRO A 48 6.44 5.02 -5.04
C PRO A 48 6.32 4.75 -3.54
N LEU A 49 6.78 3.62 -3.10
CA LEU A 49 6.68 3.28 -1.65
C LEU A 49 7.48 4.25 -0.80
N GLU A 50 8.11 5.23 -1.40
CA GLU A 50 8.89 6.20 -0.58
C GLU A 50 7.93 6.96 0.33
N ILE A 51 6.85 7.43 -0.21
CA ILE A 51 5.85 8.16 0.60
C ILE A 51 5.21 7.23 1.62
N MET A 52 5.05 5.97 1.26
CA MET A 52 4.46 5.00 2.20
C MET A 52 5.50 4.57 3.24
N ILE A 53 6.70 4.30 2.80
CA ILE A 53 7.77 3.87 3.74
C ILE A 53 8.38 5.08 4.46
N LYS A 54 7.88 6.26 4.21
CA LYS A 54 8.45 7.45 4.90
C LYS A 54 7.39 8.07 5.81
N PHE A 55 6.14 7.76 5.57
CA PHE A 55 5.05 8.31 6.42
C PHE A 55 5.05 7.61 7.78
N ASN A 56 4.69 8.32 8.83
CA ASN A 56 4.66 7.70 10.18
C ASN A 56 3.78 6.45 10.18
N ARG A 57 2.87 6.35 9.25
CA ARG A 57 1.97 5.17 9.22
C ARG A 57 2.77 3.89 8.92
N LEU A 58 3.66 3.94 7.97
CA LEU A 58 4.47 2.72 7.65
C LEU A 58 5.88 2.83 8.25
N ASN A 59 6.43 4.01 8.25
CA ASN A 59 7.80 4.18 8.83
C ASN A 59 7.83 3.67 10.27
N ARG A 60 6.70 3.61 10.92
CA ARG A 60 6.66 3.12 12.32
C ARG A 60 6.70 1.59 12.35
N LEU A 61 6.60 0.96 11.21
CA LEU A 61 6.62 -0.52 11.16
C LEU A 61 7.61 -1.01 10.09
N THR A 62 7.23 -1.98 9.30
CA THR A 62 8.14 -2.49 8.24
C THR A 62 8.88 -1.33 7.57
N THR A 63 8.27 -0.73 6.57
CA THR A 63 8.93 0.40 5.87
C THR A 63 10.07 -0.10 4.98
N ASP A 64 10.32 -1.38 4.99
CA ASP A 64 11.42 -1.93 4.14
C ASP A 64 10.91 -2.19 2.71
N PHE A 65 11.36 -1.40 1.77
CA PHE A 65 10.91 -1.60 0.36
C PHE A 65 10.83 -3.10 0.03
N ASN A 66 11.82 -3.85 0.43
CA ASN A 66 11.80 -5.31 0.12
C ASN A 66 10.75 -6.02 0.98
N VAL A 67 10.67 -5.69 2.23
CA VAL A 67 9.66 -6.36 3.11
C VAL A 67 8.25 -5.88 2.78
N ILE A 68 8.09 -4.61 2.54
CA ILE A 68 6.73 -4.07 2.21
C ILE A 68 6.20 -4.69 0.93
N VAL A 69 7.00 -4.73 -0.09
CA VAL A 69 6.55 -5.32 -1.39
C VAL A 69 6.40 -6.84 -1.24
N GLU A 70 7.24 -7.46 -0.48
CA GLU A 70 7.15 -8.94 -0.30
C GLU A 70 5.77 -9.32 0.25
N ALA A 71 5.24 -8.52 1.13
CA ALA A 71 3.91 -8.83 1.72
C ALA A 71 2.81 -8.69 0.65
N LEU A 72 2.94 -7.72 -0.21
CA LEU A 72 1.90 -7.53 -1.28
C LEU A 72 2.06 -8.61 -2.35
N SER A 73 3.25 -9.11 -2.54
CA SER A 73 3.46 -10.16 -3.58
C SER A 73 2.55 -11.36 -3.31
N LYS A 74 2.08 -11.51 -2.10
CA LYS A 74 1.20 -12.68 -1.79
C LYS A 74 -0.26 -12.22 -1.65
N SER A 75 -0.47 -10.97 -1.37
CA SER A 75 -1.86 -10.47 -1.19
C SER A 75 -2.72 -10.77 -2.42
N LYS A 76 -4.01 -10.85 -2.23
CA LYS A 76 -4.92 -11.15 -3.37
C LYS A 76 -5.95 -10.03 -3.54
N ALA A 77 -6.06 -9.17 -2.56
CA ALA A 77 -7.04 -8.04 -2.66
C ALA A 77 -6.37 -6.83 -3.29
N GLU A 78 -5.25 -7.05 -3.89
CA GLU A 78 -4.50 -5.94 -4.53
C GLU A 78 -5.41 -5.17 -5.50
N LEU A 79 -6.16 -4.24 -5.00
CA LEU A 79 -7.08 -3.45 -5.88
C LEU A 79 -6.26 -2.56 -6.82
N MET A 80 -5.05 -2.25 -6.44
CA MET A 80 -4.20 -1.37 -7.30
C MET A 80 -3.23 -2.21 -8.13
N GLU A 81 -2.18 -1.61 -8.64
CA GLU A 81 -1.21 -2.39 -9.46
C GLU A 81 0.21 -1.92 -9.15
N ILE A 82 1.19 -2.76 -9.41
CA ILE A 82 2.60 -2.37 -9.14
C ILE A 82 3.43 -2.46 -10.41
N SER A 83 4.36 -1.57 -10.61
CA SER A 83 5.20 -1.62 -11.84
C SER A 83 6.01 -2.91 -11.88
N GLU A 84 6.93 -3.01 -12.79
CA GLU A 84 7.76 -4.25 -12.89
C GLU A 84 8.92 -4.22 -11.89
N ASP A 85 9.21 -3.08 -11.32
CA ASP A 85 10.34 -3.02 -10.35
C ASP A 85 9.87 -3.32 -8.93
N LYS A 86 8.58 -3.31 -8.70
CA LYS A 86 8.06 -3.60 -7.33
C LYS A 86 8.46 -2.47 -6.36
N THR A 87 8.21 -1.25 -6.74
CA THR A 87 8.57 -0.11 -5.84
C THR A 87 7.59 1.04 -6.03
N LYS A 88 6.39 0.76 -6.48
CA LYS A 88 5.39 1.83 -6.69
C LYS A 88 3.99 1.23 -6.76
N ILE A 89 2.98 2.02 -6.49
CA ILE A 89 1.58 1.50 -6.55
C ILE A 89 0.70 2.51 -7.29
N ARG A 90 -0.48 2.11 -7.71
CA ARG A 90 -1.35 3.06 -8.44
C ARG A 90 -2.83 2.74 -8.21
N ARG A 91 -3.68 3.71 -8.35
CA ARG A 91 -5.14 3.47 -8.16
C ARG A 91 -5.80 3.25 -9.52
N SER A 92 -6.67 2.27 -9.63
CA SER A 92 -7.33 2.01 -10.95
C SER A 92 -8.34 3.11 -11.25
N PRO A 93 -8.01 3.94 -12.21
CA PRO A 93 -8.91 5.04 -12.62
C PRO A 93 -10.17 4.44 -13.24
N SER A 94 -10.07 3.23 -13.72
CA SER A 94 -11.25 2.57 -14.34
C SER A 94 -12.07 1.86 -13.26
N LYS A 95 -11.69 2.00 -12.02
CA LYS A 95 -12.47 1.34 -10.93
C LYS A 95 -13.16 2.41 -10.08
N PRO A 96 -14.42 2.18 -9.81
CA PRO A 96 -15.22 3.13 -9.00
C PRO A 96 -14.67 3.23 -7.58
N LEU A 97 -14.81 4.38 -6.99
CA LEU A 97 -14.31 4.56 -5.59
C LEU A 97 -15.47 4.97 -4.70
N PRO A 98 -15.93 3.99 -4.01
CA PRO A 98 -17.09 4.09 -3.13
C PRO A 98 -16.65 4.20 -1.66
N GLU A 99 -17.50 4.72 -0.84
CA GLU A 99 -17.16 4.87 0.61
C GLU A 99 -17.97 3.88 1.44
N VAL A 100 -17.31 3.09 2.24
CA VAL A 100 -18.04 2.10 3.08
C VAL A 100 -18.33 2.69 4.47
N THR A 101 -19.30 2.16 5.16
CA THR A 101 -19.63 2.69 6.51
C THR A 101 -19.44 1.61 7.56
N ASP A 102 -19.12 1.98 8.77
CA ASP A 102 -18.92 0.96 9.84
C ASP A 102 -20.20 0.81 10.68
N GLU A 103 -20.57 -0.39 10.99
CA GLU A 103 -21.81 -0.60 11.79
C GLU A 103 -21.48 -1.36 13.08
N MET A 1 20.69 -15.68 3.52
CA MET A 1 19.68 -16.55 4.18
C MET A 1 19.70 -17.95 3.57
N ALA A 2 20.65 -18.77 3.95
CA ALA A 2 20.73 -20.15 3.40
C ALA A 2 19.44 -20.91 3.72
N GLU A 3 18.67 -20.43 4.65
CA GLU A 3 17.40 -21.13 5.01
C GLU A 3 16.26 -20.12 5.18
N ASN A 4 15.09 -20.58 5.52
CA ASN A 4 13.94 -19.65 5.70
C ASN A 4 12.96 -20.22 6.72
N GLY A 5 12.35 -19.37 7.50
CA GLY A 5 11.37 -19.87 8.52
C GLY A 5 10.34 -18.78 8.82
N ASP A 6 10.79 -17.57 9.03
CA ASP A 6 9.84 -16.46 9.32
C ASP A 6 9.05 -16.77 10.59
N ASN A 7 9.08 -15.89 11.56
CA ASN A 7 8.33 -16.14 12.82
C ASN A 7 6.87 -15.72 12.66
N GLU A 8 6.09 -15.78 13.70
CA GLU A 8 4.66 -15.39 13.60
C GLU A 8 4.54 -13.88 13.35
N LYS A 9 5.44 -13.12 13.90
CA LYS A 9 5.38 -11.64 13.70
C LYS A 9 5.40 -11.31 12.20
N MET A 10 6.28 -11.93 11.46
CA MET A 10 6.35 -11.65 10.00
C MET A 10 5.03 -12.02 9.32
N ALA A 11 4.41 -13.07 9.76
CA ALA A 11 3.12 -13.49 9.15
C ALA A 11 2.09 -12.36 9.27
N ALA A 12 1.88 -11.86 10.47
CA ALA A 12 0.91 -10.76 10.65
C ALA A 12 1.47 -9.46 10.06
N LEU A 13 2.75 -9.28 10.11
CA LEU A 13 3.36 -8.04 9.55
C LEU A 13 3.13 -7.99 8.03
N GLU A 14 3.26 -9.10 7.36
CA GLU A 14 3.05 -9.10 5.88
C GLU A 14 1.63 -8.64 5.54
N ALA A 15 0.65 -9.15 6.23
CA ALA A 15 -0.75 -8.74 5.96
C ALA A 15 -0.99 -7.31 6.46
N LYS A 16 -0.43 -6.99 7.60
CA LYS A 16 -0.62 -5.62 8.14
C LYS A 16 -0.11 -4.58 7.14
N ILE A 17 0.99 -4.85 6.50
CA ILE A 17 1.54 -3.88 5.51
C ILE A 17 0.54 -3.68 4.36
N CYS A 18 -0.03 -4.73 3.87
CA CYS A 18 -1.02 -4.59 2.76
C CYS A 18 -2.24 -3.81 3.24
N HIS A 19 -2.69 -4.07 4.44
CA HIS A 19 -3.87 -3.34 4.99
C HIS A 19 -3.56 -1.84 5.06
N GLN A 20 -2.35 -1.48 5.37
CA GLN A 20 -2.01 -0.03 5.46
C GLN A 20 -2.20 0.61 4.08
N ILE A 21 -1.67 0.00 3.06
CA ILE A 21 -1.85 0.56 1.70
C ILE A 21 -3.35 0.67 1.41
N GLU A 22 -4.09 -0.28 1.89
CA GLU A 22 -5.57 -0.25 1.69
C GLU A 22 -6.16 1.00 2.33
N TYR A 23 -5.60 1.43 3.44
CA TYR A 23 -6.15 2.65 4.12
C TYR A 23 -6.05 3.89 3.20
N TYR A 24 -4.93 4.09 2.55
CA TYR A 24 -4.84 5.31 1.66
C TYR A 24 -5.58 5.07 0.34
N PHE A 25 -5.47 3.90 -0.21
CA PHE A 25 -6.14 3.64 -1.52
C PHE A 25 -7.48 2.90 -1.34
N GLY A 26 -7.66 2.23 -0.24
CA GLY A 26 -8.94 1.46 -0.01
C GLY A 26 -10.17 2.33 -0.27
N ASP A 27 -10.19 3.07 -1.35
CA ASP A 27 -11.37 3.91 -1.68
C ASP A 27 -11.72 4.92 -0.56
N PHE A 28 -11.25 4.71 0.64
CA PHE A 28 -11.59 5.67 1.73
C PHE A 28 -10.69 6.91 1.67
N ASN A 29 -9.42 6.73 1.54
CA ASN A 29 -8.49 7.89 1.50
C ASN A 29 -8.48 8.58 0.13
N LEU A 30 -8.65 7.85 -0.94
CA LEU A 30 -8.60 8.48 -2.30
C LEU A 30 -9.64 9.60 -2.46
N PRO A 31 -10.80 9.39 -1.91
CA PRO A 31 -11.88 10.41 -2.02
C PRO A 31 -11.43 11.75 -1.40
N ARG A 32 -10.37 11.76 -0.64
CA ARG A 32 -9.93 13.05 -0.02
C ARG A 32 -8.40 13.08 0.16
N ASP A 33 -7.72 12.03 -0.17
CA ASP A 33 -6.23 12.00 0.03
C ASP A 33 -5.54 13.11 -0.77
N LYS A 34 -5.22 14.20 -0.13
CA LYS A 34 -4.54 15.32 -0.84
C LYS A 34 -3.09 14.92 -1.07
N PHE A 35 -2.45 14.38 -0.07
CA PHE A 35 -1.04 13.96 -0.22
C PHE A 35 -0.94 12.87 -1.30
N LEU A 36 -1.89 11.99 -1.33
CA LEU A 36 -1.87 10.92 -2.37
C LEU A 36 -2.28 11.50 -3.72
N LYS A 37 -3.19 12.44 -3.70
CA LYS A 37 -3.66 13.09 -4.97
C LYS A 37 -2.51 13.87 -5.62
N GLU A 38 -1.64 14.45 -4.83
CA GLU A 38 -0.51 15.22 -5.43
C GLU A 38 0.49 14.24 -6.05
N GLN A 39 0.80 13.17 -5.37
CA GLN A 39 1.75 12.17 -5.93
C GLN A 39 1.08 11.41 -7.08
N ILE A 40 -0.11 10.94 -6.85
CA ILE A 40 -0.85 10.20 -7.92
C ILE A 40 -1.00 11.10 -9.15
N LYS A 41 -1.23 12.36 -8.95
CA LYS A 41 -1.38 13.30 -10.10
C LYS A 41 -0.02 13.58 -10.74
N LEU A 42 1.04 13.47 -9.99
CA LEU A 42 2.40 13.73 -10.56
C LEU A 42 2.52 13.03 -11.92
N ASP A 43 2.74 11.74 -11.90
CA ASP A 43 2.86 10.99 -13.18
C ASP A 43 1.47 10.51 -13.61
N GLU A 44 1.25 9.23 -13.66
CA GLU A 44 -0.09 8.71 -14.06
C GLU A 44 -0.78 8.09 -12.86
N GLY A 45 -0.37 8.46 -11.67
CA GLY A 45 -0.99 7.89 -10.44
C GLY A 45 0.00 6.93 -9.77
N TRP A 46 1.00 6.51 -10.48
CA TRP A 46 2.00 5.57 -9.89
C TRP A 46 2.73 6.20 -8.70
N VAL A 47 2.53 5.67 -7.52
CA VAL A 47 3.22 6.21 -6.32
C VAL A 47 4.31 5.24 -5.87
N PRO A 48 5.42 5.78 -5.45
CA PRO A 48 6.56 4.95 -5.02
C PRO A 48 6.47 4.63 -3.53
N LEU A 49 6.98 3.51 -3.13
CA LEU A 49 6.91 3.13 -1.70
C LEU A 49 7.74 4.09 -0.83
N GLU A 50 8.40 5.05 -1.42
CA GLU A 50 9.19 6.00 -0.59
C GLU A 50 8.21 6.87 0.20
N ILE A 51 7.10 7.17 -0.40
CA ILE A 51 6.06 7.99 0.29
C ILE A 51 5.34 7.12 1.32
N MET A 52 5.10 5.87 1.00
CA MET A 52 4.40 4.97 1.96
C MET A 52 5.36 4.47 3.05
N ILE A 53 6.55 4.08 2.68
CA ILE A 53 7.52 3.57 3.69
C ILE A 53 8.11 4.72 4.52
N LYS A 54 7.69 5.93 4.27
CA LYS A 54 8.23 7.07 5.07
C LYS A 54 7.09 7.74 5.85
N PHE A 55 5.87 7.42 5.50
CA PHE A 55 4.72 8.03 6.20
C PHE A 55 4.68 7.55 7.66
N ASN A 56 4.36 8.42 8.58
CA ASN A 56 4.31 8.01 10.01
C ASN A 56 3.35 6.84 10.21
N ARG A 57 2.43 6.65 9.30
CA ARG A 57 1.45 5.53 9.44
C ARG A 57 2.12 4.18 9.14
N LEU A 58 2.88 4.10 8.08
CA LEU A 58 3.52 2.80 7.73
C LEU A 58 5.00 2.78 8.15
N ASN A 59 5.67 3.89 8.03
CA ASN A 59 7.12 3.93 8.42
C ASN A 59 7.27 3.47 9.87
N ARG A 60 6.24 3.56 10.65
CA ARG A 60 6.33 3.14 12.07
C ARG A 60 6.49 1.62 12.16
N LEU A 61 6.39 0.95 11.06
CA LEU A 61 6.55 -0.54 11.07
C LEU A 61 7.49 -0.99 9.95
N THR A 62 7.08 -1.95 9.17
CA THR A 62 7.95 -2.42 8.06
C THR A 62 8.32 -1.26 7.13
N THR A 63 9.57 -1.16 6.75
CA THR A 63 9.98 -0.05 5.85
C THR A 63 11.01 -0.56 4.83
N ASP A 64 11.20 -1.85 4.77
CA ASP A 64 12.19 -2.41 3.81
C ASP A 64 11.54 -2.60 2.43
N PHE A 65 11.82 -1.72 1.51
CA PHE A 65 11.23 -1.84 0.15
C PHE A 65 11.11 -3.32 -0.25
N ASN A 66 12.10 -4.11 0.07
CA ASN A 66 12.03 -5.55 -0.31
C ASN A 66 10.99 -6.27 0.55
N VAL A 67 10.97 -6.01 1.83
CA VAL A 67 9.98 -6.68 2.72
C VAL A 67 8.57 -6.13 2.46
N ILE A 68 8.45 -4.84 2.32
CA ILE A 68 7.10 -4.23 2.08
C ILE A 68 6.53 -4.73 0.74
N VAL A 69 7.32 -4.72 -0.28
CA VAL A 69 6.82 -5.19 -1.61
C VAL A 69 6.53 -6.70 -1.55
N GLU A 70 7.31 -7.43 -0.81
CA GLU A 70 7.08 -8.90 -0.72
C GLU A 70 5.70 -9.19 -0.10
N ALA A 71 5.32 -8.44 0.90
CA ALA A 71 3.99 -8.67 1.54
C ALA A 71 2.87 -8.38 0.54
N LEU A 72 2.89 -7.23 -0.07
CA LEU A 72 1.81 -6.90 -1.06
C LEU A 72 1.95 -7.77 -2.31
N SER A 73 3.15 -8.17 -2.63
CA SER A 73 3.35 -9.01 -3.84
C SER A 73 2.68 -10.37 -3.64
N LYS A 74 2.75 -10.92 -2.47
CA LYS A 74 2.11 -12.25 -2.22
C LYS A 74 0.67 -12.06 -1.74
N SER A 75 0.35 -10.91 -1.23
CA SER A 75 -1.04 -10.66 -0.73
C SER A 75 -2.07 -10.94 -1.82
N LYS A 76 -3.28 -11.22 -1.42
CA LYS A 76 -4.35 -11.51 -2.42
C LYS A 76 -5.41 -10.41 -2.37
N ALA A 77 -5.36 -9.56 -1.39
CA ALA A 77 -6.35 -8.45 -1.29
C ALA A 77 -5.85 -7.23 -2.03
N GLU A 78 -4.87 -7.41 -2.84
CA GLU A 78 -4.29 -6.28 -3.62
C GLU A 78 -5.41 -5.43 -4.23
N LEU A 79 -5.86 -4.43 -3.52
CA LEU A 79 -6.95 -3.57 -4.06
C LEU A 79 -6.40 -2.68 -5.18
N MET A 80 -5.16 -2.29 -5.11
CA MET A 80 -4.58 -1.42 -6.18
C MET A 80 -3.72 -2.25 -7.12
N GLU A 81 -2.90 -1.60 -7.91
CA GLU A 81 -2.03 -2.35 -8.87
C GLU A 81 -0.59 -1.85 -8.78
N ILE A 82 0.36 -2.75 -8.75
CA ILE A 82 1.79 -2.32 -8.66
C ILE A 82 2.46 -2.45 -10.03
N SER A 83 3.34 -1.55 -10.36
CA SER A 83 4.03 -1.62 -11.68
C SER A 83 4.87 -2.88 -11.77
N GLU A 84 5.72 -2.97 -12.75
CA GLU A 84 6.58 -4.18 -12.91
C GLU A 84 7.82 -4.09 -12.02
N ASP A 85 8.12 -2.93 -11.49
CA ASP A 85 9.33 -2.81 -10.63
C ASP A 85 9.03 -3.23 -9.18
N LYS A 86 7.78 -3.37 -8.85
CA LYS A 86 7.43 -3.78 -7.45
C LYS A 86 7.83 -2.69 -6.45
N THR A 87 8.24 -1.56 -6.94
CA THR A 87 8.65 -0.45 -6.01
C THR A 87 7.69 0.73 -6.16
N LYS A 88 6.49 0.47 -6.59
CA LYS A 88 5.50 1.58 -6.78
C LYS A 88 4.09 1.00 -6.82
N ILE A 89 3.10 1.80 -6.52
CA ILE A 89 1.69 1.29 -6.56
C ILE A 89 0.78 2.38 -7.17
N ARG A 90 -0.38 2.02 -7.63
CA ARG A 90 -1.28 3.03 -8.24
C ARG A 90 -2.75 2.63 -8.06
N ARG A 91 -3.64 3.58 -8.14
CA ARG A 91 -5.09 3.26 -8.00
C ARG A 91 -5.64 2.89 -9.39
N SER A 92 -6.43 1.85 -9.48
CA SER A 92 -6.97 1.46 -10.80
C SER A 92 -7.89 2.56 -11.35
N PRO A 93 -7.40 3.25 -12.33
CA PRO A 93 -8.20 4.33 -12.97
C PRO A 93 -9.42 3.70 -13.63
N SER A 94 -9.35 2.43 -13.89
CA SER A 94 -10.49 1.73 -14.52
C SER A 94 -11.56 1.43 -13.46
N LYS A 95 -11.31 1.73 -12.22
CA LYS A 95 -12.33 1.49 -11.17
C LYS A 95 -12.71 2.83 -10.52
N PRO A 96 -13.98 3.14 -10.53
CA PRO A 96 -14.44 4.42 -9.95
C PRO A 96 -14.28 4.44 -8.43
N LEU A 97 -14.00 5.59 -7.88
CA LEU A 97 -13.87 5.72 -6.41
C LEU A 97 -14.84 6.78 -5.94
N PRO A 98 -15.75 6.37 -5.13
CA PRO A 98 -16.79 7.27 -4.62
C PRO A 98 -16.34 7.95 -3.33
N GLU A 99 -16.89 9.09 -3.04
CA GLU A 99 -16.51 9.81 -1.78
C GLU A 99 -17.71 9.92 -0.84
N VAL A 100 -17.46 9.95 0.44
CA VAL A 100 -18.59 10.06 1.41
C VAL A 100 -18.81 11.52 1.78
N THR A 101 -20.03 11.99 1.73
CA THR A 101 -20.30 13.41 2.08
C THR A 101 -20.99 13.51 3.44
N ASP A 102 -20.60 14.46 4.25
CA ASP A 102 -21.24 14.61 5.59
C ASP A 102 -22.35 15.65 5.54
N GLU A 103 -23.58 15.26 5.74
CA GLU A 103 -24.70 16.24 5.70
C GLU A 103 -24.67 17.13 6.94
N MET A 1 13.51 -26.98 12.50
CA MET A 1 14.87 -27.56 12.26
C MET A 1 15.76 -26.54 11.54
N ALA A 2 15.48 -26.29 10.29
CA ALA A 2 16.32 -25.31 9.53
C ALA A 2 15.49 -24.65 8.43
N GLU A 3 14.90 -25.44 7.56
CA GLU A 3 14.07 -24.84 6.47
C GLU A 3 12.82 -24.19 7.04
N ASN A 4 12.97 -23.24 7.92
CA ASN A 4 11.77 -22.57 8.50
C ASN A 4 12.16 -21.21 9.10
N GLY A 5 13.04 -21.22 10.07
CA GLY A 5 13.47 -19.93 10.69
C GLY A 5 12.26 -19.27 11.38
N ASP A 6 11.40 -18.67 10.62
CA ASP A 6 10.20 -18.00 11.22
C ASP A 6 9.34 -17.38 10.13
N ASN A 7 8.23 -18.00 9.81
CA ASN A 7 7.34 -17.44 8.76
C ASN A 7 6.17 -16.68 9.39
N GLU A 8 6.01 -16.79 10.68
CA GLU A 8 4.91 -16.06 11.37
C GLU A 8 5.13 -14.55 11.30
N LYS A 9 6.30 -14.10 11.66
CA LYS A 9 6.58 -12.63 11.61
C LYS A 9 6.32 -12.09 10.20
N MET A 10 6.82 -12.76 9.20
CA MET A 10 6.61 -12.27 7.80
C MET A 10 5.15 -12.48 7.39
N ALA A 11 4.55 -13.55 7.81
CA ALA A 11 3.13 -13.81 7.44
C ALA A 11 2.25 -12.65 7.93
N ALA A 12 2.34 -12.30 9.18
CA ALA A 12 1.52 -11.18 9.70
C ALA A 12 2.03 -9.84 9.14
N LEU A 13 3.31 -9.74 8.92
CA LEU A 13 3.88 -8.48 8.38
C LEU A 13 3.37 -8.23 6.95
N GLU A 14 3.34 -9.25 6.14
CA GLU A 14 2.86 -9.07 4.74
C GLU A 14 1.42 -8.55 4.73
N ALA A 15 0.56 -9.12 5.52
CA ALA A 15 -0.85 -8.65 5.56
C ALA A 15 -0.94 -7.31 6.29
N LYS A 16 -0.17 -7.13 7.32
CA LYS A 16 -0.21 -5.84 8.07
C LYS A 16 0.12 -4.68 7.14
N ILE A 17 1.10 -4.84 6.29
CA ILE A 17 1.47 -3.75 5.35
C ILE A 17 0.34 -3.52 4.34
N CYS A 18 -0.26 -4.57 3.85
CA CYS A 18 -1.37 -4.41 2.88
C CYS A 18 -2.51 -3.59 3.50
N HIS A 19 -2.85 -3.87 4.72
CA HIS A 19 -3.95 -3.09 5.38
C HIS A 19 -3.61 -1.60 5.41
N GLN A 20 -2.35 -1.28 5.61
CA GLN A 20 -1.97 0.16 5.64
C GLN A 20 -2.25 0.78 4.27
N ILE A 21 -1.82 0.15 3.23
CA ILE A 21 -2.08 0.70 1.87
C ILE A 21 -3.59 0.83 1.69
N GLU A 22 -4.32 -0.10 2.24
CA GLU A 22 -5.80 -0.05 2.14
C GLU A 22 -6.32 1.25 2.78
N TYR A 23 -5.68 1.71 3.83
CA TYR A 23 -6.15 2.95 4.49
C TYR A 23 -6.06 4.15 3.53
N TYR A 24 -4.98 4.30 2.80
CA TYR A 24 -4.90 5.48 1.87
C TYR A 24 -5.70 5.21 0.59
N PHE A 25 -5.65 4.01 0.08
CA PHE A 25 -6.39 3.70 -1.17
C PHE A 25 -7.72 2.99 -0.90
N GLY A 26 -7.86 2.36 0.24
CA GLY A 26 -9.11 1.61 0.55
C GLY A 26 -10.37 2.46 0.28
N ASP A 27 -10.41 3.17 -0.81
CA ASP A 27 -11.62 3.99 -1.14
C ASP A 27 -11.89 5.08 -0.09
N PHE A 28 -11.39 4.94 1.11
CA PHE A 28 -11.68 5.98 2.14
C PHE A 28 -10.76 7.19 1.97
N ASN A 29 -9.48 6.96 1.83
CA ASN A 29 -8.52 8.09 1.71
C ASN A 29 -8.52 8.70 0.29
N LEU A 30 -8.73 7.90 -0.72
CA LEU A 30 -8.69 8.44 -2.11
C LEU A 30 -9.71 9.57 -2.34
N PRO A 31 -10.89 9.39 -1.82
CA PRO A 31 -11.95 10.41 -1.98
C PRO A 31 -11.53 11.76 -1.39
N ARG A 32 -10.50 11.80 -0.59
CA ARG A 32 -10.06 13.10 0.00
C ARG A 32 -8.53 13.16 0.14
N ASP A 33 -7.85 12.11 -0.23
CA ASP A 33 -6.37 12.10 -0.06
C ASP A 33 -5.72 13.23 -0.87
N LYS A 34 -5.40 14.31 -0.21
CA LYS A 34 -4.75 15.46 -0.91
C LYS A 34 -3.29 15.12 -1.21
N PHE A 35 -2.60 14.57 -0.25
CA PHE A 35 -1.17 14.19 -0.46
C PHE A 35 -1.08 13.07 -1.50
N LEU A 36 -1.94 12.10 -1.40
CA LEU A 36 -1.91 10.98 -2.38
C LEU A 36 -2.26 11.51 -3.77
N LYS A 37 -3.14 12.47 -3.84
CA LYS A 37 -3.53 13.06 -5.16
C LYS A 37 -2.31 13.73 -5.80
N GLU A 38 -1.39 14.18 -5.00
CA GLU A 38 -0.17 14.85 -5.55
C GLU A 38 0.75 13.81 -6.21
N GLN A 39 0.99 12.72 -5.52
CA GLN A 39 1.88 11.67 -6.10
C GLN A 39 1.19 10.95 -7.26
N ILE A 40 -0.03 10.53 -7.05
CA ILE A 40 -0.76 9.83 -8.15
C ILE A 40 -0.87 10.75 -9.36
N LYS A 41 -1.07 12.02 -9.15
CA LYS A 41 -1.18 12.97 -10.29
C LYS A 41 0.20 13.23 -10.90
N LEU A 42 1.24 13.08 -10.13
CA LEU A 42 2.61 13.32 -10.67
C LEU A 42 2.78 12.57 -11.99
N ASP A 43 3.04 11.29 -11.94
CA ASP A 43 3.22 10.50 -13.19
C ASP A 43 1.86 9.95 -13.64
N GLU A 44 1.73 8.66 -13.78
CA GLU A 44 0.42 8.09 -14.22
C GLU A 44 -0.30 7.50 -13.00
N GLY A 45 -0.04 8.02 -11.83
CA GLY A 45 -0.72 7.50 -10.61
C GLY A 45 0.25 6.58 -9.87
N TRP A 46 1.32 6.19 -10.50
CA TRP A 46 2.31 5.28 -9.84
C TRP A 46 2.98 5.97 -8.66
N VAL A 47 2.80 5.46 -7.48
CA VAL A 47 3.45 6.06 -6.28
C VAL A 47 4.65 5.23 -5.87
N PRO A 48 5.65 5.90 -5.37
CA PRO A 48 6.88 5.23 -4.93
C PRO A 48 6.75 4.87 -3.45
N LEU A 49 7.20 3.71 -3.08
CA LEU A 49 7.09 3.31 -1.64
C LEU A 49 7.86 4.28 -0.74
N GLU A 50 8.49 5.27 -1.32
CA GLU A 50 9.23 6.26 -0.49
C GLU A 50 8.24 7.01 0.38
N ILE A 51 7.13 7.37 -0.20
CA ILE A 51 6.08 8.10 0.58
C ILE A 51 5.42 7.14 1.57
N MET A 52 5.24 5.91 1.19
CA MET A 52 4.61 4.93 2.12
C MET A 52 5.61 4.46 3.18
N ILE A 53 6.81 4.15 2.76
CA ILE A 53 7.84 3.68 3.74
C ILE A 53 8.41 4.85 4.54
N LYS A 54 7.92 6.04 4.33
CA LYS A 54 8.43 7.21 5.10
C LYS A 54 7.30 7.81 5.94
N PHE A 55 6.08 7.60 5.54
CA PHE A 55 4.92 8.14 6.30
C PHE A 55 4.90 7.54 7.71
N ASN A 56 4.62 8.33 8.71
CA ASN A 56 4.59 7.80 10.10
C ASN A 56 3.60 6.63 10.21
N ARG A 57 2.66 6.55 9.30
CA ARG A 57 1.67 5.45 9.36
C ARG A 57 2.33 4.11 8.97
N LEU A 58 3.13 4.11 7.95
CA LEU A 58 3.79 2.84 7.52
C LEU A 58 5.15 2.68 8.21
N ASN A 59 5.94 3.73 8.23
CA ASN A 59 7.28 3.64 8.89
C ASN A 59 7.13 3.17 10.34
N ARG A 60 5.98 3.36 10.92
CA ARG A 60 5.78 2.92 12.33
C ARG A 60 5.92 1.40 12.43
N LEU A 61 5.92 0.71 11.34
CA LEU A 61 6.05 -0.78 11.37
C LEU A 61 7.05 -1.24 10.30
N THR A 62 6.58 -1.51 9.12
CA THR A 62 7.50 -1.97 8.04
C THR A 62 8.21 -0.77 7.40
N THR A 63 9.05 -1.02 6.43
CA THR A 63 9.77 0.11 5.76
C THR A 63 10.76 -0.44 4.73
N ASP A 64 11.22 -1.66 4.91
CA ASP A 64 12.19 -2.24 3.93
C ASP A 64 11.53 -2.35 2.55
N PHE A 65 11.92 -1.48 1.64
CA PHE A 65 11.33 -1.52 0.28
C PHE A 65 11.10 -2.96 -0.17
N ASN A 66 12.02 -3.85 0.10
CA ASN A 66 11.85 -5.26 -0.33
C ASN A 66 10.76 -5.94 0.50
N VAL A 67 10.76 -5.74 1.79
CA VAL A 67 9.70 -6.37 2.64
C VAL A 67 8.34 -5.71 2.39
N ILE A 68 8.32 -4.39 2.36
CA ILE A 68 7.04 -3.67 2.14
C ILE A 68 6.47 -4.00 0.77
N VAL A 69 7.29 -3.95 -0.23
CA VAL A 69 6.81 -4.25 -1.60
C VAL A 69 6.48 -5.74 -1.74
N GLU A 70 7.21 -6.59 -1.08
CA GLU A 70 6.93 -8.04 -1.17
C GLU A 70 5.50 -8.34 -0.68
N ALA A 71 5.05 -7.64 0.32
CA ALA A 71 3.68 -7.89 0.84
C ALA A 71 2.63 -7.44 -0.19
N LEU A 72 2.87 -6.35 -0.86
CA LEU A 72 1.90 -5.85 -1.88
C LEU A 72 1.93 -6.76 -3.11
N SER A 73 3.05 -7.36 -3.39
CA SER A 73 3.14 -8.25 -4.58
C SER A 73 2.32 -9.53 -4.35
N LYS A 74 1.78 -9.68 -3.18
CA LYS A 74 0.95 -10.91 -2.89
C LYS A 74 -0.51 -10.53 -2.67
N SER A 75 -0.76 -9.29 -2.35
CA SER A 75 -2.18 -8.86 -2.10
C SER A 75 -3.06 -9.17 -3.31
N LYS A 76 -4.34 -9.30 -3.08
CA LYS A 76 -5.29 -9.60 -4.19
C LYS A 76 -6.67 -9.04 -3.88
N ALA A 77 -6.73 -7.86 -3.31
CA ALA A 77 -8.07 -7.27 -2.98
C ALA A 77 -8.51 -6.34 -4.09
N GLU A 78 -7.88 -6.46 -5.20
CA GLU A 78 -8.23 -5.60 -6.36
C GLU A 78 -8.49 -4.16 -5.91
N LEU A 79 -7.88 -3.75 -4.82
CA LEU A 79 -8.09 -2.36 -4.33
C LEU A 79 -7.08 -1.41 -4.98
N MET A 80 -6.14 -1.94 -5.70
CA MET A 80 -5.13 -1.06 -6.35
C MET A 80 -4.31 -1.85 -7.38
N GLU A 81 -3.32 -1.24 -7.96
CA GLU A 81 -2.49 -1.96 -8.97
C GLU A 81 -1.00 -1.66 -8.72
N ILE A 82 -0.27 -2.62 -8.25
CA ILE A 82 1.18 -2.38 -7.99
C ILE A 82 2.00 -2.70 -9.24
N SER A 83 3.00 -1.92 -9.52
CA SER A 83 3.84 -2.16 -10.73
C SER A 83 4.58 -3.50 -10.59
N GLU A 84 5.13 -4.00 -11.67
CA GLU A 84 5.86 -5.30 -11.59
C GLU A 84 7.29 -5.07 -11.10
N ASP A 85 7.74 -3.85 -11.08
CA ASP A 85 9.13 -3.57 -10.62
C ASP A 85 9.23 -3.76 -9.10
N LYS A 86 8.11 -3.87 -8.43
CA LYS A 86 8.14 -4.06 -6.95
C LYS A 86 8.76 -2.84 -6.27
N THR A 87 8.37 -1.65 -6.68
CA THR A 87 8.95 -0.43 -6.05
C THR A 87 7.98 0.75 -6.16
N LYS A 88 6.74 0.48 -6.44
CA LYS A 88 5.75 1.58 -6.57
C LYS A 88 4.32 1.04 -6.42
N ILE A 89 3.39 1.88 -6.03
CA ILE A 89 1.98 1.42 -5.87
C ILE A 89 1.02 2.43 -6.51
N ARG A 90 -0.08 1.98 -7.03
CA ARG A 90 -1.05 2.92 -7.67
C ARG A 90 -2.48 2.39 -7.55
N ARG A 91 -3.45 3.25 -7.67
CA ARG A 91 -4.87 2.80 -7.59
C ARG A 91 -5.33 2.42 -8.99
N SER A 92 -6.03 1.33 -9.13
CA SER A 92 -6.48 0.91 -10.49
C SER A 92 -7.47 1.94 -11.06
N PRO A 93 -6.99 2.67 -12.03
CA PRO A 93 -7.85 3.69 -12.68
C PRO A 93 -9.01 3.00 -13.37
N SER A 94 -8.83 1.76 -13.74
CA SER A 94 -9.91 1.00 -14.41
C SER A 94 -10.94 0.53 -13.37
N LYS A 95 -10.67 0.77 -12.11
CA LYS A 95 -11.63 0.36 -11.06
C LYS A 95 -12.11 1.60 -10.30
N PRO A 96 -13.40 1.76 -10.20
CA PRO A 96 -13.97 2.93 -9.50
C PRO A 96 -13.60 2.93 -8.02
N LEU A 97 -13.45 4.08 -7.45
CA LEU A 97 -13.13 4.18 -6.01
C LEU A 97 -14.22 5.01 -5.33
N PRO A 98 -14.90 4.36 -4.44
CA PRO A 98 -16.02 5.00 -3.73
C PRO A 98 -15.56 5.63 -2.41
N GLU A 99 -16.31 6.58 -1.93
CA GLU A 99 -15.95 7.25 -0.65
C GLU A 99 -16.88 6.79 0.47
N VAL A 100 -16.33 6.32 1.55
CA VAL A 100 -17.18 5.84 2.67
C VAL A 100 -17.37 6.95 3.71
N THR A 101 -18.57 7.12 4.19
CA THR A 101 -18.82 8.20 5.20
C THR A 101 -18.88 7.59 6.61
N ASP A 102 -18.17 8.17 7.55
CA ASP A 102 -18.18 7.63 8.94
C ASP A 102 -19.31 8.28 9.75
N GLU A 103 -19.87 7.56 10.68
CA GLU A 103 -20.96 8.15 11.51
C GLU A 103 -20.81 7.70 12.97
N MET A 1 -9.73 -21.64 14.67
CA MET A 1 -8.70 -22.61 14.18
C MET A 1 -7.71 -22.93 15.29
N ALA A 2 -7.00 -21.94 15.77
CA ALA A 2 -6.00 -22.19 16.85
C ALA A 2 -4.90 -23.13 16.36
N GLU A 3 -4.09 -22.69 15.43
CA GLU A 3 -3.00 -23.55 14.91
C GLU A 3 -2.23 -22.84 13.80
N ASN A 4 -1.44 -21.85 14.15
CA ASN A 4 -0.67 -21.11 13.12
C ASN A 4 0.64 -21.84 12.81
N GLY A 5 1.59 -21.77 13.71
CA GLY A 5 2.89 -22.46 13.48
C GLY A 5 3.95 -21.44 13.09
N ASP A 6 4.92 -21.84 12.32
CA ASP A 6 5.99 -20.88 11.90
C ASP A 6 5.39 -19.74 11.09
N ASN A 7 6.15 -18.71 10.83
CA ASN A 7 5.62 -17.56 10.03
C ASN A 7 4.45 -16.91 10.78
N GLU A 8 4.32 -17.17 12.05
CA GLU A 8 3.19 -16.57 12.83
C GLU A 8 3.31 -15.04 12.82
N LYS A 9 4.49 -14.52 13.02
CA LYS A 9 4.66 -13.04 13.02
C LYS A 9 4.63 -12.51 11.59
N MET A 10 5.29 -13.19 10.68
CA MET A 10 5.30 -12.73 9.26
C MET A 10 3.88 -12.70 8.71
N ALA A 11 3.07 -13.65 9.08
CA ALA A 11 1.67 -13.68 8.57
C ALA A 11 0.95 -12.38 8.95
N ALA A 12 0.97 -12.03 10.20
CA ALA A 12 0.31 -10.76 10.64
C ALA A 12 1.11 -9.56 10.14
N LEU A 13 2.41 -9.70 10.07
CA LEU A 13 3.25 -8.56 9.58
C LEU A 13 3.03 -8.34 8.09
N GLU A 14 2.99 -9.40 7.32
CA GLU A 14 2.79 -9.25 5.85
C GLU A 14 1.44 -8.56 5.57
N ALA A 15 0.41 -8.99 6.25
CA ALA A 15 -0.92 -8.36 6.03
C ALA A 15 -0.93 -6.94 6.59
N LYS A 16 -0.28 -6.71 7.68
CA LYS A 16 -0.25 -5.35 8.28
C LYS A 16 0.32 -4.35 7.25
N ILE A 17 1.33 -4.77 6.53
CA ILE A 17 1.94 -3.86 5.51
C ILE A 17 0.89 -3.49 4.45
N CYS A 18 0.15 -4.46 3.98
CA CYS A 18 -0.89 -4.18 2.96
C CYS A 18 -1.97 -3.26 3.55
N HIS A 19 -2.31 -3.46 4.79
CA HIS A 19 -3.34 -2.61 5.43
C HIS A 19 -2.93 -1.14 5.37
N GLN A 20 -1.66 -0.85 5.51
CA GLN A 20 -1.22 0.57 5.44
C GLN A 20 -1.53 1.13 4.05
N ILE A 21 -1.13 0.43 3.02
CA ILE A 21 -1.44 0.91 1.65
C ILE A 21 -2.94 1.06 1.52
N GLU A 22 -3.68 0.18 2.14
CA GLU A 22 -5.16 0.25 2.09
C GLU A 22 -5.62 1.57 2.72
N TYR A 23 -4.94 2.03 3.73
CA TYR A 23 -5.37 3.30 4.37
C TYR A 23 -5.37 4.45 3.34
N TYR A 24 -4.34 4.57 2.54
CA TYR A 24 -4.33 5.68 1.54
C TYR A 24 -5.20 5.34 0.32
N PHE A 25 -5.10 4.13 -0.17
CA PHE A 25 -5.90 3.75 -1.38
C PHE A 25 -7.01 2.77 -1.04
N GLY A 26 -6.89 2.06 0.05
CA GLY A 26 -7.95 1.08 0.43
C GLY A 26 -9.32 1.62 0.03
N ASP A 27 -9.67 2.77 0.52
CA ASP A 27 -10.99 3.35 0.18
C ASP A 27 -11.27 4.59 1.04
N PHE A 28 -10.61 4.72 2.16
CA PHE A 28 -10.85 5.90 3.03
C PHE A 28 -10.08 7.12 2.53
N ASN A 29 -8.85 6.94 2.14
CA ASN A 29 -8.05 8.10 1.64
C ASN A 29 -8.38 8.43 0.18
N LEU A 30 -8.68 7.44 -0.61
CA LEU A 30 -8.98 7.67 -2.06
C LEU A 30 -10.16 8.65 -2.27
N PRO A 31 -11.15 8.54 -1.43
CA PRO A 31 -12.34 9.43 -1.56
C PRO A 31 -11.96 10.91 -1.46
N ARG A 32 -10.86 11.23 -0.83
CA ARG A 32 -10.47 12.66 -0.71
C ARG A 32 -8.96 12.81 -0.52
N ASP A 33 -8.20 11.82 -0.89
CA ASP A 33 -6.72 11.92 -0.70
C ASP A 33 -6.14 13.11 -1.46
N LYS A 34 -5.93 14.20 -0.76
CA LYS A 34 -5.35 15.41 -1.42
C LYS A 34 -3.85 15.19 -1.66
N PHE A 35 -3.16 14.70 -0.68
CA PHE A 35 -1.70 14.45 -0.84
C PHE A 35 -1.46 13.36 -1.88
N LEU A 36 -2.24 12.31 -1.82
CA LEU A 36 -2.08 11.21 -2.81
C LEU A 36 -2.44 11.73 -4.20
N LYS A 37 -3.39 12.61 -4.27
CA LYS A 37 -3.80 13.19 -5.59
C LYS A 37 -2.63 13.96 -6.19
N GLU A 38 -1.81 14.53 -5.34
CA GLU A 38 -0.63 15.29 -5.84
C GLU A 38 0.41 14.35 -6.46
N GLN A 39 0.74 13.29 -5.76
CA GLN A 39 1.74 12.33 -6.31
C GLN A 39 1.14 11.53 -7.47
N ILE A 40 -0.03 11.00 -7.28
CA ILE A 40 -0.67 10.21 -8.38
C ILE A 40 -0.90 11.11 -9.59
N LYS A 41 -1.25 12.35 -9.37
CA LYS A 41 -1.47 13.29 -10.49
C LYS A 41 -0.13 13.71 -11.10
N LEU A 42 0.92 13.67 -10.32
CA LEU A 42 2.26 14.06 -10.85
C LEU A 42 2.61 13.23 -12.08
N ASP A 43 3.03 12.00 -11.88
CA ASP A 43 3.37 11.13 -13.03
C ASP A 43 2.11 10.48 -13.58
N GLU A 44 2.13 9.20 -13.83
CA GLU A 44 0.92 8.52 -14.36
C GLU A 44 0.10 7.95 -13.20
N GLY A 45 0.35 8.41 -12.00
CA GLY A 45 -0.40 7.90 -10.82
C GLY A 45 0.48 6.92 -10.05
N TRP A 46 1.57 6.50 -10.64
CA TRP A 46 2.46 5.53 -9.94
C TRP A 46 3.16 6.19 -8.74
N VAL A 47 2.92 5.67 -7.57
CA VAL A 47 3.58 6.24 -6.35
C VAL A 47 4.69 5.29 -5.89
N PRO A 48 5.75 5.87 -5.40
CA PRO A 48 6.89 5.08 -4.91
C PRO A 48 6.71 4.76 -3.43
N LEU A 49 7.17 3.62 -3.00
CA LEU A 49 7.01 3.24 -1.56
C LEU A 49 7.76 4.22 -0.66
N GLU A 50 8.39 5.23 -1.22
CA GLU A 50 9.11 6.21 -0.36
C GLU A 50 8.10 6.95 0.50
N ILE A 51 7.03 7.39 -0.09
CA ILE A 51 5.99 8.11 0.67
C ILE A 51 5.32 7.16 1.67
N MET A 52 5.22 5.90 1.30
CA MET A 52 4.61 4.91 2.22
C MET A 52 5.61 4.51 3.32
N ILE A 53 6.84 4.28 2.94
CA ILE A 53 7.87 3.88 3.95
C ILE A 53 8.30 5.07 4.81
N LYS A 54 7.70 6.21 4.62
CA LYS A 54 8.09 7.39 5.45
C LYS A 54 6.87 7.92 6.21
N PHE A 55 5.70 7.45 5.85
CA PHE A 55 4.46 7.93 6.55
C PHE A 55 4.36 7.25 7.92
N ASN A 56 3.94 7.99 8.92
CA ASN A 56 3.82 7.39 10.28
C ASN A 56 2.91 6.16 10.26
N ARG A 57 2.05 6.06 9.28
CA ARG A 57 1.12 4.90 9.21
C ARG A 57 1.89 3.62 8.86
N LEU A 58 2.78 3.69 7.90
CA LEU A 58 3.55 2.46 7.51
C LEU A 58 5.03 2.61 7.90
N ASN A 59 5.59 3.77 7.73
CA ASN A 59 7.03 3.94 8.08
C ASN A 59 7.27 3.55 9.54
N ARG A 60 6.29 3.73 10.39
CA ARG A 60 6.46 3.37 11.82
C ARG A 60 6.78 1.87 11.95
N LEU A 61 6.09 1.05 11.22
CA LEU A 61 6.36 -0.42 11.30
C LEU A 61 7.31 -0.85 10.18
N THR A 62 7.12 -2.02 9.63
CA THR A 62 8.01 -2.49 8.54
C THR A 62 8.30 -1.35 7.56
N THR A 63 9.52 -1.24 7.10
CA THR A 63 9.86 -0.15 6.14
C THR A 63 10.85 -0.67 5.09
N ASP A 64 11.06 -1.95 5.04
CA ASP A 64 12.01 -2.51 4.04
C ASP A 64 11.35 -2.59 2.66
N PHE A 65 11.66 -1.66 1.80
CA PHE A 65 11.05 -1.68 0.43
C PHE A 65 10.95 -3.12 -0.08
N ASN A 66 11.97 -3.90 0.13
CA ASN A 66 11.93 -5.32 -0.34
C ASN A 66 10.96 -6.15 0.49
N VAL A 67 10.98 -5.99 1.80
CA VAL A 67 10.04 -6.78 2.65
C VAL A 67 8.61 -6.28 2.48
N ILE A 68 8.42 -4.98 2.47
CA ILE A 68 7.05 -4.42 2.33
C ILE A 68 6.46 -4.80 0.98
N VAL A 69 7.22 -4.64 -0.06
CA VAL A 69 6.71 -5.01 -1.41
C VAL A 69 6.43 -6.51 -1.48
N GLU A 70 7.22 -7.31 -0.80
CA GLU A 70 6.99 -8.77 -0.83
C GLU A 70 5.59 -9.10 -0.32
N ALA A 71 5.15 -8.46 0.73
CA ALA A 71 3.79 -8.74 1.27
C ALA A 71 2.74 -8.37 0.22
N LEU A 72 2.99 -7.35 -0.56
CA LEU A 72 2.01 -6.93 -1.60
C LEU A 72 2.04 -7.93 -2.77
N SER A 73 3.17 -8.54 -3.00
CA SER A 73 3.28 -9.51 -4.13
C SER A 73 2.47 -10.77 -3.83
N LYS A 74 2.28 -11.11 -2.59
CA LYS A 74 1.50 -12.34 -2.27
C LYS A 74 0.01 -12.01 -2.12
N SER A 75 -0.31 -10.79 -1.83
CA SER A 75 -1.75 -10.42 -1.65
C SER A 75 -2.57 -10.80 -2.88
N LYS A 76 -3.84 -10.99 -2.70
CA LYS A 76 -4.72 -11.37 -3.85
C LYS A 76 -6.04 -10.60 -3.79
N ALA A 77 -6.07 -9.50 -3.10
CA ALA A 77 -7.33 -8.71 -3.02
C ALA A 77 -7.39 -7.69 -4.15
N GLU A 78 -6.55 -7.89 -5.11
CA GLU A 78 -6.50 -6.98 -6.28
C GLU A 78 -6.93 -5.56 -5.89
N LEU A 79 -6.55 -5.12 -4.73
CA LEU A 79 -6.92 -3.74 -4.30
C LEU A 79 -6.53 -2.74 -5.40
N MET A 80 -5.34 -2.21 -5.33
CA MET A 80 -4.90 -1.23 -6.36
C MET A 80 -4.12 -1.94 -7.47
N GLU A 81 -3.38 -1.21 -8.25
CA GLU A 81 -2.59 -1.84 -9.34
C GLU A 81 -1.09 -1.58 -9.12
N ILE A 82 -0.29 -2.61 -9.13
CA ILE A 82 1.17 -2.41 -8.92
C ILE A 82 1.93 -2.62 -10.23
N SER A 83 2.93 -1.83 -10.49
CA SER A 83 3.71 -1.98 -11.74
C SER A 83 4.55 -3.26 -11.70
N GLU A 84 5.32 -3.50 -12.73
CA GLU A 84 6.16 -4.73 -12.73
C GLU A 84 7.46 -4.50 -11.97
N ASP A 85 7.78 -3.27 -11.67
CA ASP A 85 9.04 -2.98 -10.92
C ASP A 85 8.90 -3.40 -9.45
N LYS A 86 7.70 -3.66 -9.01
CA LYS A 86 7.50 -4.07 -7.59
C LYS A 86 7.99 -2.97 -6.64
N THR A 87 8.04 -1.75 -7.10
CA THR A 87 8.51 -0.64 -6.21
C THR A 87 7.62 0.59 -6.36
N LYS A 88 6.35 0.40 -6.60
CA LYS A 88 5.44 1.57 -6.75
C LYS A 88 3.98 1.15 -6.56
N ILE A 89 3.13 2.08 -6.19
CA ILE A 89 1.69 1.75 -5.99
C ILE A 89 0.82 2.77 -6.73
N ARG A 90 -0.31 2.36 -7.24
CA ARG A 90 -1.18 3.32 -7.99
C ARG A 90 -2.65 2.91 -7.86
N ARG A 91 -3.55 3.84 -8.07
CA ARG A 91 -5.00 3.51 -8.00
C ARG A 91 -5.56 3.38 -9.42
N SER A 92 -6.36 2.38 -9.67
CA SER A 92 -6.91 2.20 -11.04
C SER A 92 -7.82 3.38 -11.40
N PRO A 93 -7.34 4.20 -12.30
CA PRO A 93 -8.12 5.38 -12.75
C PRO A 93 -9.38 4.93 -13.47
N SER A 94 -9.36 3.76 -14.05
CA SER A 94 -10.55 3.25 -14.77
C SER A 94 -11.37 2.35 -13.83
N LYS A 95 -10.99 2.26 -12.59
CA LYS A 95 -11.75 1.41 -11.64
C LYS A 95 -12.31 2.28 -10.50
N PRO A 96 -13.54 2.01 -10.16
CA PRO A 96 -14.21 2.78 -9.08
C PRO A 96 -13.58 2.46 -7.71
N LEU A 97 -13.60 3.39 -6.81
CA LEU A 97 -13.04 3.13 -5.47
C LEU A 97 -14.20 3.04 -4.48
N PRO A 98 -14.30 1.87 -3.94
CA PRO A 98 -15.39 1.54 -3.01
C PRO A 98 -14.96 1.63 -1.55
N GLU A 99 -15.92 1.80 -0.67
CA GLU A 99 -15.61 1.88 0.78
C GLU A 99 -15.65 0.48 1.39
N VAL A 100 -14.55 0.03 1.95
CA VAL A 100 -14.53 -1.33 2.56
C VAL A 100 -15.19 -1.31 3.93
N THR A 101 -15.65 -2.45 4.40
CA THR A 101 -16.30 -2.50 5.74
C THR A 101 -15.27 -2.85 6.81
N ASP A 102 -15.49 -2.41 8.02
CA ASP A 102 -14.52 -2.72 9.12
C ASP A 102 -14.53 -4.22 9.42
N GLU A 103 -13.39 -4.81 9.63
CA GLU A 103 -13.34 -6.26 9.93
C GLU A 103 -14.24 -7.03 8.97
N MET A 1 1.89 -18.53 -0.57
CA MET A 1 0.62 -18.24 0.15
C MET A 1 0.10 -19.50 0.85
N ALA A 2 0.63 -19.79 2.01
CA ALA A 2 0.18 -21.00 2.75
C ALA A 2 0.85 -21.05 4.13
N GLU A 3 0.07 -21.11 5.18
CA GLU A 3 0.66 -21.16 6.54
C GLU A 3 1.50 -22.43 6.71
N ASN A 4 2.71 -22.42 6.21
CA ASN A 4 3.57 -23.63 6.35
C ASN A 4 4.62 -23.41 7.43
N GLY A 5 4.29 -23.68 8.66
CA GLY A 5 5.27 -23.47 9.77
C GLY A 5 5.47 -21.97 10.00
N ASP A 6 4.67 -21.15 9.38
CA ASP A 6 4.82 -19.68 9.55
C ASP A 6 3.94 -19.20 10.72
N ASN A 7 4.55 -18.65 11.73
CA ASN A 7 3.76 -18.15 12.89
C ASN A 7 2.77 -17.07 12.46
N GLU A 8 1.81 -16.76 13.29
CA GLU A 8 0.82 -15.71 12.92
C GLU A 8 1.49 -14.35 12.84
N LYS A 9 2.48 -14.12 13.67
CA LYS A 9 3.18 -12.80 13.64
C LYS A 9 3.67 -12.48 12.23
N MET A 10 4.37 -13.37 11.61
CA MET A 10 4.87 -13.11 10.22
C MET A 10 3.70 -12.98 9.26
N ALA A 11 2.69 -13.79 9.42
CA ALA A 11 1.51 -13.72 8.52
C ALA A 11 0.89 -12.32 8.61
N ALA A 12 0.74 -11.81 9.80
CA ALA A 12 0.14 -10.45 9.95
C ALA A 12 1.13 -9.40 9.47
N LEU A 13 2.40 -9.64 9.63
CA LEU A 13 3.41 -8.65 9.17
C LEU A 13 3.27 -8.41 7.66
N GLU A 14 3.08 -9.45 6.90
CA GLU A 14 2.93 -9.27 5.42
C GLU A 14 1.63 -8.53 5.12
N ALA A 15 0.55 -8.93 5.75
CA ALA A 15 -0.74 -8.25 5.49
C ALA A 15 -0.73 -6.83 6.08
N LYS A 16 -0.01 -6.64 7.16
CA LYS A 16 0.04 -5.28 7.77
C LYS A 16 0.58 -4.28 6.75
N ILE A 17 1.59 -4.64 6.01
CA ILE A 17 2.14 -3.71 4.99
C ILE A 17 1.09 -3.40 3.93
N CYS A 18 0.41 -4.42 3.45
CA CYS A 18 -0.64 -4.21 2.42
C CYS A 18 -1.85 -3.50 3.04
N HIS A 19 -2.22 -3.88 4.23
CA HIS A 19 -3.39 -3.24 4.89
C HIS A 19 -3.15 -1.73 5.03
N GLN A 20 -1.93 -1.34 5.29
CA GLN A 20 -1.65 0.12 5.42
C GLN A 20 -1.92 0.80 4.08
N ILE A 21 -1.40 0.26 3.02
CA ILE A 21 -1.66 0.87 1.68
C ILE A 21 -3.16 0.91 1.45
N GLU A 22 -3.86 -0.09 1.92
CA GLU A 22 -5.34 -0.13 1.78
C GLU A 22 -5.96 1.08 2.48
N TYR A 23 -5.38 1.51 3.57
CA TYR A 23 -5.96 2.67 4.30
C TYR A 23 -5.94 3.94 3.43
N TYR A 24 -4.84 4.22 2.75
CA TYR A 24 -4.82 5.45 1.89
C TYR A 24 -5.55 5.21 0.58
N PHE A 25 -5.39 4.06 -0.01
CA PHE A 25 -6.07 3.78 -1.31
C PHE A 25 -7.37 3.00 -1.13
N GLY A 26 -7.53 2.32 -0.03
CA GLY A 26 -8.76 1.50 0.20
C GLY A 26 -10.04 2.34 -0.01
N ASP A 27 -10.09 3.12 -1.05
CA ASP A 27 -11.31 3.93 -1.33
C ASP A 27 -11.64 4.89 -0.18
N PHE A 28 -11.09 4.71 0.99
CA PHE A 28 -11.42 5.64 2.11
C PHE A 28 -10.63 6.94 2.00
N ASN A 29 -9.34 6.84 1.82
CA ASN A 29 -8.50 8.06 1.73
C ASN A 29 -8.59 8.73 0.34
N LEU A 30 -8.74 7.96 -0.70
CA LEU A 30 -8.79 8.54 -2.08
C LEU A 30 -9.91 9.57 -2.25
N PRO A 31 -11.04 9.31 -1.65
CA PRO A 31 -12.19 10.24 -1.76
C PRO A 31 -11.82 11.64 -1.27
N ARG A 32 -10.77 11.76 -0.51
CA ARG A 32 -10.38 13.12 0.00
C ARG A 32 -8.85 13.22 0.14
N ASP A 33 -8.14 12.19 -0.21
CA ASP A 33 -6.66 12.22 -0.05
C ASP A 33 -6.03 13.36 -0.87
N LYS A 34 -5.74 14.45 -0.22
CA LYS A 34 -5.11 15.60 -0.94
C LYS A 34 -3.65 15.29 -1.23
N PHE A 35 -2.95 14.77 -0.27
CA PHE A 35 -1.51 14.43 -0.49
C PHE A 35 -1.39 13.28 -1.48
N LEU A 36 -2.23 12.28 -1.35
CA LEU A 36 -2.17 11.14 -2.30
C LEU A 36 -2.53 11.63 -3.71
N LYS A 37 -3.42 12.58 -3.79
CA LYS A 37 -3.82 13.12 -5.12
C LYS A 37 -2.61 13.79 -5.80
N GLU A 38 -1.68 14.24 -5.01
CA GLU A 38 -0.46 14.90 -5.59
C GLU A 38 0.42 13.85 -6.28
N GLN A 39 0.67 12.76 -5.62
CA GLN A 39 1.52 11.70 -6.23
C GLN A 39 0.81 11.03 -7.41
N ILE A 40 -0.47 10.78 -7.27
CA ILE A 40 -1.22 10.13 -8.37
C ILE A 40 -1.28 11.07 -9.59
N LYS A 41 -1.43 12.35 -9.35
CA LYS A 41 -1.49 13.32 -10.49
C LYS A 41 -0.09 13.59 -11.03
N LEU A 42 0.92 13.48 -10.21
CA LEU A 42 2.30 13.73 -10.69
C LEU A 42 2.53 13.06 -12.05
N ASP A 43 2.85 11.80 -12.05
CA ASP A 43 3.06 11.08 -13.34
C ASP A 43 1.73 10.52 -13.86
N GLU A 44 1.65 9.24 -14.06
CA GLU A 44 0.37 8.64 -14.53
C GLU A 44 -0.33 7.90 -13.39
N GLY A 45 -0.36 8.49 -12.23
CA GLY A 45 -1.01 7.83 -11.07
C GLY A 45 -0.11 6.71 -10.54
N TRP A 46 1.12 7.02 -10.22
CA TRP A 46 2.04 5.96 -9.71
C TRP A 46 2.84 6.49 -8.50
N VAL A 47 2.56 5.99 -7.34
CA VAL A 47 3.31 6.44 -6.13
C VAL A 47 4.36 5.40 -5.74
N PRO A 48 5.49 5.86 -5.28
CA PRO A 48 6.58 4.96 -4.89
C PRO A 48 6.45 4.59 -3.41
N LEU A 49 6.93 3.44 -3.03
CA LEU A 49 6.84 3.03 -1.61
C LEU A 49 7.69 3.96 -0.75
N GLU A 50 8.33 4.92 -1.35
CA GLU A 50 9.16 5.88 -0.57
C GLU A 50 8.24 6.69 0.32
N ILE A 51 7.23 7.23 -0.28
CA ILE A 51 6.24 8.05 0.49
C ILE A 51 5.50 7.17 1.49
N MET A 52 5.27 5.93 1.14
CA MET A 52 4.56 5.02 2.08
C MET A 52 5.51 4.51 3.17
N ILE A 53 6.70 4.12 2.80
CA ILE A 53 7.65 3.58 3.81
C ILE A 53 8.33 4.72 4.57
N LYS A 54 8.06 5.95 4.23
CA LYS A 54 8.69 7.08 4.96
C LYS A 54 7.66 7.78 5.84
N PHE A 55 6.40 7.49 5.60
CA PHE A 55 5.33 8.14 6.43
C PHE A 55 5.35 7.56 7.85
N ASN A 56 5.09 8.37 8.83
CA ASN A 56 5.11 7.87 10.24
C ASN A 56 3.99 6.86 10.48
N ARG A 57 2.89 7.00 9.80
CA ARG A 57 1.76 6.04 10.00
C ARG A 57 2.14 4.65 9.46
N LEU A 58 3.07 4.59 8.55
CA LEU A 58 3.47 3.26 7.99
C LEU A 58 4.89 2.91 8.44
N ASN A 59 5.82 3.82 8.30
CA ASN A 59 7.22 3.53 8.71
C ASN A 59 7.28 3.08 10.16
N ARG A 60 6.28 3.42 10.94
CA ARG A 60 6.28 3.02 12.37
C ARG A 60 6.52 1.51 12.52
N LEU A 61 6.32 0.77 11.46
CA LEU A 61 6.53 -0.71 11.55
C LEU A 61 7.53 -1.17 10.49
N THR A 62 7.05 -1.65 9.37
CA THR A 62 7.98 -2.12 8.30
C THR A 62 8.39 -0.96 7.40
N THR A 63 9.61 -0.96 6.92
CA THR A 63 10.07 0.14 6.03
C THR A 63 11.04 -0.40 4.97
N ASP A 64 11.19 -1.69 4.88
CA ASP A 64 12.11 -2.27 3.87
C ASP A 64 11.40 -2.43 2.52
N PHE A 65 11.62 -1.51 1.61
CA PHE A 65 10.96 -1.59 0.28
C PHE A 65 10.83 -3.06 -0.16
N ASN A 66 11.85 -3.83 0.05
CA ASN A 66 11.80 -5.26 -0.37
C ASN A 66 10.86 -6.07 0.52
N VAL A 67 10.85 -5.82 1.81
CA VAL A 67 9.96 -6.59 2.71
C VAL A 67 8.49 -6.19 2.50
N ILE A 68 8.21 -4.95 2.24
CA ILE A 68 6.80 -4.53 2.03
C ILE A 68 6.29 -5.03 0.68
N VAL A 69 7.07 -4.79 -0.31
CA VAL A 69 6.68 -5.21 -1.70
C VAL A 69 6.42 -6.72 -1.71
N GLU A 70 7.28 -7.49 -1.10
CA GLU A 70 7.07 -8.96 -1.08
C GLU A 70 5.73 -9.27 -0.41
N ALA A 71 5.33 -8.45 0.52
CA ALA A 71 4.02 -8.68 1.21
C ALA A 71 2.87 -8.45 0.22
N LEU A 72 2.93 -7.38 -0.53
CA LEU A 72 1.84 -7.09 -1.51
C LEU A 72 1.94 -8.05 -2.70
N SER A 73 3.13 -8.35 -3.13
CA SER A 73 3.29 -9.28 -4.29
C SER A 73 2.63 -10.62 -4.01
N LYS A 74 2.38 -10.93 -2.77
CA LYS A 74 1.73 -12.24 -2.43
C LYS A 74 0.25 -12.02 -2.11
N SER A 75 -0.12 -10.84 -1.72
CA SER A 75 -1.55 -10.58 -1.37
C SER A 75 -2.48 -10.96 -2.51
N LYS A 76 -3.71 -11.25 -2.20
CA LYS A 76 -4.69 -11.63 -3.25
C LYS A 76 -5.94 -10.76 -3.17
N ALA A 77 -5.89 -9.72 -2.36
CA ALA A 77 -7.07 -8.82 -2.23
C ALA A 77 -6.99 -7.71 -3.26
N GLU A 78 -6.16 -7.88 -4.22
CA GLU A 78 -5.99 -6.85 -5.28
C GLU A 78 -5.46 -5.55 -4.67
N LEU A 79 -6.34 -4.71 -4.19
CA LEU A 79 -5.89 -3.43 -3.58
C LEU A 79 -4.95 -2.69 -4.55
N MET A 80 -5.47 -2.21 -5.64
CA MET A 80 -4.62 -1.48 -6.63
C MET A 80 -3.57 -2.43 -7.21
N GLU A 81 -2.65 -1.92 -7.98
CA GLU A 81 -1.60 -2.79 -8.58
C GLU A 81 -0.21 -2.19 -8.35
N ILE A 82 0.82 -2.99 -8.49
CA ILE A 82 2.20 -2.47 -8.29
C ILE A 82 3.04 -2.70 -9.55
N SER A 83 3.91 -1.79 -9.88
CA SER A 83 4.75 -1.97 -11.09
C SER A 83 5.38 -3.37 -11.11
N GLU A 84 6.15 -3.67 -12.12
CA GLU A 84 6.78 -5.01 -12.19
C GLU A 84 8.05 -5.04 -11.33
N ASP A 85 8.53 -3.90 -10.91
CA ASP A 85 9.76 -3.89 -10.07
C ASP A 85 9.39 -3.97 -8.58
N LYS A 86 8.14 -3.77 -8.26
CA LYS A 86 7.72 -3.84 -6.83
C LYS A 86 8.26 -2.63 -6.06
N THR A 87 7.89 -1.44 -6.45
CA THR A 87 8.39 -0.24 -5.74
C THR A 87 7.45 0.94 -5.96
N LYS A 88 6.22 0.67 -6.35
CA LYS A 88 5.26 1.78 -6.58
C LYS A 88 3.82 1.24 -6.57
N ILE A 89 2.87 2.08 -6.27
CA ILE A 89 1.45 1.63 -6.24
C ILE A 89 0.57 2.61 -7.02
N ARG A 90 -0.56 2.17 -7.51
CA ARG A 90 -1.44 3.09 -8.27
C ARG A 90 -2.90 2.68 -8.13
N ARG A 91 -3.81 3.60 -8.35
CA ARG A 91 -5.25 3.26 -8.25
C ARG A 91 -5.81 3.01 -9.66
N SER A 92 -6.60 1.99 -9.82
CA SER A 92 -7.16 1.68 -11.17
C SER A 92 -8.10 2.81 -11.60
N PRO A 93 -7.65 3.57 -12.55
CA PRO A 93 -8.47 4.70 -13.08
C PRO A 93 -9.72 4.14 -13.74
N SER A 94 -9.67 2.89 -14.11
CA SER A 94 -10.84 2.25 -14.77
C SER A 94 -11.78 1.68 -13.71
N LYS A 95 -11.47 1.86 -12.45
CA LYS A 95 -12.37 1.33 -11.38
C LYS A 95 -12.88 2.50 -10.53
N PRO A 96 -14.14 2.46 -10.21
CA PRO A 96 -14.75 3.53 -9.40
C PRO A 96 -14.23 3.49 -7.96
N LEU A 97 -14.15 4.63 -7.32
CA LEU A 97 -13.69 4.67 -5.91
C LEU A 97 -14.77 5.32 -5.07
N PRO A 98 -15.30 4.54 -4.19
CA PRO A 98 -16.38 4.99 -3.31
C PRO A 98 -15.84 5.56 -2.00
N GLU A 99 -16.60 6.39 -1.36
CA GLU A 99 -16.16 6.99 -0.07
C GLU A 99 -17.06 6.53 1.08
N VAL A 100 -16.52 6.41 2.25
CA VAL A 100 -17.35 5.96 3.41
C VAL A 100 -18.00 7.17 4.09
N THR A 101 -19.18 7.01 4.61
CA THR A 101 -19.87 8.15 5.29
C THR A 101 -19.83 7.96 6.80
N ASP A 102 -19.38 8.95 7.53
CA ASP A 102 -19.32 8.82 9.01
C ASP A 102 -20.56 9.47 9.64
N GLU A 103 -21.40 8.68 10.26
CA GLU A 103 -22.61 9.24 10.89
C GLU A 103 -22.71 8.82 12.36
N MET A 1 18.29 -18.34 13.02
CA MET A 1 18.57 -17.42 14.15
C MET A 1 19.78 -16.53 13.82
N ALA A 2 20.42 -16.78 12.72
CA ALA A 2 21.61 -15.95 12.35
C ALA A 2 21.18 -14.78 11.47
N GLU A 3 20.84 -15.03 10.23
CA GLU A 3 20.41 -13.94 9.33
C GLU A 3 18.89 -13.86 9.28
N ASN A 4 18.21 -14.91 9.63
CA ASN A 4 16.72 -14.90 9.61
C ASN A 4 16.19 -14.18 10.86
N GLY A 5 16.17 -14.86 11.98
CA GLY A 5 15.66 -14.21 13.23
C GLY A 5 14.25 -14.75 13.54
N ASP A 6 13.40 -14.78 12.55
CA ASP A 6 12.02 -15.29 12.80
C ASP A 6 11.20 -15.24 11.49
N ASN A 7 10.30 -16.17 11.32
CA ASN A 7 9.48 -16.17 10.07
C ASN A 7 7.99 -16.08 10.42
N GLU A 8 7.62 -16.49 11.60
CA GLU A 8 6.18 -16.43 12.00
C GLU A 8 5.71 -14.97 12.03
N LYS A 9 6.43 -14.12 12.70
CA LYS A 9 6.02 -12.68 12.76
C LYS A 9 6.04 -12.07 11.36
N MET A 10 6.90 -12.55 10.50
CA MET A 10 6.98 -11.99 9.12
C MET A 10 5.63 -12.14 8.41
N ALA A 11 4.95 -13.22 8.64
CA ALA A 11 3.62 -13.43 7.99
C ALA A 11 2.68 -12.29 8.35
N ALA A 12 2.59 -11.94 9.60
CA ALA A 12 1.68 -10.83 10.01
C ALA A 12 2.25 -9.49 9.52
N LEU A 13 3.54 -9.37 9.46
CA LEU A 13 4.15 -8.09 8.99
C LEU A 13 3.70 -7.76 7.56
N GLU A 14 3.71 -8.73 6.68
CA GLU A 14 3.27 -8.46 5.28
C GLU A 14 1.77 -8.19 5.25
N ALA A 15 1.00 -9.00 5.92
CA ALA A 15 -0.47 -8.81 5.94
C ALA A 15 -0.82 -7.43 6.49
N LYS A 16 -0.12 -6.98 7.49
CA LYS A 16 -0.41 -5.64 8.07
C LYS A 16 -0.01 -4.53 7.07
N ILE A 17 1.09 -4.71 6.40
CA ILE A 17 1.53 -3.68 5.42
C ILE A 17 0.49 -3.51 4.30
N CYS A 18 -0.04 -4.60 3.81
CA CYS A 18 -1.06 -4.50 2.72
C CYS A 18 -2.30 -3.76 3.23
N HIS A 19 -2.76 -4.09 4.41
CA HIS A 19 -3.96 -3.40 4.96
C HIS A 19 -3.72 -1.90 5.05
N GLN A 20 -2.52 -1.49 5.37
CA GLN A 20 -2.23 -0.04 5.47
C GLN A 20 -2.45 0.61 4.10
N ILE A 21 -1.91 0.05 3.06
CA ILE A 21 -2.12 0.64 1.71
C ILE A 21 -3.63 0.69 1.43
N GLU A 22 -4.34 -0.30 1.90
CA GLU A 22 -5.81 -0.32 1.70
C GLU A 22 -6.46 0.92 2.33
N TYR A 23 -5.92 1.37 3.44
CA TYR A 23 -6.50 2.56 4.12
C TYR A 23 -6.39 3.82 3.25
N TYR A 24 -5.25 4.07 2.64
CA TYR A 24 -5.13 5.31 1.80
C TYR A 24 -5.81 5.11 0.45
N PHE A 25 -5.67 3.95 -0.14
CA PHE A 25 -6.29 3.73 -1.48
C PHE A 25 -7.66 3.04 -1.36
N GLY A 26 -7.92 2.35 -0.28
CA GLY A 26 -9.22 1.63 -0.12
C GLY A 26 -10.41 2.55 -0.41
N ASP A 27 -10.36 3.34 -1.44
CA ASP A 27 -11.50 4.23 -1.78
C ASP A 27 -11.84 5.20 -0.65
N PHE A 28 -11.39 4.95 0.55
CA PHE A 28 -11.73 5.87 1.67
C PHE A 28 -10.84 7.12 1.65
N ASN A 29 -9.56 6.93 1.53
CA ASN A 29 -8.62 8.09 1.54
C ASN A 29 -8.59 8.83 0.18
N LEU A 30 -8.74 8.11 -0.90
CA LEU A 30 -8.66 8.77 -2.25
C LEU A 30 -9.71 9.89 -2.40
N PRO A 31 -10.88 9.66 -1.89
CA PRO A 31 -11.96 10.68 -1.99
C PRO A 31 -11.56 12.00 -1.34
N ARG A 32 -10.59 11.99 -0.45
CA ARG A 32 -10.19 13.28 0.19
C ARG A 32 -8.67 13.36 0.39
N ASP A 33 -7.95 12.31 0.13
CA ASP A 33 -6.48 12.34 0.32
C ASP A 33 -5.83 13.39 -0.59
N LYS A 34 -5.42 14.50 -0.02
CA LYS A 34 -4.78 15.56 -0.84
C LYS A 34 -3.36 15.13 -1.21
N PHE A 35 -2.63 14.62 -0.25
CA PHE A 35 -1.24 14.17 -0.53
C PHE A 35 -1.25 12.98 -1.49
N LEU A 36 -2.15 12.06 -1.30
CA LEU A 36 -2.23 10.88 -2.20
C LEU A 36 -2.73 11.32 -3.58
N LYS A 37 -3.63 12.28 -3.60
CA LYS A 37 -4.16 12.77 -4.90
C LYS A 37 -3.03 13.42 -5.72
N GLU A 38 -2.04 13.94 -5.04
CA GLU A 38 -0.90 14.58 -5.76
C GLU A 38 -0.05 13.52 -6.46
N GLN A 39 0.30 12.48 -5.75
CA GLN A 39 1.13 11.41 -6.38
C GLN A 39 0.30 10.63 -7.40
N ILE A 40 -0.96 10.42 -7.12
CA ILE A 40 -1.83 9.68 -8.08
C ILE A 40 -1.92 10.44 -9.41
N LYS A 41 -2.03 11.73 -9.35
CA LYS A 41 -2.14 12.53 -10.61
C LYS A 41 -0.74 12.96 -11.09
N LEU A 42 0.16 13.20 -10.16
CA LEU A 42 1.53 13.65 -10.54
C LEU A 42 1.97 13.03 -11.88
N ASP A 43 2.33 11.78 -11.87
CA ASP A 43 2.76 11.14 -13.15
C ASP A 43 2.20 9.71 -13.25
N GLU A 44 1.10 9.55 -13.92
CA GLU A 44 0.49 8.19 -14.07
C GLU A 44 -0.16 7.73 -12.76
N GLY A 45 0.31 8.20 -11.64
CA GLY A 45 -0.28 7.78 -10.35
C GLY A 45 0.65 6.77 -9.67
N TRP A 46 1.55 6.19 -10.40
CA TRP A 46 2.49 5.20 -9.78
C TRP A 46 3.27 5.84 -8.64
N VAL A 47 2.92 5.52 -7.42
CA VAL A 47 3.66 6.10 -6.27
C VAL A 47 4.62 5.04 -5.70
N PRO A 48 5.76 5.48 -5.26
CA PRO A 48 6.76 4.54 -4.71
C PRO A 48 6.56 4.38 -3.21
N LEU A 49 6.77 3.22 -2.71
CA LEU A 49 6.58 2.99 -1.24
C LEU A 49 7.40 4.01 -0.44
N GLU A 50 8.10 4.89 -1.12
CA GLU A 50 8.87 5.94 -0.41
C GLU A 50 7.91 6.78 0.40
N ILE A 51 6.84 7.17 -0.24
CA ILE A 51 5.80 7.99 0.44
C ILE A 51 5.19 7.20 1.58
N MET A 52 4.92 5.95 1.35
CA MET A 52 4.31 5.09 2.40
C MET A 52 5.35 4.67 3.45
N ILE A 53 6.53 4.27 3.01
CA ILE A 53 7.55 3.81 3.99
C ILE A 53 7.95 4.94 4.96
N LYS A 54 8.05 6.16 4.50
CA LYS A 54 8.41 7.25 5.44
C LYS A 54 7.20 7.67 6.27
N PHE A 55 6.03 7.49 5.73
CA PHE A 55 4.80 7.86 6.49
C PHE A 55 4.81 7.18 7.86
N ASN A 56 4.52 7.93 8.90
CA ASN A 56 4.53 7.32 10.27
C ASN A 56 3.57 6.13 10.33
N ARG A 57 2.62 6.07 9.44
CA ARG A 57 1.65 4.94 9.45
C ARG A 57 2.36 3.64 9.05
N LEU A 58 3.35 3.71 8.22
CA LEU A 58 4.07 2.47 7.80
C LEU A 58 5.50 2.46 8.36
N ASN A 59 6.13 3.59 8.43
CA ASN A 59 7.52 3.63 8.97
C ASN A 59 7.56 3.03 10.37
N ARG A 60 6.45 2.99 11.05
CA ARG A 60 6.43 2.41 12.43
C ARG A 60 6.77 0.92 12.37
N LEU A 61 6.85 0.34 11.20
CA LEU A 61 7.18 -1.11 11.10
C LEU A 61 8.10 -1.36 9.89
N THR A 62 8.07 -2.54 9.34
CA THR A 62 8.94 -2.85 8.17
C THR A 62 8.93 -1.68 7.18
N THR A 63 10.08 -1.26 6.72
CA THR A 63 10.13 -0.13 5.76
C THR A 63 11.07 -0.47 4.59
N ASP A 64 11.74 -1.59 4.66
CA ASP A 64 12.66 -1.96 3.55
C ASP A 64 11.86 -2.13 2.26
N PHE A 65 12.02 -1.23 1.33
CA PHE A 65 11.26 -1.33 0.05
C PHE A 65 11.12 -2.79 -0.38
N ASN A 66 12.16 -3.56 -0.25
CA ASN A 66 12.07 -4.99 -0.66
C ASN A 66 11.19 -5.78 0.31
N VAL A 67 11.36 -5.56 1.59
CA VAL A 67 10.51 -6.29 2.59
C VAL A 67 9.07 -5.77 2.55
N ILE A 68 8.91 -4.47 2.52
CA ILE A 68 7.55 -3.88 2.49
C ILE A 68 6.83 -4.24 1.19
N VAL A 69 7.51 -4.09 0.09
CA VAL A 69 6.88 -4.40 -1.22
C VAL A 69 6.61 -5.91 -1.33
N GLU A 70 7.46 -6.72 -0.77
CA GLU A 70 7.24 -8.19 -0.84
C GLU A 70 5.88 -8.54 -0.23
N ALA A 71 5.47 -7.83 0.79
CA ALA A 71 4.16 -8.11 1.42
C ALA A 71 3.03 -7.75 0.44
N LEU A 72 3.17 -6.64 -0.23
CA LEU A 72 2.10 -6.23 -1.19
C LEU A 72 1.98 -7.27 -2.31
N SER A 73 3.06 -7.87 -2.70
CA SER A 73 3.00 -8.90 -3.77
C SER A 73 1.94 -9.95 -3.46
N LYS A 74 1.72 -10.21 -2.20
CA LYS A 74 0.69 -11.23 -1.82
C LYS A 74 -0.67 -10.56 -1.61
N SER A 75 -0.67 -9.27 -1.37
CA SER A 75 -1.95 -8.55 -1.12
C SER A 75 -2.92 -8.75 -2.30
N LYS A 76 -4.19 -8.61 -2.04
CA LYS A 76 -5.20 -8.78 -3.11
C LYS A 76 -6.48 -8.02 -2.76
N ALA A 77 -6.37 -6.77 -2.42
CA ALA A 77 -7.57 -5.97 -2.06
C ALA A 77 -8.14 -5.31 -3.29
N GLU A 78 -7.73 -5.76 -4.42
CA GLU A 78 -8.22 -5.18 -5.70
C GLU A 78 -8.19 -3.66 -5.61
N LEU A 79 -8.70 -2.97 -6.60
CA LEU A 79 -8.69 -1.48 -6.54
C LEU A 79 -7.25 -0.95 -6.50
N MET A 80 -6.28 -1.83 -6.44
CA MET A 80 -4.86 -1.35 -6.39
C MET A 80 -4.01 -2.11 -7.41
N GLU A 81 -2.93 -1.54 -7.84
CA GLU A 81 -2.05 -2.23 -8.82
C GLU A 81 -0.58 -1.88 -8.56
N ILE A 82 0.28 -2.85 -8.57
CA ILE A 82 1.72 -2.57 -8.33
C ILE A 82 2.53 -2.87 -9.59
N SER A 83 3.54 -2.08 -9.86
CA SER A 83 4.37 -2.32 -11.08
C SER A 83 4.98 -3.72 -11.04
N GLU A 84 5.68 -4.10 -12.07
CA GLU A 84 6.30 -5.46 -12.10
C GLU A 84 7.63 -5.46 -11.34
N ASP A 85 8.17 -4.32 -11.04
CA ASP A 85 9.48 -4.29 -10.32
C ASP A 85 9.27 -4.45 -8.81
N LYS A 86 8.06 -4.30 -8.35
CA LYS A 86 7.80 -4.43 -6.88
C LYS A 86 8.44 -3.27 -6.11
N THR A 87 8.11 -2.06 -6.48
CA THR A 87 8.71 -0.88 -5.77
C THR A 87 7.79 0.34 -5.91
N LYS A 88 6.56 0.13 -6.28
CA LYS A 88 5.62 1.28 -6.45
C LYS A 88 4.17 0.78 -6.43
N ILE A 89 3.24 1.63 -6.11
CA ILE A 89 1.81 1.22 -6.09
C ILE A 89 0.97 2.25 -6.85
N ARG A 90 -0.18 1.86 -7.33
CA ARG A 90 -1.01 2.84 -8.10
C ARG A 90 -2.50 2.52 -7.95
N ARG A 91 -3.35 3.49 -8.14
CA ARG A 91 -4.82 3.25 -8.04
C ARG A 91 -5.35 2.78 -9.39
N SER A 92 -6.20 1.79 -9.40
CA SER A 92 -6.74 1.29 -10.70
C SER A 92 -7.59 2.38 -11.37
N PRO A 93 -7.06 2.94 -12.41
CA PRO A 93 -7.78 4.00 -13.15
C PRO A 93 -9.04 3.41 -13.77
N SER A 94 -9.06 2.12 -13.93
CA SER A 94 -10.25 1.45 -14.52
C SER A 94 -11.35 1.34 -13.46
N LYS A 95 -11.05 1.68 -12.23
CA LYS A 95 -12.10 1.61 -11.17
C LYS A 95 -12.36 3.00 -10.60
N PRO A 96 -13.60 3.41 -10.66
CA PRO A 96 -13.98 4.74 -10.14
C PRO A 96 -13.95 4.77 -8.62
N LEU A 97 -13.65 5.90 -8.05
CA LEU A 97 -13.64 6.03 -6.57
C LEU A 97 -14.61 7.13 -6.17
N PRO A 98 -15.59 6.72 -5.44
CA PRO A 98 -16.64 7.65 -5.00
C PRO A 98 -16.33 8.24 -3.62
N GLU A 99 -16.90 9.37 -3.33
CA GLU A 99 -16.64 10.01 -2.01
C GLU A 99 -17.95 10.08 -1.21
N VAL A 100 -18.13 9.20 -0.26
CA VAL A 100 -19.37 9.23 0.55
C VAL A 100 -19.21 10.16 1.76
N THR A 101 -20.16 11.01 2.00
CA THR A 101 -20.06 11.95 3.15
C THR A 101 -21.11 11.60 4.22
N ASP A 102 -20.71 11.57 5.46
CA ASP A 102 -21.69 11.23 6.53
C ASP A 102 -22.73 12.33 6.68
N GLU A 103 -23.97 11.98 6.87
CA GLU A 103 -25.03 13.01 7.02
C GLU A 103 -26.10 12.54 8.02
#